data_2J9D
#
_entry.id   2J9D
#
_cell.length_a   96.600
_cell.length_b   107.030
_cell.length_c   134.340
_cell.angle_alpha   90.00
_cell.angle_beta   90.00
_cell.angle_gamma   90.00
#
_symmetry.space_group_name_H-M   'P 21 21 21'
#
loop_
_entity.id
_entity.type
_entity.pdbx_description
1 polymer 'HYPOTHETICAL NITROGEN REGULATORY PII-LIKE PROTEIN MJ0059'
2 polymer 'HYPOTHETICAL NITROGEN REGULATORY PII-LIKE PROTEIN MJ0059'
3 non-polymer 'ACETATE ION'
4 non-polymer "ADENOSINE-5'-DIPHOSPHATE"
5 non-polymer 'ADENOSINE MONOPHOSPHATE'
6 non-polymer 'CHLORIDE ION'
7 water water
#
loop_
_entity_poly.entity_id
_entity_poly.type
_entity_poly.pdbx_seq_one_letter_code
_entity_poly.pdbx_strand_id
1 'polypeptide(L)'
;GSMKKVEAIIRPEKLEIVKKALSDAGYVGMTVSEVKGRGVQGGIVERYRGREYIVDLIPKVKIELVVKEEDVDNVIDIIC
ENARTGNPGDGKIFVIPVERVVRVRTKEEGKEALLEHHH
;
A,B,C,D,F,G,H,I,J,K,L
2 'polypeptide(L)'
;GSMKKVEAIIRPEKLEIVKKALSDAGYVGMTVSEVKGRGVQGGIVERYRGREYIVDLIPKVKIELVVKEEDVDNVIDIIC
ENARTGNPGDGKIFVIPVERVVRVRTKEEGKEALEEHHH
;
E
#
# COMPACT_ATOMS: atom_id res chain seq x y z
N GLY A 1 -30.82 2.62 59.35
CA GLY A 1 -30.61 4.02 59.84
C GLY A 1 -30.06 4.87 58.71
N SER A 2 -28.82 5.30 58.85
CA SER A 2 -28.21 6.23 57.94
C SER A 2 -27.25 5.57 56.95
N MET A 3 -26.81 6.38 55.98
CA MET A 3 -25.91 5.97 54.92
C MET A 3 -24.62 6.76 55.08
N LYS A 4 -23.51 6.16 54.70
CA LYS A 4 -22.20 6.78 54.74
C LYS A 4 -21.45 6.53 53.45
N LYS A 5 -20.68 7.51 53.01
CA LYS A 5 -19.73 7.31 51.92
C LYS A 5 -18.35 6.99 52.47
N VAL A 6 -17.85 5.84 52.07
CA VAL A 6 -16.50 5.42 52.38
C VAL A 6 -15.63 5.68 51.16
N GLU A 7 -14.66 6.58 51.33
CA GLU A 7 -13.70 6.95 50.30
C GLU A 7 -12.34 6.44 50.69
N ALA A 8 -11.70 5.71 49.78
CA ALA A 8 -10.33 5.23 50.02
C ALA A 8 -9.45 5.68 48.89
N ILE A 9 -8.30 6.27 49.25
CA ILE A 9 -7.27 6.58 48.28
C ILE A 9 -6.17 5.52 48.43
N ILE A 10 -5.97 4.69 47.41
CA ILE A 10 -5.05 3.57 47.48
C ILE A 10 -4.11 3.51 46.28
N ARG A 11 -3.16 2.58 46.36
CA ARG A 11 -2.21 2.35 45.29
C ARG A 11 -2.93 1.76 44.08
N PRO A 12 -2.63 2.24 42.86
CA PRO A 12 -3.36 1.73 41.70
C PRO A 12 -3.24 0.22 41.50
N GLU A 13 -2.10 -0.35 41.89
CA GLU A 13 -1.89 -1.79 41.74
C GLU A 13 -2.67 -2.62 42.74
N LYS A 14 -3.32 -1.96 43.71
CA LYS A 14 -4.16 -2.64 44.67
C LYS A 14 -5.64 -2.61 44.33
N LEU A 15 -6.02 -1.93 43.25
CA LEU A 15 -7.44 -1.77 42.90
C LEU A 15 -8.16 -3.10 42.68
N GLU A 16 -7.52 -3.99 41.89
CA GLU A 16 -8.15 -5.25 41.53
C GLU A 16 -8.43 -6.10 42.75
N ILE A 17 -7.44 -6.24 43.62
CA ILE A 17 -7.62 -7.09 44.79
C ILE A 17 -8.67 -6.51 45.74
N VAL A 18 -8.61 -5.20 45.96
CA VAL A 18 -9.62 -4.56 46.83
C VAL A 18 -11.02 -4.72 46.29
N LYS A 19 -11.17 -4.46 45.00
CA LYS A 19 -12.46 -4.57 44.32
C LYS A 19 -13.01 -5.98 44.42
N LYS A 20 -12.16 -6.97 44.24
CA LYS A 20 -12.58 -8.37 44.33
C LYS A 20 -12.98 -8.74 45.77
N ALA A 21 -12.16 -8.36 46.74
CA ALA A 21 -12.50 -8.59 48.15
C ALA A 21 -13.84 -7.89 48.54
N LEU A 22 -14.03 -6.65 48.11
CA LEU A 22 -15.30 -5.96 48.41
C LEU A 22 -16.48 -6.67 47.75
N SER A 23 -16.28 -7.08 46.51
CA SER A 23 -17.29 -7.84 45.75
C SER A 23 -17.68 -9.15 46.39
N ASP A 24 -16.69 -9.91 46.83
CA ASP A 24 -16.94 -11.19 47.53
C ASP A 24 -17.72 -11.01 48.82
N ALA A 25 -17.56 -9.85 49.49
CA ALA A 25 -18.28 -9.57 50.73
C ALA A 25 -19.67 -8.97 50.47
N GLY A 26 -20.02 -8.82 49.20
CA GLY A 26 -21.34 -8.32 48.81
C GLY A 26 -21.42 -6.83 48.50
N TYR A 27 -20.28 -6.14 48.46
CA TYR A 27 -20.25 -4.70 48.12
C TYR A 27 -19.83 -4.55 46.68
N VAL A 28 -20.82 -4.46 45.80
CA VAL A 28 -20.54 -4.41 44.36
C VAL A 28 -20.68 -3.01 43.77
N GLY A 29 -21.44 -2.14 44.44
CA GLY A 29 -21.58 -0.78 43.96
C GLY A 29 -20.43 0.07 44.44
N MET A 30 -19.49 0.36 43.56
CA MET A 30 -18.41 1.28 43.87
C MET A 30 -18.15 2.14 42.67
N THR A 31 -17.62 3.33 42.94
CA THR A 31 -17.18 4.27 41.94
C THR A 31 -15.66 4.42 42.06
N VAL A 32 -14.96 4.39 40.93
CA VAL A 32 -13.52 4.51 40.91
C VAL A 32 -13.08 5.70 40.08
N SER A 33 -12.14 6.49 40.61
CA SER A 33 -11.52 7.61 39.89
C SER A 33 -9.98 7.60 39.97
N GLU A 34 -9.35 8.08 38.91
CA GLU A 34 -7.90 8.20 38.85
C GLU A 34 -7.52 9.57 39.37
N VAL A 35 -6.74 9.60 40.43
CA VAL A 35 -6.32 10.85 41.06
C VAL A 35 -4.81 10.84 41.21
N LYS A 36 -4.29 11.92 41.77
CA LYS A 36 -2.90 11.99 42.11
C LYS A 36 -2.74 12.42 43.56
N GLY A 37 -1.72 11.87 44.22
CA GLY A 37 -1.37 12.29 45.56
C GLY A 37 0.12 12.15 45.77
N ARG A 38 0.54 12.14 47.03
CA ARG A 38 1.95 12.16 47.38
C ARG A 38 2.58 10.78 47.35
N GLY A 39 3.86 10.66 46.98
CA GLY A 39 4.79 11.78 46.86
C GLY A 39 5.60 11.95 48.14
N VAL A 55 8.68 16.06 39.38
CA VAL A 55 7.69 15.01 39.64
C VAL A 55 7.45 14.85 41.16
N ASP A 56 6.26 15.26 41.60
CA ASP A 56 5.91 15.33 43.04
C ASP A 56 4.68 14.48 43.36
N LEU A 57 3.63 14.66 42.56
CA LEU A 57 2.38 13.91 42.68
C LEU A 57 2.44 12.62 41.88
N ILE A 58 2.07 11.51 42.51
CA ILE A 58 2.05 10.20 41.84
C ILE A 58 0.62 9.65 41.73
N PRO A 59 0.39 8.75 40.77
CA PRO A 59 -0.94 8.23 40.52
C PRO A 59 -1.48 7.39 41.69
N LYS A 60 -2.75 7.63 42.03
CA LYS A 60 -3.48 6.87 43.02
C LYS A 60 -4.89 6.62 42.47
N VAL A 61 -5.60 5.73 43.13
CA VAL A 61 -6.97 5.42 42.78
C VAL A 61 -7.87 5.77 43.97
N LYS A 62 -8.96 6.49 43.69
CA LYS A 62 -9.95 6.77 44.69
C LYS A 62 -11.13 5.85 44.48
N ILE A 63 -11.45 5.08 45.52
CA ILE A 63 -12.66 4.26 45.52
C ILE A 63 -13.68 4.95 46.42
N GLU A 64 -14.92 5.02 45.96
CA GLU A 64 -16.02 5.55 46.75
C GLU A 64 -17.17 4.54 46.79
N LEU A 65 -17.58 4.16 48.00
CA LEU A 65 -18.76 3.32 48.17
C LEU A 65 -19.68 3.88 49.23
N VAL A 66 -20.96 3.94 48.87
CA VAL A 66 -21.98 4.39 49.79
C VAL A 66 -22.69 3.17 50.33
N VAL A 67 -22.66 3.03 51.66
CA VAL A 67 -23.20 1.88 52.35
C VAL A 67 -24.02 2.28 53.58
N LYS A 68 -24.78 1.34 54.09
CA LYS A 68 -25.42 1.48 55.38
C LYS A 68 -24.36 1.70 56.44
N GLU A 69 -24.68 2.54 57.41
CA GLU A 69 -23.77 2.86 58.52
C GLU A 69 -23.21 1.61 59.18
N GLU A 70 -24.05 0.60 59.33
CA GLU A 70 -23.69 -0.65 59.99
C GLU A 70 -22.60 -1.43 59.26
N ASP A 71 -22.43 -1.14 57.97
CA ASP A 71 -21.43 -1.86 57.16
C ASP A 71 -20.08 -1.15 57.06
N VAL A 72 -19.99 0.06 57.60
CA VAL A 72 -18.78 0.87 57.45
C VAL A 72 -17.55 0.15 58.01
N ASP A 73 -17.62 -0.35 59.23
CA ASP A 73 -16.44 -0.99 59.85
C ASP A 73 -15.94 -2.16 59.01
N ASN A 74 -16.87 -2.99 58.52
CA ASN A 74 -16.52 -4.12 57.65
C ASN A 74 -15.88 -3.71 56.34
N VAL A 75 -16.43 -2.67 55.69
CA VAL A 75 -15.83 -2.15 54.45
C VAL A 75 -14.42 -1.66 54.70
N ILE A 76 -14.24 -0.88 55.77
CA ILE A 76 -12.92 -0.37 56.16
C ILE A 76 -11.93 -1.50 56.41
N ASP A 77 -12.36 -2.53 57.14
CA ASP A 77 -11.52 -3.70 57.40
C ASP A 77 -11.04 -4.34 56.12
N ILE A 78 -11.97 -4.60 55.21
CA ILE A 78 -11.65 -5.25 53.93
C ILE A 78 -10.66 -4.40 53.13
N ILE A 79 -10.90 -3.10 53.05
CA ILE A 79 -10.02 -2.25 52.28
C ILE A 79 -8.61 -2.23 52.87
N CYS A 80 -8.53 -2.06 54.17
CA CYS A 80 -7.23 -2.01 54.85
C CYS A 80 -6.44 -3.30 54.66
N GLU A 81 -7.09 -4.43 54.90
CA GLU A 81 -6.50 -5.76 54.74
C GLU A 81 -5.88 -5.95 53.35
N ASN A 82 -6.65 -5.58 52.33
CA ASN A 82 -6.28 -5.84 50.94
C ASN A 82 -5.49 -4.75 50.23
N ALA A 83 -5.50 -3.53 50.78
CA ALA A 83 -4.76 -2.41 50.18
C ALA A 83 -3.39 -2.17 50.81
N ARG A 84 -3.18 -2.69 52.01
CA ARG A 84 -1.93 -2.45 52.72
C ARG A 84 -0.76 -3.23 52.13
N THR A 85 0.44 -2.66 52.24
CA THR A 85 1.70 -3.30 51.86
C THR A 85 2.73 -3.21 53.00
N GLY A 86 2.49 -2.34 53.97
CA GLY A 86 3.45 -2.08 55.03
C GLY A 86 4.47 -0.99 54.72
N ASN A 87 4.37 -0.36 53.55
CA ASN A 87 5.22 0.79 53.22
C ASN A 87 4.42 2.08 53.26
N PRO A 88 5.10 3.23 53.52
CA PRO A 88 4.45 4.52 53.38
C PRO A 88 3.80 4.71 52.03
N GLY A 89 2.61 5.28 52.02
CA GLY A 89 1.87 5.49 50.76
C GLY A 89 0.75 4.50 50.51
N ASP A 90 0.40 3.71 51.52
CA ASP A 90 -0.70 2.75 51.40
C ASP A 90 -2.06 3.41 51.26
N GLY A 91 -2.18 4.61 51.81
CA GLY A 91 -3.34 5.44 51.63
C GLY A 91 -4.15 5.72 52.89
N LYS A 92 -5.30 6.33 52.67
CA LYS A 92 -6.19 6.78 53.72
C LYS A 92 -7.65 6.56 53.33
N ILE A 93 -8.49 6.37 54.34
CA ILE A 93 -9.91 6.16 54.18
C ILE A 93 -10.62 7.29 54.92
N PHE A 94 -11.63 7.89 54.27
CA PHE A 94 -12.48 8.90 54.87
C PHE A 94 -13.91 8.40 54.86
N VAL A 95 -14.62 8.68 55.95
CA VAL A 95 -16.05 8.39 56.03
C VAL A 95 -16.81 9.71 56.05
N ILE A 96 -17.72 9.86 55.10
CA ILE A 96 -18.48 11.10 54.89
C ILE A 96 -20.01 10.82 55.00
N PRO A 97 -20.76 11.66 55.75
CA PRO A 97 -22.20 11.46 55.82
C PRO A 97 -22.90 11.67 54.48
N VAL A 98 -23.82 10.76 54.17
CA VAL A 98 -24.69 10.88 53.01
C VAL A 98 -26.13 10.97 53.55
N GLU A 99 -26.80 12.07 53.24
CA GLU A 99 -28.11 12.36 53.77
C GLU A 99 -29.24 11.76 52.93
N ARG A 100 -28.97 11.49 51.66
CA ARG A 100 -29.94 10.90 50.76
C ARG A 100 -29.28 10.14 49.62
N VAL A 101 -29.92 9.04 49.25
CA VAL A 101 -29.52 8.25 48.09
C VAL A 101 -30.73 7.97 47.22
N VAL A 102 -30.62 8.29 45.92
CA VAL A 102 -31.71 8.12 44.96
C VAL A 102 -31.23 7.29 43.76
N ARG A 103 -32.00 6.27 43.40
CA ARG A 103 -31.77 5.50 42.19
C ARG A 103 -32.40 6.27 41.01
N VAL A 104 -31.58 6.56 40.01
CA VAL A 104 -32.01 7.41 38.92
C VAL A 104 -33.20 6.84 38.13
N ARG A 105 -33.16 5.55 37.81
CA ARG A 105 -34.16 4.97 36.93
C ARG A 105 -35.55 4.89 37.58
N THR A 106 -35.58 4.51 38.86
CA THR A 106 -36.81 4.19 39.55
C THR A 106 -37.26 5.30 40.50
N LYS A 107 -36.35 6.24 40.78
CA LYS A 107 -36.52 7.25 41.83
C LYS A 107 -36.72 6.71 43.25
N GLU A 108 -36.48 5.42 43.45
CA GLU A 108 -36.40 4.82 44.79
C GLU A 108 -35.33 5.49 45.66
N GLU A 109 -35.54 5.50 46.98
CA GLU A 109 -34.62 6.13 47.91
C GLU A 109 -34.13 5.23 49.01
N GLY A 110 -33.19 5.72 49.81
CA GLY A 110 -32.67 4.97 50.95
C GLY A 110 -32.26 3.54 50.64
N LYS A 111 -32.56 2.61 51.55
CA LYS A 111 -32.03 1.25 51.48
C LYS A 111 -32.44 0.53 50.20
N GLU A 112 -33.63 0.85 49.70
CA GLU A 112 -34.11 0.28 48.45
C GLU A 112 -33.29 0.75 47.25
N ALA A 113 -32.90 2.03 47.25
CA ALA A 113 -32.02 2.56 46.21
C ALA A 113 -30.62 1.93 46.21
N LEU A 114 -30.17 1.39 47.34
CA LEU A 114 -28.80 0.87 47.45
C LEU A 114 -28.58 -0.46 46.79
N LEU A 115 -29.65 -1.25 46.64
CA LEU A 115 -29.48 -2.56 46.04
C LEU A 115 -29.12 -2.42 44.57
N GLU A 116 -28.08 -3.11 44.16
CA GLU A 116 -27.57 -3.01 42.79
C GLU A 116 -28.18 -4.17 42.01
N HIS A 117 -28.58 -3.91 40.77
CA HIS A 117 -29.22 -4.92 39.93
C HIS A 117 -28.53 -5.05 38.57
N GLY B 1 -27.70 29.81 55.35
CA GLY B 1 -28.65 28.66 55.23
C GLY B 1 -27.92 27.32 55.16
N SER B 2 -28.67 26.26 54.87
CA SER B 2 -28.08 24.92 54.68
C SER B 2 -27.73 24.74 53.21
N MET B 3 -26.49 24.29 52.93
CA MET B 3 -26.02 23.93 51.58
C MET B 3 -25.78 22.41 51.44
N LYS B 4 -26.04 21.88 50.26
CA LYS B 4 -25.92 20.47 50.02
C LYS B 4 -25.23 20.23 48.71
N LYS B 5 -24.41 19.18 48.67
CA LYS B 5 -23.85 18.71 47.41
C LYS B 5 -24.68 17.55 46.86
N VAL B 6 -25.15 17.73 45.62
CA VAL B 6 -25.84 16.68 44.88
C VAL B 6 -24.80 16.09 43.96
N GLU B 7 -24.50 14.80 44.16
CA GLU B 7 -23.60 14.04 43.29
C GLU B 7 -24.42 13.03 42.52
N ALA B 8 -24.30 13.02 41.21
CA ALA B 8 -24.93 12.05 40.36
C ALA B 8 -23.89 11.28 39.53
N ILE B 9 -23.99 9.97 39.54
CA ILE B 9 -23.14 9.12 38.69
C ILE B 9 -24.05 8.59 37.61
N ILE B 10 -23.82 9.01 36.37
CA ILE B 10 -24.73 8.72 35.27
C ILE B 10 -23.97 8.19 34.04
N ARG B 11 -24.72 7.76 33.05
CA ARG B 11 -24.16 7.31 31.80
C ARG B 11 -23.50 8.47 31.07
N PRO B 12 -22.28 8.27 30.56
CA PRO B 12 -21.58 9.38 29.89
C PRO B 12 -22.33 10.04 28.72
N GLU B 13 -23.12 9.26 27.98
CA GLU B 13 -23.89 9.78 26.86
C GLU B 13 -25.09 10.64 27.31
N LYS B 14 -25.36 10.67 28.61
CA LYS B 14 -26.45 11.48 29.18
C LYS B 14 -26.00 12.82 29.74
N LEU B 15 -24.69 13.07 29.73
CA LEU B 15 -24.15 14.30 30.31
C LEU B 15 -24.73 15.56 29.63
N GLU B 16 -24.72 15.59 28.31
CA GLU B 16 -25.13 16.78 27.58
C GLU B 16 -26.58 17.17 27.87
N ILE B 17 -27.48 16.19 27.81
CA ILE B 17 -28.91 16.45 28.06
C ILE B 17 -29.15 16.85 29.51
N VAL B 18 -28.50 16.17 30.45
CA VAL B 18 -28.65 16.51 31.85
C VAL B 18 -28.12 17.92 32.15
N LYS B 19 -26.95 18.24 31.62
CA LYS B 19 -26.36 19.55 31.88
C LYS B 19 -27.20 20.70 31.25
N LYS B 20 -27.77 20.44 30.09
CA LYS B 20 -28.71 21.39 29.43
C LYS B 20 -29.96 21.63 30.28
N ALA B 21 -30.60 20.54 30.69
CA ALA B 21 -31.78 20.62 31.54
C ALA B 21 -31.47 21.37 32.84
N LEU B 22 -30.33 21.07 33.45
CA LEU B 22 -29.94 21.76 34.69
C LEU B 22 -29.74 23.25 34.44
N SER B 23 -29.06 23.57 33.35
CA SER B 23 -28.79 24.95 32.97
C SER B 23 -30.09 25.74 32.70
N ASP B 24 -31.01 25.11 31.98
CA ASP B 24 -32.33 25.69 31.69
C ASP B 24 -33.12 26.01 32.96
N ALA B 25 -32.92 25.23 34.01
CA ALA B 25 -33.59 25.46 35.29
C ALA B 25 -32.81 26.42 36.19
N GLY B 26 -31.70 26.95 35.72
CA GLY B 26 -30.94 27.94 36.46
C GLY B 26 -29.76 27.40 37.27
N TYR B 27 -29.45 26.11 37.13
CA TYR B 27 -28.31 25.50 37.83
C TYR B 27 -27.15 25.37 36.87
N VAL B 28 -26.32 26.41 36.82
CA VAL B 28 -25.21 26.49 35.86
C VAL B 28 -23.87 26.05 36.45
N GLY B 29 -23.68 26.21 37.76
CA GLY B 29 -22.45 25.81 38.42
C GLY B 29 -22.47 24.31 38.66
N MET B 30 -21.63 23.58 37.95
CA MET B 30 -21.44 22.15 38.19
C MET B 30 -20.02 21.75 37.91
N THR B 31 -19.59 20.69 38.58
CA THR B 31 -18.28 20.09 38.32
C THR B 31 -18.51 18.70 37.76
N VAL B 32 -17.74 18.35 36.72
CA VAL B 32 -17.92 17.10 36.01
C VAL B 32 -16.59 16.29 35.99
N SER B 33 -16.64 15.02 36.41
CA SER B 33 -15.46 14.14 36.41
C SER B 33 -15.75 12.86 35.70
N GLU B 34 -14.70 12.25 35.15
CA GLU B 34 -14.78 10.95 34.54
C GLU B 34 -14.47 9.95 35.63
N VAL B 35 -15.35 8.97 35.77
CA VAL B 35 -15.14 7.93 36.73
C VAL B 35 -15.44 6.57 36.07
N LYS B 36 -15.29 5.52 36.84
CA LYS B 36 -15.68 4.18 36.42
C LYS B 36 -16.59 3.56 37.48
N GLY B 37 -17.60 2.82 37.02
CA GLY B 37 -18.52 2.09 37.86
C GLY B 37 -18.80 0.71 37.26
N ARG B 38 -19.48 -0.13 38.02
CA ARG B 38 -19.75 -1.48 37.59
C ARG B 38 -20.67 -1.50 36.39
N GLY B 39 -20.47 -2.47 35.51
CA GLY B 39 -21.37 -2.71 34.40
C GLY B 39 -22.63 -3.39 34.88
N VAL B 40 -23.58 -3.61 33.97
CA VAL B 40 -24.86 -4.23 34.32
C VAL B 40 -24.78 -5.74 34.65
N GLN B 41 -23.91 -6.47 33.96
CA GLN B 41 -23.72 -7.91 34.21
C GLN B 41 -24.94 -8.74 33.79
N VAL B 55 -14.12 -9.06 35.96
CA VAL B 55 -15.14 -8.23 35.28
C VAL B 55 -14.83 -6.71 35.40
N ASP B 56 -14.47 -6.09 34.27
CA ASP B 56 -14.05 -4.69 34.25
C ASP B 56 -15.17 -3.70 34.63
N LEU B 57 -14.75 -2.62 35.26
CA LEU B 57 -15.58 -1.43 35.46
C LEU B 57 -15.67 -0.68 34.14
N ILE B 58 -16.72 0.14 33.99
CA ILE B 58 -16.96 0.89 32.76
C ILE B 58 -17.04 2.39 33.04
N PRO B 59 -16.86 3.20 31.98
CA PRO B 59 -16.92 4.63 32.15
C PRO B 59 -18.29 5.17 32.53
N LYS B 60 -18.27 6.08 33.50
CA LYS B 60 -19.44 6.86 33.94
C LYS B 60 -19.00 8.31 34.13
N VAL B 61 -19.97 9.19 34.27
CA VAL B 61 -19.70 10.59 34.55
C VAL B 61 -20.25 10.93 35.93
N LYS B 62 -19.44 11.65 36.71
CA LYS B 62 -19.89 12.19 38.00
C LYS B 62 -20.16 13.67 37.85
N ILE B 63 -21.40 14.07 38.13
CA ILE B 63 -21.75 15.46 38.18
C ILE B 63 -21.92 15.86 39.64
N GLU B 64 -21.28 16.95 40.03
CA GLU B 64 -21.39 17.48 41.39
C GLU B 64 -21.93 18.91 41.32
N LEU B 65 -23.02 19.16 42.05
CA LEU B 65 -23.62 20.49 42.15
C LEU B 65 -23.90 20.82 43.59
N VAL B 66 -23.41 21.96 44.05
CA VAL B 66 -23.70 22.45 45.38
C VAL B 66 -24.80 23.48 45.30
N VAL B 67 -25.89 23.22 46.02
CA VAL B 67 -27.05 24.06 45.96
C VAL B 67 -27.59 24.30 47.34
N LYS B 68 -28.48 25.29 47.43
CA LYS B 68 -29.34 25.48 48.60
C LYS B 68 -30.13 24.23 48.88
N GLU B 69 -30.30 23.89 50.16
CA GLU B 69 -31.08 22.70 50.52
C GLU B 69 -32.47 22.70 49.89
N GLU B 70 -33.12 23.86 49.78
CA GLU B 70 -34.48 23.97 49.20
C GLU B 70 -34.54 23.56 47.72
N ASP B 71 -33.39 23.59 47.03
CA ASP B 71 -33.33 23.25 45.62
C ASP B 71 -33.00 21.77 45.32
N VAL B 72 -32.68 21.00 46.34
CA VAL B 72 -32.23 19.60 46.17
C VAL B 72 -33.29 18.75 45.45
N ASP B 73 -34.54 18.81 45.90
CA ASP B 73 -35.61 18.00 45.27
C ASP B 73 -35.75 18.28 43.79
N ASN B 74 -35.72 19.56 43.44
CA ASN B 74 -35.80 19.97 42.04
C ASN B 74 -34.61 19.45 41.20
N VAL B 75 -33.41 19.61 41.74
CA VAL B 75 -32.18 19.15 41.06
C VAL B 75 -32.26 17.63 40.82
N ILE B 76 -32.66 16.90 41.84
CA ILE B 76 -32.82 15.44 41.75
C ILE B 76 -33.86 15.06 40.69
N ASP B 77 -34.99 15.77 40.68
CA ASP B 77 -36.06 15.49 39.68
C ASP B 77 -35.54 15.68 38.26
N ILE B 78 -34.86 16.80 38.02
CA ILE B 78 -34.31 17.12 36.70
C ILE B 78 -33.30 16.05 36.25
N ILE B 79 -32.40 15.67 37.16
CA ILE B 79 -31.38 14.68 36.82
C ILE B 79 -32.02 13.33 36.50
N CYS B 80 -32.93 12.89 37.34
CA CYS B 80 -33.59 11.60 37.12
C CYS B 80 -34.34 11.58 35.79
N GLU B 81 -35.11 12.62 35.52
CA GLU B 81 -35.90 12.69 34.29
C GLU B 81 -35.03 12.60 33.03
N ASN B 82 -33.93 13.32 33.06
CA ASN B 82 -33.05 13.44 31.88
C ASN B 82 -31.95 12.41 31.77
N ALA B 83 -31.59 11.75 32.87
CA ALA B 83 -30.53 10.73 32.87
C ALA B 83 -31.05 9.31 32.68
N ARG B 84 -32.33 9.10 32.96
CA ARG B 84 -32.92 7.77 32.89
C ARG B 84 -33.05 7.25 31.48
N THR B 85 -32.97 5.93 31.33
CA THR B 85 -33.27 5.24 30.08
C THR B 85 -34.24 4.08 30.27
N GLY B 86 -34.44 3.63 31.51
CA GLY B 86 -35.28 2.46 31.75
C GLY B 86 -34.54 1.15 31.82
N ASN B 87 -33.23 1.17 31.57
CA ASN B 87 -32.39 0.00 31.66
C ASN B 87 -31.50 0.11 32.89
N PRO B 88 -31.18 -1.04 33.54
CA PRO B 88 -30.17 -1.11 34.61
C PRO B 88 -28.89 -0.38 34.23
N GLY B 89 -28.32 0.36 35.17
CA GLY B 89 -27.12 1.15 34.93
C GLY B 89 -27.37 2.62 34.68
N ASP B 90 -28.56 3.10 34.99
CA ASP B 90 -28.89 4.54 34.83
C ASP B 90 -28.19 5.41 35.87
N GLY B 91 -27.80 4.82 37.00
CA GLY B 91 -26.99 5.50 37.99
C GLY B 91 -27.70 5.81 39.29
N LYS B 92 -27.00 6.59 40.11
CA LYS B 92 -27.45 6.92 41.45
C LYS B 92 -27.07 8.34 41.78
N ILE B 93 -27.83 8.93 42.71
CA ILE B 93 -27.60 10.29 43.20
C ILE B 93 -27.42 10.21 44.71
N PHE B 94 -26.44 10.96 45.21
CA PHE B 94 -26.18 11.10 46.63
C PHE B 94 -26.27 12.57 47.03
N VAL B 95 -26.80 12.80 48.22
CA VAL B 95 -26.79 14.14 48.80
C VAL B 95 -25.89 14.15 50.01
N ILE B 96 -24.94 15.07 50.00
CA ILE B 96 -23.92 15.19 51.00
C ILE B 96 -23.95 16.59 51.62
N PRO B 97 -23.90 16.69 52.96
CA PRO B 97 -23.87 18.03 53.56
C PRO B 97 -22.63 18.84 53.21
N VAL B 98 -22.82 20.11 52.93
CA VAL B 98 -21.69 21.04 52.79
C VAL B 98 -21.84 22.10 53.89
N GLU B 99 -20.82 22.23 54.72
CA GLU B 99 -20.91 23.12 55.89
C GLU B 99 -20.47 24.56 55.55
N ARG B 100 -19.71 24.71 54.47
CA ARG B 100 -19.20 26.01 54.05
C ARG B 100 -18.89 26.06 52.59
N VAL B 101 -19.25 27.16 51.95
CA VAL B 101 -18.92 27.42 50.54
C VAL B 101 -18.23 28.78 50.48
N VAL B 102 -17.07 28.85 49.83
CA VAL B 102 -16.27 30.09 49.69
C VAL B 102 -15.93 30.33 48.22
N ARG B 103 -16.25 31.51 47.71
CA ARG B 103 -15.81 31.92 46.37
C ARG B 103 -14.37 32.39 46.42
N VAL B 104 -13.53 31.85 45.53
CA VAL B 104 -12.09 32.08 45.59
C VAL B 104 -11.76 33.55 45.40
N ARG B 105 -12.27 34.15 44.33
CA ARG B 105 -11.84 35.50 43.95
C ARG B 105 -12.28 36.65 44.84
N THR B 106 -13.37 36.44 45.61
CA THR B 106 -13.88 37.46 46.53
C THR B 106 -13.89 37.02 47.99
N LYS B 107 -13.62 35.75 48.27
CA LYS B 107 -13.74 35.19 49.63
C LYS B 107 -15.17 35.26 50.23
N GLU B 108 -16.14 35.64 49.41
CA GLU B 108 -17.57 35.56 49.77
C GLU B 108 -17.95 34.16 50.19
N GLU B 109 -18.99 34.05 51.01
CA GLU B 109 -19.45 32.77 51.56
C GLU B 109 -20.97 32.62 51.56
N GLY B 110 -21.43 31.40 51.82
CA GLY B 110 -22.86 31.09 51.82
C GLY B 110 -23.40 31.15 50.40
N LYS B 111 -24.70 31.42 50.28
CA LYS B 111 -25.39 31.44 48.98
C LYS B 111 -24.83 32.47 48.03
N GLU B 112 -24.30 33.56 48.57
CA GLU B 112 -23.67 34.61 47.76
C GLU B 112 -22.58 34.01 46.89
N ALA B 113 -21.81 33.09 47.47
CA ALA B 113 -20.70 32.41 46.79
C ALA B 113 -21.14 31.58 45.58
N LEU B 114 -22.42 31.20 45.53
CA LEU B 114 -22.97 30.40 44.43
C LEU B 114 -23.40 31.24 43.21
N LEU B 115 -23.82 32.49 43.42
CA LEU B 115 -24.54 33.24 42.38
C LEU B 115 -23.62 34.03 41.42
N GLU B 116 -23.76 35.35 41.36
CA GLU B 116 -23.17 36.18 40.29
C GLU B 116 -23.46 35.62 38.90
N GLY C 1 -10.05 16.68 67.93
CA GLY C 1 -11.28 17.37 67.42
C GLY C 1 -11.81 16.74 66.14
N SER C 2 -12.57 17.52 65.36
CA SER C 2 -13.23 17.03 64.15
C SER C 2 -12.35 17.21 62.93
N MET C 3 -12.60 16.38 61.91
CA MET C 3 -11.90 16.46 60.65
C MET C 3 -12.85 17.03 59.61
N LYS C 4 -12.31 17.81 58.67
CA LYS C 4 -13.10 18.41 57.58
C LYS C 4 -12.37 18.17 56.28
N LYS C 5 -13.14 17.92 55.21
CA LYS C 5 -12.59 17.90 53.88
C LYS C 5 -12.75 19.25 53.21
N VAL C 6 -11.62 19.83 52.80
CA VAL C 6 -11.61 21.06 52.02
C VAL C 6 -11.42 20.65 50.59
N GLU C 7 -12.41 20.94 49.76
CA GLU C 7 -12.34 20.71 48.33
C GLU C 7 -12.26 22.04 47.63
N ALA C 8 -11.29 22.22 46.73
CA ALA C 8 -11.16 23.43 45.92
C ALA C 8 -11.15 23.04 44.44
N ILE C 9 -12.00 23.70 43.66
CA ILE C 9 -11.96 23.59 42.20
C ILE C 9 -11.34 24.87 41.68
N ILE C 10 -10.16 24.73 41.07
CA ILE C 10 -9.35 25.90 40.67
C ILE C 10 -8.88 25.77 39.23
N ARG C 11 -8.26 26.83 38.73
CA ARG C 11 -7.69 26.82 37.37
C ARG C 11 -6.50 25.88 37.31
N PRO C 12 -6.37 25.09 36.23
CA PRO C 12 -5.25 24.13 36.20
C PRO C 12 -3.86 24.80 36.32
N GLU C 13 -3.74 26.00 35.79
CA GLU C 13 -2.46 26.72 35.84
C GLU C 13 -2.11 27.26 37.24
N LYS C 14 -3.05 27.14 38.19
CA LYS C 14 -2.77 27.54 39.58
C LYS C 14 -2.40 26.37 40.48
N LEU C 15 -2.45 25.14 39.97
CA LEU C 15 -2.20 23.98 40.81
C LEU C 15 -0.82 24.05 41.48
N GLU C 16 0.21 24.34 40.70
CA GLU C 16 1.58 24.26 41.23
C GLU C 16 1.83 25.28 42.33
N ILE C 17 1.36 26.49 42.13
CA ILE C 17 1.51 27.53 43.14
C ILE C 17 0.71 27.22 44.41
N VAL C 18 -0.53 26.81 44.24
CA VAL C 18 -1.38 26.45 45.37
C VAL C 18 -0.78 25.29 46.17
N LYS C 19 -0.33 24.26 45.48
CA LYS C 19 0.24 23.08 46.11
C LYS C 19 1.52 23.40 46.89
N LYS C 20 2.36 24.28 46.32
CA LYS C 20 3.57 24.75 46.99
C LYS C 20 3.25 25.52 48.26
N ALA C 21 2.38 26.52 48.12
CA ALA C 21 1.93 27.32 49.27
C ALA C 21 1.34 26.43 50.40
N LEU C 22 0.52 25.44 50.01
CA LEU C 22 -0.07 24.54 51.00
C LEU C 22 1.02 23.74 51.69
N SER C 23 1.96 23.23 50.89
CA SER C 23 3.10 22.46 51.40
C SER C 23 3.97 23.29 52.36
N ASP C 24 4.27 24.53 51.98
CA ASP C 24 5.09 25.41 52.82
C ASP C 24 4.41 25.72 54.16
N ALA C 25 3.09 25.69 54.19
CA ALA C 25 2.33 25.89 55.45
C ALA C 25 2.10 24.58 56.21
N GLY C 26 2.67 23.48 55.73
CA GLY C 26 2.58 22.21 56.45
C GLY C 26 1.48 21.25 56.02
N TYR C 27 0.75 21.60 54.97
CA TYR C 27 -0.31 20.72 54.45
C TYR C 27 0.20 19.99 53.23
N VAL C 28 0.74 18.79 53.45
CA VAL C 28 1.35 18.02 52.37
C VAL C 28 0.43 16.91 51.83
N GLY C 29 -0.50 16.44 52.65
CA GLY C 29 -1.41 15.38 52.20
C GLY C 29 -2.55 15.98 51.42
N MET C 30 -2.54 15.84 50.10
CA MET C 30 -3.64 16.31 49.27
C MET C 30 -3.84 15.36 48.12
N THR C 31 -5.06 15.31 47.62
CA THR C 31 -5.42 14.51 46.46
C THR C 31 -5.84 15.45 45.36
N VAL C 32 -5.35 15.20 44.15
CA VAL C 32 -5.61 16.07 43.01
C VAL C 32 -6.26 15.29 41.86
N SER C 33 -7.32 15.83 41.30
CA SER C 33 -7.97 15.20 40.14
C SER C 33 -8.25 16.21 39.06
N GLU C 34 -8.32 15.71 37.83
CA GLU C 34 -8.69 16.52 36.68
C GLU C 34 -10.19 16.41 36.51
N VAL C 35 -10.87 17.56 36.47
CA VAL C 35 -12.32 17.65 36.30
C VAL C 35 -12.60 18.67 35.20
N LYS C 36 -13.89 18.86 34.92
CA LYS C 36 -14.32 19.97 34.04
C LYS C 36 -15.39 20.75 34.76
N GLY C 37 -15.40 22.05 34.57
CA GLY C 37 -16.40 22.85 35.24
C GLY C 37 -16.98 23.89 34.31
N ARG C 38 -18.16 24.36 34.70
CA ARG C 38 -18.66 25.59 34.14
C ARG C 38 -19.16 26.46 35.28
N GLY C 39 -19.08 27.78 35.07
CA GLY C 39 -19.45 28.75 36.07
C GLY C 39 -20.85 29.24 35.83
N VAL C 40 -21.29 30.17 36.67
CA VAL C 40 -22.66 30.67 36.65
C VAL C 40 -23.02 31.30 35.31
N GLN C 41 -22.14 32.18 34.81
CA GLN C 41 -22.46 32.99 33.62
C GLN C 41 -21.65 32.71 32.35
N GLY C 42 -22.36 32.54 31.24
CA GLY C 42 -21.77 32.63 29.91
C GLY C 42 -21.13 31.38 29.34
N GLY C 43 -20.03 30.94 29.97
CA GLY C 43 -19.12 29.94 29.38
C GLY C 43 -18.12 30.69 28.51
N ILE C 44 -16.95 30.11 28.27
CA ILE C 44 -15.91 30.82 27.51
C ILE C 44 -16.27 30.96 26.02
N VAL C 45 -15.92 32.11 25.44
CA VAL C 45 -16.23 32.41 24.04
C VAL C 45 -14.94 32.62 23.23
N GLU C 46 -14.65 31.65 22.35
CA GLU C 46 -13.49 31.73 21.44
C GLU C 46 -13.98 32.02 20.01
N ARG C 47 -13.05 32.11 19.06
CA ARG C 47 -13.34 32.49 17.66
C ARG C 47 -12.63 31.58 16.64
N TYR C 48 -13.35 31.09 15.62
CA TYR C 48 -12.74 30.20 14.62
C TYR C 48 -12.18 30.95 13.40
N ARG C 49 -13.05 31.44 12.51
CA ARG C 49 -12.59 32.19 11.33
C ARG C 49 -13.01 33.65 11.37
N GLY C 50 -14.31 33.90 11.44
CA GLY C 50 -14.83 35.25 11.69
C GLY C 50 -15.77 35.33 12.88
N ARG C 51 -16.14 34.17 13.43
CA ARG C 51 -17.28 34.06 14.34
C ARG C 51 -16.93 33.30 15.62
N GLU C 52 -17.84 33.36 16.59
CA GLU C 52 -17.60 32.82 17.91
C GLU C 52 -18.31 31.49 18.15
N TYR C 53 -17.71 30.65 18.97
CA TYR C 53 -18.30 29.39 19.42
C TYR C 53 -18.01 29.22 20.90
N ILE C 54 -18.87 28.50 21.61
CA ILE C 54 -18.78 28.39 23.07
C ILE C 54 -18.33 27.00 23.49
N VAL C 55 -17.36 26.93 24.40
CA VAL C 55 -17.01 25.68 25.09
C VAL C 55 -17.56 25.78 26.50
N ASP C 56 -18.53 24.93 26.80
CA ASP C 56 -19.30 24.99 28.04
C ASP C 56 -18.48 24.50 29.24
N LEU C 57 -17.95 23.28 29.11
CA LEU C 57 -17.12 22.67 30.15
C LEU C 57 -15.67 22.89 29.79
N ILE C 58 -14.92 23.40 30.75
CA ILE C 58 -13.50 23.64 30.55
C ILE C 58 -12.69 23.00 31.69
N PRO C 59 -11.48 22.53 31.37
CA PRO C 59 -10.68 21.85 32.35
C PRO C 59 -10.45 22.64 33.64
N LYS C 60 -10.60 21.99 34.78
CA LYS C 60 -10.28 22.55 36.07
C LYS C 60 -9.56 21.46 36.85
N VAL C 61 -9.01 21.84 37.99
CA VAL C 61 -8.37 20.87 38.88
C VAL C 61 -9.10 20.90 40.23
N LYS C 62 -9.41 19.72 40.74
CA LYS C 62 -9.99 19.56 42.08
C LYS C 62 -8.88 19.15 43.05
N ILE C 63 -8.70 19.96 44.08
CA ILE C 63 -7.82 19.58 45.17
C ILE C 63 -8.71 19.23 46.35
N GLU C 64 -8.38 18.13 47.01
CA GLU C 64 -9.07 17.70 48.22
C GLU C 64 -8.03 17.51 49.31
N LEU C 65 -8.28 18.11 50.46
CA LEU C 65 -7.41 17.98 51.61
C LEU C 65 -8.31 17.75 52.83
N VAL C 66 -8.01 16.72 53.61
CA VAL C 66 -8.68 16.48 54.88
C VAL C 66 -7.79 16.97 56.02
N VAL C 67 -8.33 17.88 56.83
CA VAL C 67 -7.57 18.56 57.87
C VAL C 67 -8.37 18.64 59.16
N LYS C 68 -7.68 18.94 60.26
CA LYS C 68 -8.32 19.27 61.53
C LYS C 68 -9.17 20.50 61.33
N GLU C 69 -10.36 20.55 61.95
CA GLU C 69 -11.27 21.68 61.82
C GLU C 69 -10.55 23.01 62.08
N GLU C 70 -9.68 23.02 63.06
CA GLU C 70 -8.95 24.25 63.44
C GLU C 70 -8.11 24.81 62.30
N ASP C 71 -7.74 23.97 61.33
CA ASP C 71 -6.89 24.42 60.23
C ASP C 71 -7.64 24.85 58.97
N VAL C 72 -8.97 24.73 58.97
CA VAL C 72 -9.78 25.04 57.80
C VAL C 72 -9.61 26.46 57.33
N ASP C 73 -9.76 27.42 58.22
CA ASP C 73 -9.67 28.84 57.84
C ASP C 73 -8.36 29.15 57.14
N ASN C 74 -7.27 28.61 57.72
CA ASN C 74 -5.93 28.79 57.16
C ASN C 74 -5.78 28.16 55.76
N VAL C 75 -6.28 26.94 55.60
CA VAL C 75 -6.28 26.26 54.30
C VAL C 75 -7.01 27.13 53.27
N ILE C 76 -8.18 27.61 53.64
CA ILE C 76 -9.00 28.41 52.75
C ILE C 76 -8.30 29.71 52.35
N ASP C 77 -7.67 30.37 53.33
CA ASP C 77 -6.91 31.61 53.07
C ASP C 77 -5.81 31.36 52.04
N ILE C 78 -5.01 30.32 52.30
CA ILE C 78 -3.90 30.00 51.41
C ILE C 78 -4.37 29.71 49.99
N ILE C 79 -5.44 28.90 49.87
CA ILE C 79 -5.96 28.55 48.54
C ILE C 79 -6.45 29.78 47.81
N CYS C 80 -7.24 30.59 48.48
CA CYS C 80 -7.78 31.81 47.86
C CYS C 80 -6.67 32.75 47.41
N GLU C 81 -5.71 32.98 48.29
CA GLU C 81 -4.60 33.91 48.01
C GLU C 81 -3.84 33.50 46.76
N ASN C 82 -3.55 32.22 46.66
CA ASN C 82 -2.71 31.70 45.59
C ASN C 82 -3.45 31.23 44.32
N ALA C 83 -4.76 31.02 44.40
CA ALA C 83 -5.54 30.56 43.25
C ALA C 83 -6.27 31.68 42.52
N ARG C 84 -6.41 32.83 43.17
CA ARG C 84 -7.18 33.92 42.60
C ARG C 84 -6.38 34.69 41.54
N THR C 85 -7.12 35.19 40.55
CA THR C 85 -6.59 36.01 39.47
C THR C 85 -7.35 37.34 39.37
N GLY C 86 -8.54 37.39 39.98
CA GLY C 86 -9.43 38.54 39.83
C GLY C 86 -10.44 38.42 38.71
N ASN C 87 -10.31 37.39 37.87
CA ASN C 87 -11.24 37.15 36.78
C ASN C 87 -12.26 36.09 37.15
N PRO C 88 -13.49 36.19 36.59
CA PRO C 88 -14.45 35.09 36.71
C PRO C 88 -13.87 33.72 36.33
N GLY C 89 -14.20 32.72 37.12
CA GLY C 89 -13.69 31.36 36.90
C GLY C 89 -12.51 30.97 37.78
N ASP C 90 -12.26 31.75 38.83
CA ASP C 90 -11.20 31.45 39.79
C ASP C 90 -11.50 30.18 40.60
N GLY C 91 -12.78 29.92 40.80
CA GLY C 91 -13.17 28.69 41.48
C GLY C 91 -13.92 28.86 42.78
N LYS C 92 -14.15 27.72 43.40
CA LYS C 92 -14.93 27.61 44.63
C LYS C 92 -14.28 26.60 45.58
N ILE C 93 -14.52 26.81 46.87
CA ILE C 93 -14.06 25.93 47.91
C ILE C 93 -15.30 25.41 48.67
N PHE C 94 -15.36 24.11 48.92
CA PHE C 94 -16.41 23.52 49.72
C PHE C 94 -15.77 22.87 50.92
N VAL C 95 -16.43 22.99 52.05
CA VAL C 95 -16.03 22.29 53.26
C VAL C 95 -17.08 21.22 53.59
N ILE C 96 -16.61 19.97 53.69
CA ILE C 96 -17.44 18.80 53.85
C ILE C 96 -17.03 18.06 55.12
N PRO C 97 -17.99 17.69 55.99
CA PRO C 97 -17.66 16.96 57.20
C PRO C 97 -17.10 15.57 56.93
N VAL C 98 -16.06 15.20 57.67
CA VAL C 98 -15.50 13.88 57.64
C VAL C 98 -15.69 13.30 59.03
N GLU C 99 -16.36 12.16 59.12
CA GLU C 99 -16.62 11.53 60.41
C GLU C 99 -15.53 10.57 60.89
N ARG C 100 -14.71 10.09 59.97
CA ARG C 100 -13.65 9.16 60.31
C ARG C 100 -12.53 9.21 59.28
N VAL C 101 -11.27 9.14 59.75
CA VAL C 101 -10.08 9.04 58.90
C VAL C 101 -9.31 7.85 59.41
N VAL C 102 -8.93 6.96 58.50
CA VAL C 102 -8.22 5.75 58.81
C VAL C 102 -7.01 5.67 57.91
N ARG C 103 -5.85 5.48 58.53
CA ARG C 103 -4.63 5.18 57.82
C ARG C 103 -4.66 3.71 57.47
N VAL C 104 -4.58 3.44 56.18
CA VAL C 104 -4.66 2.09 55.62
C VAL C 104 -3.57 1.15 56.24
N ARG C 105 -2.34 1.63 56.35
CA ARG C 105 -1.21 0.78 56.80
C ARG C 105 -1.36 0.30 58.24
N THR C 106 -1.77 1.21 59.13
CA THR C 106 -1.77 0.97 60.56
C THR C 106 -3.15 0.86 61.16
N LYS C 107 -4.15 1.36 60.45
CA LYS C 107 -5.49 1.50 61.00
C LYS C 107 -5.55 2.47 62.15
N GLU C 108 -4.60 3.37 62.27
CA GLU C 108 -4.73 4.49 63.20
C GLU C 108 -5.93 5.30 62.72
N GLU C 109 -6.57 6.05 63.62
CA GLU C 109 -7.66 6.94 63.27
C GLU C 109 -7.44 8.36 63.78
N GLY C 110 -8.27 9.28 63.33
CA GLY C 110 -8.21 10.66 63.84
C GLY C 110 -6.93 11.39 63.48
N LYS C 111 -6.48 12.26 64.38
CA LYS C 111 -5.31 13.12 64.14
C LYS C 111 -4.03 12.31 63.91
N GLU C 112 -3.98 11.13 64.52
CA GLU C 112 -2.88 10.18 64.32
C GLU C 112 -2.77 9.79 62.84
N ALA C 113 -3.92 9.65 62.19
CA ALA C 113 -3.96 9.22 60.80
C ALA C 113 -3.58 10.32 59.79
N LEU C 114 -3.72 11.59 60.15
CA LEU C 114 -3.38 12.67 59.22
C LEU C 114 -1.88 12.98 59.17
N LEU C 115 -1.20 12.81 60.31
CA LEU C 115 0.26 13.02 60.40
C LEU C 115 0.99 12.23 59.33
N GLU C 116 1.69 12.91 58.42
CA GLU C 116 2.44 12.22 57.36
C GLU C 116 3.95 12.47 57.44
N GLY D 1 -13.64 3.58 -5.20
CA GLY D 1 -12.70 4.41 -4.41
C GLY D 1 -12.19 3.67 -3.18
N SER D 2 -11.31 4.31 -2.42
CA SER D 2 -10.74 3.70 -1.23
C SER D 2 -10.87 4.63 -0.02
N MET D 3 -10.62 4.05 1.15
CA MET D 3 -10.67 4.72 2.44
C MET D 3 -9.25 4.87 2.99
N LYS D 4 -9.01 5.96 3.72
CA LYS D 4 -7.74 6.21 4.39
C LYS D 4 -7.98 6.69 5.81
N LYS D 5 -7.13 6.25 6.73
CA LYS D 5 -7.09 6.80 8.09
C LYS D 5 -6.06 7.92 8.16
N VAL D 6 -6.54 9.09 8.52
CA VAL D 6 -5.64 10.20 8.80
C VAL D 6 -5.50 10.25 10.31
N GLU D 7 -4.25 10.11 10.77
CA GLU D 7 -3.90 10.21 12.18
C GLU D 7 -3.04 11.43 12.40
N ALA D 8 -3.47 12.30 13.32
CA ALA D 8 -2.72 13.51 13.67
C ALA D 8 -2.36 13.48 15.14
N ILE D 9 -1.11 13.70 15.47
CA ILE D 9 -0.65 13.88 16.84
C ILE D 9 -0.38 15.37 17.01
N ILE D 10 -1.18 16.03 17.85
CA ILE D 10 -1.14 17.48 17.98
C ILE D 10 -1.07 17.92 19.45
N ARG D 11 -0.89 19.22 19.66
CA ARG D 11 -0.86 19.81 21.00
C ARG D 11 -2.25 19.73 21.60
N PRO D 12 -2.36 19.32 22.86
CA PRO D 12 -3.67 19.20 23.49
C PRO D 12 -4.53 20.47 23.44
N GLU D 13 -3.89 21.64 23.52
CA GLU D 13 -4.62 22.91 23.50
C GLU D 13 -5.13 23.30 22.11
N LYS D 14 -4.75 22.53 21.08
CA LYS D 14 -5.27 22.77 19.74
C LYS D 14 -6.42 21.84 19.36
N LEU D 15 -6.79 20.91 20.24
CA LEU D 15 -7.84 19.96 19.91
C LEU D 15 -9.16 20.65 19.58
N GLU D 16 -9.59 21.59 20.41
CA GLU D 16 -10.91 22.19 20.23
C GLU D 16 -11.02 22.92 18.90
N ILE D 17 -10.00 23.70 18.54
CA ILE D 17 -10.04 24.45 17.26
C ILE D 17 -9.97 23.50 16.06
N VAL D 18 -9.09 22.51 16.12
CA VAL D 18 -8.99 21.53 15.04
C VAL D 18 -10.31 20.77 14.82
N LYS D 19 -10.91 20.34 15.92
CA LYS D 19 -12.18 19.63 15.91
C LYS D 19 -13.31 20.48 15.32
N LYS D 20 -13.32 21.76 15.69
CA LYS D 20 -14.34 22.69 15.14
C LYS D 20 -14.15 22.93 13.64
N ALA D 21 -12.92 23.22 13.25
CA ALA D 21 -12.57 23.39 11.84
C ALA D 21 -12.92 22.15 11.00
N LEU D 22 -12.60 20.97 11.52
CA LEU D 22 -12.95 19.73 10.83
C LEU D 22 -14.45 19.57 10.71
N SER D 23 -15.16 19.85 11.80
CA SER D 23 -16.64 19.76 11.84
C SER D 23 -17.32 20.72 10.88
N ASP D 24 -16.80 21.94 10.81
CA ASP D 24 -17.30 22.95 9.86
C ASP D 24 -17.12 22.52 8.40
N ALA D 25 -16.07 21.75 8.13
CA ALA D 25 -15.83 21.24 6.77
C ALA D 25 -16.59 19.94 6.50
N GLY D 26 -17.37 19.49 7.45
CA GLY D 26 -18.20 18.30 7.26
C GLY D 26 -17.61 16.99 7.77
N TYR D 27 -16.45 17.05 8.43
CA TYR D 27 -15.81 15.85 9.00
C TYR D 27 -16.14 15.75 10.47
N VAL D 28 -17.20 15.02 10.80
CA VAL D 28 -17.66 14.93 12.20
C VAL D 28 -17.26 13.63 12.88
N GLY D 29 -17.00 12.59 12.12
CA GLY D 29 -16.62 11.33 12.69
C GLY D 29 -15.14 11.33 12.95
N MET D 30 -14.72 11.53 14.19
CA MET D 30 -13.31 11.43 14.58
C MET D 30 -13.21 10.73 15.92
N THR D 31 -12.07 10.10 16.14
CA THR D 31 -11.77 9.45 17.40
C THR D 31 -10.58 10.17 18.01
N VAL D 32 -10.66 10.43 19.30
CA VAL D 32 -9.62 11.17 19.99
C VAL D 32 -9.06 10.34 21.15
N SER D 33 -7.74 10.32 21.27
CA SER D 33 -7.06 9.66 22.40
C SER D 33 -5.94 10.50 23.00
N GLU D 34 -5.71 10.29 24.29
CA GLU D 34 -4.65 10.95 25.03
C GLU D 34 -3.40 10.11 24.94
N VAL D 35 -2.34 10.70 24.42
CA VAL D 35 -1.07 10.01 24.28
C VAL D 35 0.04 10.87 24.88
N LYS D 36 1.26 10.35 24.83
CA LYS D 36 2.44 11.12 25.16
C LYS D 36 3.42 11.02 24.02
N GLY D 37 4.05 12.15 23.73
CA GLY D 37 5.05 12.19 22.65
C GLY D 37 6.32 12.84 23.12
N ARG D 38 7.44 12.39 22.55
CA ARG D 38 8.71 13.04 22.78
C ARG D 38 8.71 14.38 22.07
N GLY D 39 8.23 15.41 22.76
CA GLY D 39 8.41 16.79 22.32
C GLY D 39 9.83 17.23 22.69
N VAL D 40 10.01 18.40 23.30
CA VAL D 40 8.98 19.38 23.62
C VAL D 40 9.26 20.66 22.80
N GLN D 41 8.41 21.69 22.86
CA GLN D 41 7.06 21.69 23.46
C GLN D 41 7.04 21.58 24.99
N ASP D 56 11.69 12.51 29.01
CA ASP D 56 10.48 13.24 29.33
C ASP D 56 9.58 13.30 28.09
N LEU D 57 8.45 12.60 28.19
CA LEU D 57 7.42 12.63 27.18
C LEU D 57 6.37 13.62 27.65
N ILE D 58 5.79 14.38 26.72
CA ILE D 58 4.78 15.37 27.06
C ILE D 58 3.40 14.99 26.50
N PRO D 59 2.34 15.32 27.24
CA PRO D 59 0.98 15.05 26.76
C PRO D 59 0.71 15.59 25.37
N LYS D 60 0.10 14.75 24.54
CA LYS D 60 -0.38 15.14 23.22
C LYS D 60 -1.72 14.48 22.99
N VAL D 61 -2.39 14.90 21.92
CA VAL D 61 -3.65 14.32 21.55
C VAL D 61 -3.54 13.67 20.17
N LYS D 62 -4.06 12.45 20.05
CA LYS D 62 -4.12 11.75 18.77
C LYS D 62 -5.53 11.82 18.23
N ILE D 63 -5.68 12.38 17.03
CA ILE D 63 -6.95 12.39 16.33
C ILE D 63 -6.85 11.39 15.19
N GLU D 64 -7.87 10.54 15.09
CA GLU D 64 -7.97 9.57 13.99
C GLU D 64 -9.27 9.82 13.25
N LEU D 65 -9.19 10.01 11.93
CA LEU D 65 -10.34 10.23 11.08
C LEU D 65 -10.23 9.34 9.85
N VAL D 66 -11.23 8.48 9.61
CA VAL D 66 -11.24 7.62 8.42
C VAL D 66 -12.12 8.31 7.39
N VAL D 67 -11.53 8.62 6.23
CA VAL D 67 -12.18 9.39 5.16
C VAL D 67 -11.98 8.70 3.83
N LYS D 68 -12.76 9.13 2.84
CA LYS D 68 -12.52 8.81 1.46
C LYS D 68 -11.17 9.37 1.03
N GLU D 69 -10.45 8.62 0.21
CA GLU D 69 -9.15 9.02 -0.29
C GLU D 69 -9.16 10.46 -0.83
N GLU D 70 -10.21 10.81 -1.57
CA GLU D 70 -10.31 12.15 -2.18
C GLU D 70 -10.34 13.29 -1.19
N ASP D 71 -10.70 13.01 0.05
CA ASP D 71 -10.78 14.04 1.09
C ASP D 71 -9.54 14.20 1.94
N VAL D 72 -8.54 13.37 1.73
CA VAL D 72 -7.34 13.36 2.57
C VAL D 72 -6.58 14.68 2.51
N ASP D 73 -6.34 15.22 1.31
CA ASP D 73 -5.59 16.48 1.17
C ASP D 73 -6.27 17.61 1.93
N ASN D 74 -7.60 17.68 1.81
CA ASN D 74 -8.40 18.67 2.52
C ASN D 74 -8.31 18.53 4.04
N VAL D 75 -8.45 17.30 4.53
CA VAL D 75 -8.37 17.04 5.97
C VAL D 75 -7.00 17.43 6.49
N ILE D 76 -5.95 17.08 5.75
CA ILE D 76 -4.56 17.45 6.13
C ILE D 76 -4.35 18.97 6.18
N ASP D 77 -4.88 19.68 5.18
CA ASP D 77 -4.83 21.15 5.14
C ASP D 77 -5.48 21.79 6.36
N ILE D 78 -6.71 21.37 6.63
CA ILE D 78 -7.45 21.87 7.77
C ILE D 78 -6.69 21.64 9.08
N ILE D 79 -6.14 20.43 9.25
CA ILE D 79 -5.42 20.12 10.50
C ILE D 79 -4.18 20.97 10.66
N CYS D 80 -3.38 21.04 9.61
CA CYS D 80 -2.16 21.83 9.64
C CYS D 80 -2.43 23.31 9.93
N GLU D 81 -3.39 23.89 9.24
CA GLU D 81 -3.70 25.31 9.39
C GLU D 81 -4.13 25.64 10.83
N ASN D 82 -4.93 24.79 11.43
CA ASN D 82 -5.47 25.01 12.77
C ASN D 82 -4.68 24.46 13.92
N ALA D 83 -3.75 23.52 13.67
CA ALA D 83 -2.92 22.94 14.73
C ALA D 83 -1.57 23.60 14.85
N ARG D 84 -1.15 24.29 13.79
CA ARG D 84 0.19 24.90 13.81
C ARG D 84 0.27 26.11 14.73
N THR D 85 1.46 26.30 15.30
CA THR D 85 1.80 27.47 16.09
C THR D 85 3.09 28.16 15.58
N GLY D 86 3.89 27.45 14.80
CA GLY D 86 5.19 27.95 14.37
C GLY D 86 6.35 27.49 15.23
N ASN D 87 6.08 26.82 16.36
CA ASN D 87 7.13 26.28 17.25
C ASN D 87 7.29 24.83 16.85
N PRO D 88 8.49 24.22 16.96
CA PRO D 88 8.73 22.89 17.48
C PRO D 88 7.70 22.19 18.35
N GLY D 89 7.24 21.01 17.90
CA GLY D 89 6.28 20.21 18.66
C GLY D 89 4.84 20.39 18.19
N ASP D 90 4.64 20.99 17.02
CA ASP D 90 3.28 21.15 16.48
C ASP D 90 2.63 19.83 16.07
N GLY D 91 3.47 18.85 15.78
CA GLY D 91 3.00 17.49 15.55
C GLY D 91 3.20 16.98 14.15
N LYS D 92 2.63 15.79 13.91
CA LYS D 92 2.80 15.04 12.68
C LYS D 92 1.47 14.39 12.29
N ILE D 93 1.28 14.23 10.99
CA ILE D 93 0.12 13.53 10.45
C ILE D 93 0.61 12.31 9.68
N PHE D 94 -0.07 11.18 9.86
CA PHE D 94 0.20 9.93 9.12
C PHE D 94 -1.05 9.51 8.40
N VAL D 95 -0.88 9.01 7.19
CA VAL D 95 -1.97 8.45 6.42
C VAL D 95 -1.75 6.96 6.25
N ILE D 96 -2.78 6.21 6.67
CA ILE D 96 -2.73 4.75 6.72
C ILE D 96 -3.88 4.16 5.90
N PRO D 97 -3.58 3.17 5.04
CA PRO D 97 -4.67 2.55 4.30
C PRO D 97 -5.69 1.82 5.18
N VAL D 98 -6.97 1.99 4.81
CA VAL D 98 -8.06 1.21 5.41
C VAL D 98 -8.70 0.38 4.31
N GLU D 99 -8.72 -0.92 4.48
CA GLU D 99 -9.21 -1.78 3.43
C GLU D 99 -10.71 -2.02 3.54
N ARG D 100 -11.26 -1.79 4.72
CA ARG D 100 -12.69 -1.99 4.94
C ARG D 100 -13.19 -1.15 6.11
N VAL D 101 -14.42 -0.65 5.97
CA VAL D 101 -15.13 0.06 7.03
C VAL D 101 -16.54 -0.53 7.16
N VAL D 102 -16.94 -0.88 8.38
CA VAL D 102 -18.25 -1.49 8.65
C VAL D 102 -18.94 -0.74 9.77
N ARG D 103 -20.21 -0.41 9.53
CA ARG D 103 -21.08 0.25 10.50
C ARG D 103 -21.68 -0.85 11.35
N VAL D 104 -21.41 -0.82 12.65
CA VAL D 104 -21.84 -1.87 13.57
C VAL D 104 -23.34 -2.13 13.58
N ARG D 105 -24.14 -1.08 13.66
CA ARG D 105 -25.61 -1.25 13.82
C ARG D 105 -26.26 -1.93 12.62
N THR D 106 -25.85 -1.52 11.42
CA THR D 106 -26.52 -1.95 10.18
C THR D 106 -25.72 -2.92 9.31
N LYS D 107 -24.44 -3.15 9.65
CA LYS D 107 -23.53 -3.95 8.81
C LYS D 107 -23.31 -3.39 7.38
N GLU D 108 -23.75 -2.16 7.12
CA GLU D 108 -23.40 -1.46 5.91
C GLU D 108 -21.88 -1.28 5.81
N GLU D 109 -21.40 -1.10 4.59
CA GLU D 109 -19.96 -1.02 4.31
C GLU D 109 -19.65 0.06 3.32
N GLY D 110 -18.36 0.37 3.19
CA GLY D 110 -17.91 1.35 2.23
C GLY D 110 -18.39 2.73 2.61
N LYS D 111 -18.68 3.54 1.59
CA LYS D 111 -19.14 4.92 1.77
C LYS D 111 -20.49 5.07 2.53
N GLU D 112 -21.41 4.13 2.33
CA GLU D 112 -22.65 4.08 3.10
C GLU D 112 -22.38 3.99 4.62
N ALA D 113 -21.33 3.23 4.97
CA ALA D 113 -20.90 3.07 6.35
C ALA D 113 -20.24 4.32 6.93
N LEU D 114 -19.61 5.12 6.07
CA LEU D 114 -18.91 6.32 6.50
C LEU D 114 -19.83 7.47 6.81
N LEU D 115 -21.00 7.49 6.20
CA LEU D 115 -21.92 8.62 6.38
C LEU D 115 -22.26 8.75 7.86
N GLU D 116 -21.90 9.89 8.43
CA GLU D 116 -22.16 10.20 9.83
C GLU D 116 -23.52 10.90 10.00
N HIS D 117 -24.56 10.11 10.27
CA HIS D 117 -25.90 10.65 10.43
C HIS D 117 -26.12 11.27 11.80
N GLY E 1 1.21 -15.76 5.74
CA GLY E 1 0.21 -15.24 4.76
C GLY E 1 -0.36 -13.92 5.21
N SER E 2 -1.44 -13.48 4.55
CA SER E 2 -2.02 -12.14 4.77
C SER E 2 -2.55 -11.97 6.20
N MET E 3 -2.13 -10.90 6.88
CA MET E 3 -2.68 -10.53 8.19
C MET E 3 -3.37 -9.18 8.18
N LYS E 4 -4.38 -9.01 9.00
CA LYS E 4 -5.14 -7.76 9.02
C LYS E 4 -5.41 -7.34 10.46
N LYS E 5 -5.39 -6.02 10.72
CA LYS E 5 -5.86 -5.50 11.98
C LYS E 5 -7.33 -5.10 11.84
N VAL E 6 -8.15 -5.65 12.73
CA VAL E 6 -9.55 -5.25 12.86
C VAL E 6 -9.59 -4.29 14.06
N GLU E 7 -9.99 -3.03 13.79
CA GLU E 7 -10.23 -2.03 14.82
C GLU E 7 -11.72 -1.76 14.94
N ALA E 8 -12.24 -1.86 16.13
CA ALA E 8 -13.65 -1.53 16.38
C ALA E 8 -13.73 -0.43 17.45
N ILE E 9 -14.50 0.61 17.16
CA ILE E 9 -14.78 1.65 18.15
C ILE E 9 -16.24 1.47 18.56
N ILE E 10 -16.45 1.07 19.82
CA ILE E 10 -17.76 0.67 20.29
C ILE E 10 -18.11 1.33 21.62
N ARG E 11 -19.34 1.11 22.07
CA ARG E 11 -19.82 1.63 23.32
C ARG E 11 -19.07 0.94 24.46
N PRO E 12 -18.62 1.71 25.46
CA PRO E 12 -17.85 1.10 26.55
C PRO E 12 -18.55 -0.02 27.31
N GLU E 13 -19.87 0.08 27.46
CA GLU E 13 -20.67 -0.92 28.13
C GLU E 13 -20.77 -2.24 27.35
N LYS E 14 -20.34 -2.24 26.10
CA LYS E 14 -20.37 -3.47 25.28
C LYS E 14 -19.05 -4.23 25.27
N LEU E 15 -18.03 -3.69 25.91
CA LEU E 15 -16.70 -4.30 25.86
C LEU E 15 -16.74 -5.75 26.39
N GLU E 16 -17.36 -5.95 27.54
CA GLU E 16 -17.35 -7.27 28.21
C GLU E 16 -17.97 -8.34 27.33
N ILE E 17 -19.14 -8.04 26.79
CA ILE E 17 -19.85 -9.00 25.96
C ILE E 17 -19.09 -9.29 24.67
N VAL E 18 -18.60 -8.25 24.01
CA VAL E 18 -17.83 -8.40 22.80
C VAL E 18 -16.54 -9.22 23.03
N LYS E 19 -15.80 -8.90 24.09
CA LYS E 19 -14.56 -9.61 24.39
C LYS E 19 -14.80 -11.10 24.76
N LYS E 20 -15.91 -11.38 25.45
CA LYS E 20 -16.27 -12.78 25.73
C LYS E 20 -16.64 -13.55 24.47
N ALA E 21 -17.51 -12.97 23.65
CA ALA E 21 -17.89 -13.59 22.36
C ALA E 21 -16.64 -13.84 21.49
N LEU E 22 -15.73 -12.86 21.44
CA LEU E 22 -14.50 -13.05 20.68
C LEU E 22 -13.66 -14.19 21.25
N SER E 23 -13.51 -14.20 22.57
CA SER E 23 -12.76 -15.24 23.26
C SER E 23 -13.34 -16.63 23.03
N ASP E 24 -14.67 -16.75 23.12
CA ASP E 24 -15.36 -18.01 22.91
C ASP E 24 -15.18 -18.55 21.48
N ALA E 25 -14.95 -17.66 20.52
CA ALA E 25 -14.67 -18.05 19.13
C ALA E 25 -13.18 -18.30 18.89
N GLY E 26 -12.35 -18.17 19.91
CA GLY E 26 -10.92 -18.43 19.80
C GLY E 26 -10.03 -17.22 19.55
N TYR E 27 -10.61 -16.02 19.57
CA TYR E 27 -9.82 -14.79 19.37
C TYR E 27 -9.55 -14.14 20.71
N VAL E 28 -8.43 -14.52 21.32
CA VAL E 28 -8.07 -14.16 22.68
C VAL E 28 -7.10 -12.97 22.74
N GLY E 29 -6.30 -12.79 21.70
CA GLY E 29 -5.36 -11.67 21.65
C GLY E 29 -6.08 -10.42 21.20
N MET E 30 -6.25 -9.47 22.11
CA MET E 30 -6.77 -8.15 21.72
C MET E 30 -6.12 -7.06 22.56
N THR E 31 -6.08 -5.87 21.98
CA THR E 31 -5.63 -4.66 22.69
C THR E 31 -6.82 -3.70 22.81
N VAL E 32 -6.97 -3.12 24.00
CA VAL E 32 -8.12 -2.27 24.32
C VAL E 32 -7.68 -0.89 24.80
N SER E 33 -8.26 0.14 24.20
CA SER E 33 -7.88 1.52 24.53
C SER E 33 -9.11 2.39 24.81
N GLU E 34 -8.96 3.34 25.72
CA GLU E 34 -9.99 4.30 25.99
C GLU E 34 -9.86 5.44 24.98
N VAL E 35 -10.94 5.72 24.28
CA VAL E 35 -10.93 6.86 23.36
C VAL E 35 -12.19 7.69 23.58
N LYS E 36 -12.28 8.79 22.83
CA LYS E 36 -13.48 9.61 22.78
C LYS E 36 -13.96 9.83 21.34
N GLY E 37 -15.27 9.93 21.19
CA GLY E 37 -15.91 10.16 19.89
C GLY E 37 -17.19 10.96 20.08
N ARG E 38 -17.85 11.32 18.99
CA ARG E 38 -19.11 12.07 19.09
C ARG E 38 -20.25 11.27 19.69
N GLY E 39 -21.06 11.90 20.53
CA GLY E 39 -22.37 11.37 20.92
C GLY E 39 -23.36 11.61 19.77
N VAL E 40 -24.55 11.06 19.88
CA VAL E 40 -25.58 11.26 18.85
C VAL E 40 -26.04 12.73 18.82
N GLN E 41 -26.20 13.33 20.01
CA GLN E 41 -26.20 14.78 20.13
C GLN E 41 -25.36 15.16 21.37
N GLY E 42 -24.36 16.03 21.21
CA GLY E 42 -24.08 16.78 19.97
C GLY E 42 -23.28 16.04 18.91
N GLY E 43 -23.39 16.50 17.66
CA GLY E 43 -22.60 15.97 16.54
C GLY E 43 -21.12 16.24 16.76
N ILE E 44 -20.72 17.50 16.66
CA ILE E 44 -19.46 17.99 17.23
C ILE E 44 -19.68 19.45 17.67
N VAL E 45 -19.96 20.31 16.69
CA VAL E 45 -20.46 21.67 16.94
C VAL E 45 -21.98 21.60 16.87
N GLU E 46 -22.66 22.56 17.50
CA GLU E 46 -24.11 22.51 17.65
C GLU E 46 -24.69 23.88 18.05
N ARG E 47 -25.58 24.42 17.22
CA ARG E 47 -26.23 25.69 17.52
C ARG E 47 -27.34 25.49 18.57
N TYR E 48 -27.23 26.21 19.68
CA TYR E 48 -28.15 26.04 20.79
C TYR E 48 -28.29 27.34 21.60
N ARG E 49 -29.54 27.75 21.83
CA ARG E 49 -29.88 29.01 22.51
C ARG E 49 -29.34 30.21 21.73
N GLY E 50 -29.53 30.18 20.41
CA GLY E 50 -29.08 31.25 19.51
C GLY E 50 -27.59 31.26 19.20
N ARG E 51 -26.85 30.28 19.73
CA ARG E 51 -25.39 30.38 19.81
C ARG E 51 -24.67 29.06 19.50
N GLU E 52 -23.42 29.18 19.08
CA GLU E 52 -22.63 28.05 18.62
C GLU E 52 -21.89 27.40 19.77
N TYR E 53 -22.29 26.18 20.10
CA TYR E 53 -21.63 25.39 21.15
C TYR E 53 -20.82 24.27 20.55
N ILE E 54 -19.55 24.16 20.94
CA ILE E 54 -18.73 23.00 20.60
C ILE E 54 -18.95 21.89 21.65
N VAL E 55 -19.61 20.81 21.23
CA VAL E 55 -20.09 19.78 22.15
C VAL E 55 -18.99 18.78 22.48
N ASP E 56 -18.95 18.39 23.74
CA ASP E 56 -17.90 17.51 24.27
C ASP E 56 -18.08 16.08 23.72
N LEU E 57 -16.96 15.46 23.40
CA LEU E 57 -16.97 14.11 22.90
C LEU E 57 -17.22 13.20 24.08
N ILE E 58 -17.69 12.00 23.81
CA ILE E 58 -18.02 11.04 24.87
C ILE E 58 -17.11 9.81 24.78
N PRO E 59 -16.98 9.08 25.90
CA PRO E 59 -16.13 7.90 25.93
C PRO E 59 -16.61 6.75 25.05
N LYS E 60 -15.62 6.15 24.40
CA LYS E 60 -15.78 4.93 23.62
C LYS E 60 -14.60 4.01 23.92
N VAL E 61 -14.71 2.77 23.47
CA VAL E 61 -13.62 1.81 23.62
C VAL E 61 -13.15 1.40 22.23
N LYS E 62 -11.83 1.42 22.03
CA LYS E 62 -11.21 0.90 20.81
C LYS E 62 -10.67 -0.50 21.07
N ILE E 63 -11.15 -1.47 20.31
CA ILE E 63 -10.60 -2.81 20.36
C ILE E 63 -9.82 -3.04 19.10
N GLU E 64 -8.61 -3.59 19.24
CA GLU E 64 -7.74 -3.92 18.11
C GLU E 64 -7.38 -5.41 18.20
N LEU E 65 -7.60 -6.13 17.10
CA LEU E 65 -7.20 -7.53 16.96
C LEU E 65 -6.52 -7.74 15.65
N VAL E 66 -5.35 -8.36 15.70
CA VAL E 66 -4.67 -8.73 14.48
C VAL E 66 -4.91 -10.21 14.21
N VAL E 67 -5.46 -10.51 13.04
CA VAL E 67 -5.88 -11.86 12.70
C VAL E 67 -5.49 -12.21 11.28
N LYS E 68 -5.51 -13.50 10.96
CA LYS E 68 -5.34 -13.94 9.58
C LYS E 68 -6.47 -13.35 8.74
N GLU E 69 -6.17 -13.00 7.50
CA GLU E 69 -7.14 -12.43 6.60
C GLU E 69 -8.43 -13.27 6.48
N GLU E 70 -8.29 -14.59 6.52
CA GLU E 70 -9.44 -15.51 6.45
C GLU E 70 -10.40 -15.40 7.62
N ASP E 71 -9.94 -14.90 8.78
CA ASP E 71 -10.81 -14.78 9.95
C ASP E 71 -11.51 -13.42 10.08
N VAL E 72 -11.19 -12.47 9.20
CA VAL E 72 -11.71 -11.10 9.32
C VAL E 72 -13.25 -11.06 9.30
N ASP E 73 -13.86 -11.75 8.32
CA ASP E 73 -15.32 -11.75 8.19
C ASP E 73 -15.99 -12.25 9.46
N ASN E 74 -15.46 -13.31 10.04
CA ASN E 74 -15.96 -13.87 11.30
C ASN E 74 -15.81 -12.93 12.47
N VAL E 75 -14.63 -12.33 12.62
CA VAL E 75 -14.41 -11.32 13.68
C VAL E 75 -15.41 -10.18 13.56
N ILE E 76 -15.58 -9.66 12.37
CA ILE E 76 -16.54 -8.58 12.13
C ILE E 76 -17.97 -8.96 12.47
N ASP E 77 -18.39 -10.17 12.07
CA ASP E 77 -19.75 -10.66 12.39
C ASP E 77 -19.96 -10.73 13.90
N ILE E 78 -19.00 -11.30 14.62
CA ILE E 78 -19.08 -11.41 16.07
C ILE E 78 -19.18 -10.01 16.72
N ILE E 79 -18.32 -9.08 16.32
CA ILE E 79 -18.34 -7.74 16.91
C ILE E 79 -19.69 -7.07 16.67
N CYS E 80 -20.16 -7.11 15.43
CA CYS E 80 -21.41 -6.45 15.09
C CYS E 80 -22.58 -7.03 15.89
N GLU E 81 -22.65 -8.35 15.95
CA GLU E 81 -23.75 -9.03 16.64
C GLU E 81 -23.82 -8.64 18.12
N ASN E 82 -22.65 -8.58 18.75
CA ASN E 82 -22.58 -8.35 20.19
C ASN E 82 -22.42 -6.89 20.65
N ALA E 83 -22.02 -6.02 19.73
CA ALA E 83 -21.82 -4.61 20.02
C ALA E 83 -23.06 -3.74 19.69
N ARG E 84 -23.92 -4.25 18.81
CA ARG E 84 -25.07 -3.49 18.35
C ARG E 84 -26.10 -3.34 19.43
N THR E 85 -26.82 -2.22 19.38
CA THR E 85 -28.00 -1.98 20.20
C THR E 85 -29.21 -1.53 19.37
N GLY E 86 -29.01 -1.11 18.12
CA GLY E 86 -30.10 -0.57 17.33
C GLY E 86 -30.27 0.93 17.40
N ASN E 87 -29.48 1.61 18.23
CA ASN E 87 -29.48 3.06 18.32
C ASN E 87 -28.21 3.64 17.69
N PRO E 88 -28.30 4.86 17.12
CA PRO E 88 -27.13 5.60 16.62
C PRO E 88 -26.03 5.63 17.66
N GLY E 89 -24.79 5.45 17.23
CA GLY E 89 -23.64 5.45 18.14
C GLY E 89 -23.13 4.06 18.48
N ASP E 90 -23.58 3.03 17.77
CA ASP E 90 -23.11 1.65 17.99
C ASP E 90 -21.65 1.45 17.57
N GLY E 91 -21.17 2.29 16.65
CA GLY E 91 -19.77 2.32 16.30
C GLY E 91 -19.45 1.81 14.91
N LYS E 92 -18.14 1.71 14.64
CA LYS E 92 -17.63 1.33 13.35
C LYS E 92 -16.42 0.42 13.50
N ILE E 93 -16.17 -0.33 12.44
CA ILE E 93 -15.06 -1.25 12.35
C ILE E 93 -14.24 -0.90 11.14
N PHE E 94 -12.93 -0.86 11.32
CA PHE E 94 -11.99 -0.63 10.22
C PHE E 94 -11.08 -1.82 10.10
N VAL E 95 -10.72 -2.16 8.87
CA VAL E 95 -9.75 -3.23 8.60
C VAL E 95 -8.51 -2.60 7.94
N ILE E 96 -7.36 -2.84 8.57
CA ILE E 96 -6.11 -2.22 8.20
C ILE E 96 -5.04 -3.30 7.90
N PRO E 97 -4.28 -3.14 6.80
CA PRO E 97 -3.28 -4.13 6.51
C PRO E 97 -2.14 -4.19 7.55
N VAL E 98 -1.74 -5.39 7.92
CA VAL E 98 -0.52 -5.59 8.73
C VAL E 98 0.50 -6.38 7.92
N GLU E 99 1.66 -5.80 7.67
CA GLU E 99 2.67 -6.41 6.79
C GLU E 99 3.55 -7.38 7.56
N ARG E 100 3.63 -7.20 8.88
CA ARG E 100 4.49 -8.02 9.70
C ARG E 100 4.05 -8.11 11.15
N VAL E 101 4.16 -9.31 11.73
CA VAL E 101 3.89 -9.50 13.17
C VAL E 101 5.07 -10.25 13.81
N VAL E 102 5.53 -9.72 14.94
CA VAL E 102 6.68 -10.30 15.67
C VAL E 102 6.39 -10.48 17.16
N ARG E 103 6.82 -11.60 17.76
CA ARG E 103 6.64 -11.83 19.20
C ARG E 103 7.91 -11.47 20.02
N VAL E 104 7.74 -10.63 21.03
CA VAL E 104 8.87 -10.04 21.75
C VAL E 104 9.75 -11.10 22.43
N ARG E 105 9.11 -12.06 23.09
CA ARG E 105 9.81 -13.04 23.95
C ARG E 105 10.77 -13.94 23.15
N THR E 106 10.39 -14.25 21.90
CA THR E 106 11.04 -15.25 21.06
C THR E 106 11.61 -14.76 19.73
N LYS E 107 11.19 -13.59 19.28
CA LYS E 107 11.42 -13.11 17.90
C LYS E 107 10.76 -13.95 16.80
N GLU E 108 9.85 -14.82 17.20
CA GLU E 108 8.99 -15.49 16.25
C GLU E 108 8.20 -14.46 15.45
N GLU E 109 7.89 -14.82 14.19
CA GLU E 109 7.24 -13.93 13.27
C GLU E 109 6.07 -14.61 12.59
N GLY E 110 5.10 -13.84 12.10
CA GLY E 110 3.97 -14.37 11.33
C GLY E 110 2.96 -15.13 12.19
N LYS E 111 2.43 -16.23 11.65
CA LYS E 111 1.43 -17.06 12.36
C LYS E 111 1.96 -17.67 13.66
N GLU E 112 3.25 -18.02 13.70
CA GLU E 112 3.89 -18.44 14.95
C GLU E 112 3.81 -17.36 16.00
N ALA E 113 4.02 -16.11 15.61
CA ALA E 113 3.91 -14.97 16.51
C ALA E 113 2.45 -14.71 16.94
N LEU E 114 1.52 -15.07 16.08
CA LEU E 114 0.11 -14.71 16.27
C LEU E 114 -0.71 -15.74 17.07
N GLU E 115 -0.19 -16.94 17.31
CA GLU E 115 -0.87 -17.92 18.18
C GLU E 115 -0.55 -17.66 19.65
N GLU E 116 -1.46 -16.97 20.36
CA GLU E 116 -1.19 -16.34 21.68
C GLU E 116 -0.46 -17.21 22.69
N GLY F 1 11.65 6.73 -0.64
CA GLY F 1 11.65 5.63 0.37
C GLY F 1 10.33 5.62 1.15
N SER F 2 9.82 4.40 1.41
CA SER F 2 8.53 4.22 2.06
C SER F 2 8.65 4.20 3.58
N MET F 3 7.55 4.56 4.24
CA MET F 3 7.51 4.67 5.69
C MET F 3 6.68 3.52 6.25
N LYS F 4 7.02 3.10 7.46
CA LYS F 4 6.30 2.05 8.18
C LYS F 4 6.05 2.49 9.61
N LYS F 5 4.91 2.13 10.14
CA LYS F 5 4.64 2.31 11.55
C LYS F 5 4.94 1.03 12.28
N VAL F 6 5.83 1.11 13.27
CA VAL F 6 6.12 0.00 14.17
C VAL F 6 5.32 0.23 15.45
N GLU F 7 4.38 -0.67 15.73
CA GLU F 7 3.60 -0.63 16.97
C GLU F 7 4.02 -1.77 17.88
N ALA F 8 4.38 -1.46 19.12
CA ALA F 8 4.76 -2.50 20.10
C ALA F 8 3.90 -2.35 21.32
N ILE F 9 3.29 -3.46 21.73
CA ILE F 9 2.53 -3.50 22.99
C ILE F 9 3.38 -4.23 24.01
N ILE F 10 3.84 -3.52 25.02
CA ILE F 10 4.81 -4.07 25.97
C ILE F 10 4.37 -3.87 27.42
N ARG F 11 5.16 -4.45 28.34
CA ARG F 11 4.91 -4.30 29.78
C ARG F 11 5.17 -2.85 30.19
N PRO F 12 4.30 -2.27 31.03
CA PRO F 12 4.55 -0.87 31.39
C PRO F 12 5.90 -0.61 32.05
N GLU F 13 6.39 -1.58 32.83
CA GLU F 13 7.69 -1.42 33.52
C GLU F 13 8.89 -1.48 32.56
N LYS F 14 8.65 -1.80 31.29
CA LYS F 14 9.72 -1.85 30.30
C LYS F 14 9.79 -0.61 29.42
N LEU F 15 8.86 0.32 29.62
CA LEU F 15 8.81 1.52 28.77
C LEU F 15 10.11 2.33 28.83
N GLU F 16 10.60 2.58 30.05
CA GLU F 16 11.76 3.47 30.21
C GLU F 16 12.99 2.90 29.54
N ILE F 17 13.26 1.63 29.74
CA ILE F 17 14.43 0.99 29.14
C ILE F 17 14.32 0.90 27.60
N VAL F 18 13.15 0.54 27.09
CA VAL F 18 12.94 0.49 25.64
C VAL F 18 13.07 1.87 25.00
N LYS F 19 12.48 2.87 25.63
CA LYS F 19 12.54 4.25 25.16
C LYS F 19 13.98 4.79 25.11
N LYS F 20 14.75 4.47 26.15
CA LYS F 20 16.16 4.89 26.19
C LYS F 20 16.99 4.19 25.12
N ALA F 21 16.82 2.87 25.00
CA ALA F 21 17.51 2.10 23.97
C ALA F 21 17.17 2.60 22.56
N LEU F 22 15.89 2.90 22.29
CA LEU F 22 15.49 3.45 20.98
C LEU F 22 16.16 4.80 20.77
N SER F 23 16.15 5.64 21.80
CA SER F 23 16.74 7.00 21.74
C SER F 23 18.24 6.96 21.49
N ASP F 24 18.94 6.06 22.18
CA ASP F 24 20.37 5.89 21.98
C ASP F 24 20.72 5.47 20.56
N ALA F 25 19.82 4.75 19.89
CA ALA F 25 20.04 4.32 18.51
C ALA F 25 19.54 5.36 17.49
N GLY F 26 19.07 6.50 17.99
CA GLY F 26 18.68 7.60 17.12
C GLY F 26 17.18 7.70 16.83
N TYR F 27 16.37 6.82 17.40
CA TYR F 27 14.91 6.88 17.16
C TYR F 27 14.25 7.58 18.34
N VAL F 28 14.08 8.89 18.20
CA VAL F 28 13.58 9.72 19.30
C VAL F 28 12.10 10.06 19.15
N GLY F 29 11.59 10.04 17.92
CA GLY F 29 10.18 10.33 17.69
C GLY F 29 9.37 9.08 17.96
N MET F 30 8.63 9.08 19.07
CA MET F 30 7.72 7.99 19.37
C MET F 30 6.50 8.54 20.10
N THR F 31 5.39 7.83 19.95
CA THR F 31 4.15 8.15 20.62
C THR F 31 3.82 6.98 21.54
N VAL F 32 3.45 7.29 22.77
CA VAL F 32 3.23 6.32 23.84
C VAL F 32 1.79 6.47 24.37
N SER F 33 1.07 5.36 24.49
CA SER F 33 -0.27 5.38 25.05
C SER F 33 -0.52 4.23 26.04
N GLU F 34 -1.38 4.49 26.99
CA GLU F 34 -1.75 3.48 27.97
C GLU F 34 -2.91 2.68 27.40
N VAL F 35 -2.75 1.36 27.36
CA VAL F 35 -3.77 0.44 26.87
C VAL F 35 -3.94 -0.71 27.87
N LYS F 36 -4.86 -1.60 27.54
CA LYS F 36 -5.00 -2.85 28.26
C LYS F 36 -4.93 -3.99 27.28
N GLY F 37 -4.34 -5.10 27.70
CA GLY F 37 -4.14 -6.23 26.82
C GLY F 37 -4.56 -7.51 27.49
N ARG F 38 -5.13 -8.39 26.68
CA ARG F 38 -5.57 -9.68 27.18
C ARG F 38 -4.34 -10.52 27.49
N GLY F 39 -4.17 -10.85 28.77
CA GLY F 39 -3.10 -11.78 29.19
C GLY F 39 -3.03 -13.03 28.30
N VAL F 40 -1.84 -13.61 28.18
CA VAL F 40 -1.64 -14.78 27.30
C VAL F 40 -2.04 -16.07 28.00
N GLY F 43 -2.28 -14.60 31.19
CA GLY F 43 -3.35 -15.34 31.86
C GLY F 43 -4.43 -14.41 32.41
N ILE F 44 -4.33 -13.96 33.66
CA ILE F 44 -3.35 -14.42 34.65
C ILE F 44 -4.10 -14.85 35.91
N VAL F 45 -3.74 -16.01 36.44
CA VAL F 45 -4.39 -16.55 37.65
C VAL F 45 -3.91 -15.82 38.90
N GLU F 46 -4.83 -15.15 39.60
CA GLU F 46 -4.55 -14.55 40.90
C GLU F 46 -5.36 -15.23 41.99
N ARG F 47 -5.07 -14.90 43.24
CA ARG F 47 -5.74 -15.50 44.40
C ARG F 47 -6.22 -14.46 45.41
N TYR F 48 -7.23 -14.84 46.18
CA TYR F 48 -7.72 -14.01 47.28
C TYR F 48 -7.75 -14.82 48.59
N ARG F 49 -8.84 -15.54 48.87
CA ARG F 49 -8.93 -16.34 50.10
C ARG F 49 -8.72 -17.82 49.78
N GLY F 50 -7.66 -18.12 49.03
CA GLY F 50 -7.39 -19.47 48.54
C GLY F 50 -8.14 -19.82 47.27
N ARG F 51 -9.22 -19.09 46.98
CA ARG F 51 -9.98 -19.25 45.76
C ARG F 51 -9.39 -18.31 44.71
N GLU F 52 -8.98 -18.89 43.58
CA GLU F 52 -8.27 -18.14 42.54
C GLU F 52 -9.22 -17.48 41.56
N TYR F 53 -8.83 -16.33 41.01
CA TYR F 53 -9.62 -15.63 39.99
C TYR F 53 -8.73 -15.24 38.82
N ILE F 54 -9.34 -14.77 37.73
CA ILE F 54 -8.61 -14.47 36.49
C ILE F 54 -8.87 -13.03 36.02
N VAL F 55 -7.81 -12.22 36.00
CA VAL F 55 -7.85 -10.89 35.40
C VAL F 55 -7.56 -11.01 33.91
N ASP F 56 -8.53 -10.59 33.09
CA ASP F 56 -8.45 -10.74 31.66
C ASP F 56 -7.58 -9.65 31.06
N LEU F 57 -7.91 -8.39 31.31
CA LEU F 57 -7.22 -7.26 30.69
C LEU F 57 -6.23 -6.67 31.67
N ILE F 58 -4.97 -6.65 31.27
CA ILE F 58 -3.84 -6.13 32.05
C ILE F 58 -3.39 -4.78 31.46
N PRO F 59 -2.99 -3.79 32.30
CA PRO F 59 -2.34 -2.59 31.79
C PRO F 59 -1.09 -2.93 30.93
N LYS F 60 -1.00 -2.32 29.76
CA LYS F 60 0.15 -2.38 28.89
C LYS F 60 0.45 -0.99 28.35
N VAL F 61 1.59 -0.87 27.68
CA VAL F 61 1.94 0.37 27.02
C VAL F 61 2.10 0.10 25.53
N LYS F 62 1.47 0.94 24.71
CA LYS F 62 1.65 0.91 23.26
C LYS F 62 2.66 1.96 22.84
N ILE F 63 3.71 1.53 22.17
CA ILE F 63 4.65 2.46 21.59
C ILE F 63 4.46 2.40 20.07
N GLU F 64 4.35 3.58 19.46
CA GLU F 64 4.25 3.72 18.01
C GLU F 64 5.39 4.60 17.51
N LEU F 65 6.13 4.10 16.53
CA LEU F 65 7.18 4.88 15.84
C LEU F 65 7.07 4.68 14.35
N VAL F 66 7.04 5.78 13.63
CA VAL F 66 7.02 5.75 12.18
C VAL F 66 8.46 5.96 11.72
N VAL F 67 8.96 5.02 10.94
CA VAL F 67 10.36 5.00 10.50
C VAL F 67 10.45 4.67 9.03
N LYS F 68 11.62 4.96 8.45
CA LYS F 68 11.97 4.47 7.12
C LYS F 68 11.95 2.96 7.11
N GLU F 69 11.45 2.38 6.02
CA GLU F 69 11.36 0.92 5.90
C GLU F 69 12.68 0.24 6.23
N GLU F 70 13.79 0.84 5.83
CA GLU F 70 15.14 0.27 6.07
C GLU F 70 15.49 0.14 7.56
N ASP F 71 14.83 0.92 8.42
CA ASP F 71 15.09 0.91 9.85
C ASP F 71 14.20 -0.04 10.66
N VAL F 72 13.23 -0.66 10.01
CA VAL F 72 12.26 -1.52 10.71
C VAL F 72 12.91 -2.69 11.45
N ASP F 73 13.82 -3.41 10.79
CA ASP F 73 14.48 -4.56 11.40
C ASP F 73 15.24 -4.18 12.68
N ASN F 74 16.01 -3.09 12.61
CA ASN F 74 16.75 -2.57 13.77
C ASN F 74 15.81 -2.14 14.91
N VAL F 75 14.75 -1.40 14.60
CA VAL F 75 13.78 -0.98 15.63
C VAL F 75 13.19 -2.19 16.34
N ILE F 76 12.80 -3.20 15.56
CA ILE F 76 12.23 -4.43 16.10
C ILE F 76 13.21 -5.17 17.02
N ASP F 77 14.48 -5.26 16.59
CA ASP F 77 15.52 -5.92 17.39
C ASP F 77 15.72 -5.23 18.73
N ILE F 78 15.84 -3.91 18.70
CA ILE F 78 15.98 -3.09 19.90
C ILE F 78 14.81 -3.29 20.85
N ILE F 79 13.59 -3.23 20.33
CA ILE F 79 12.42 -3.39 21.18
C ILE F 79 12.39 -4.78 21.81
N CYS F 80 12.61 -5.81 21.01
CA CYS F 80 12.58 -7.18 21.52
C CYS F 80 13.66 -7.42 22.60
N GLU F 81 14.86 -6.96 22.34
CA GLU F 81 15.98 -7.19 23.27
C GLU F 81 15.75 -6.53 24.64
N ASN F 82 15.19 -5.33 24.61
CA ASN F 82 14.97 -4.56 25.82
C ASN F 82 13.62 -4.74 26.49
N ALA F 83 12.62 -5.26 25.78
CA ALA F 83 11.27 -5.46 26.32
C ALA F 83 11.06 -6.85 26.88
N ARG F 84 11.86 -7.81 26.42
CA ARG F 84 11.63 -9.20 26.82
C ARG F 84 12.04 -9.44 28.27
N THR F 85 11.35 -10.37 28.90
CA THR F 85 11.68 -10.85 30.23
C THR F 85 11.77 -12.40 30.26
N GLY F 86 11.35 -13.09 29.20
CA GLY F 86 11.34 -14.55 29.21
C GLY F 86 10.07 -15.17 29.74
N ASN F 87 9.09 -14.34 30.11
CA ASN F 87 7.78 -14.80 30.54
C ASN F 87 6.67 -14.47 29.55
N PRO F 88 5.67 -15.36 29.45
CA PRO F 88 4.45 -14.98 28.73
C PRO F 88 3.91 -13.59 29.10
N GLY F 89 3.53 -12.82 28.07
CA GLY F 89 3.00 -11.47 28.20
C GLY F 89 4.01 -10.37 27.92
N ASP F 90 5.16 -10.75 27.33
CA ASP F 90 6.20 -9.77 26.96
C ASP F 90 5.76 -8.85 25.82
N GLY F 91 4.81 -9.30 25.01
CA GLY F 91 4.20 -8.41 24.03
C GLY F 91 4.41 -8.80 22.60
N LYS F 92 3.86 -7.95 21.72
CA LYS F 92 3.90 -8.20 20.29
C LYS F 92 4.13 -6.87 19.54
N ILE F 93 4.72 -6.99 18.35
CA ILE F 93 5.05 -5.87 17.52
C ILE F 93 4.32 -6.07 16.21
N PHE F 94 3.71 -4.99 15.70
CA PHE F 94 3.02 -5.01 14.39
C PHE F 94 3.65 -3.94 13.51
N VAL F 95 3.83 -4.27 12.24
CA VAL F 95 4.31 -3.28 11.26
C VAL F 95 3.17 -2.98 10.32
N ILE F 96 2.85 -1.70 10.21
CA ILE F 96 1.73 -1.18 9.45
C ILE F 96 2.22 -0.17 8.39
N PRO F 97 1.74 -0.30 7.14
CA PRO F 97 2.18 0.66 6.12
C PRO F 97 1.67 2.08 6.36
N VAL F 98 2.55 3.06 6.18
CA VAL F 98 2.19 4.47 6.21
C VAL F 98 2.44 5.02 4.80
N GLU F 99 1.40 5.55 4.19
CA GLU F 99 1.47 6.06 2.84
C GLU F 99 1.94 7.51 2.78
N ARG F 100 1.82 8.24 3.88
CA ARG F 100 2.19 9.62 3.91
C ARG F 100 2.51 10.08 5.32
N VAL F 101 3.54 10.93 5.42
CA VAL F 101 3.92 11.59 6.68
C VAL F 101 4.05 13.07 6.41
N VAL F 102 3.40 13.90 7.24
CA VAL F 102 3.40 15.34 7.10
C VAL F 102 3.72 16.01 8.43
N ARG F 103 4.64 16.97 8.40
CA ARG F 103 4.91 17.75 9.58
C ARG F 103 3.89 18.88 9.63
N VAL F 104 3.20 18.99 10.77
CA VAL F 104 2.17 20.01 10.91
C VAL F 104 2.71 21.44 10.73
N ARG F 105 3.86 21.71 11.32
CA ARG F 105 4.40 23.07 11.30
C ARG F 105 4.74 23.55 9.91
N THR F 106 5.41 22.70 9.14
CA THR F 106 5.99 23.09 7.86
C THR F 106 5.39 22.42 6.62
N LYS F 107 4.36 21.59 6.82
CA LYS F 107 3.68 20.90 5.71
C LYS F 107 4.64 20.04 4.88
N GLU F 108 5.83 19.84 5.43
CA GLU F 108 6.85 18.99 4.86
C GLU F 108 6.33 17.55 4.85
N GLU F 109 6.71 16.79 3.83
CA GLU F 109 6.33 15.39 3.73
C GLU F 109 7.53 14.47 3.65
N GLY F 110 7.25 13.16 3.74
CA GLY F 110 8.27 12.11 3.61
C GLY F 110 9.46 12.17 4.56
N LYS F 111 10.62 11.77 4.01
CA LYS F 111 11.96 11.91 4.59
C LYS F 111 12.15 13.09 5.53
N GLU F 112 11.91 14.28 5.00
CA GLU F 112 12.16 15.52 5.71
C GLU F 112 11.32 15.58 6.97
N ALA F 113 10.06 15.12 6.85
CA ALA F 113 9.06 15.22 7.92
C ALA F 113 9.43 14.48 9.21
N LEU F 114 10.31 13.49 9.09
CA LEU F 114 10.92 12.85 10.25
C LEU F 114 12.19 13.64 10.54
N LEU F 115 12.17 14.48 11.58
CA LEU F 115 13.33 15.32 11.95
C LEU F 115 14.67 14.62 11.73
N GLY G 1 -9.47 -11.55 -0.24
CA GLY G 1 -8.30 -12.48 -0.34
C GLY G 1 -7.17 -11.83 -1.10
N SER G 2 -5.95 -12.24 -0.83
CA SER G 2 -4.77 -11.59 -1.39
C SER G 2 -4.32 -12.25 -2.66
N MET G 3 -3.99 -11.42 -3.65
CA MET G 3 -3.54 -11.86 -4.97
C MET G 3 -2.06 -11.55 -5.12
N LYS G 4 -1.33 -12.39 -5.85
CA LYS G 4 0.08 -12.13 -6.09
C LYS G 4 0.40 -12.38 -7.56
N LYS G 5 1.32 -11.59 -8.11
CA LYS G 5 1.93 -11.89 -9.41
C LYS G 5 3.25 -12.63 -9.26
N VAL G 6 3.32 -13.79 -9.90
CA VAL G 6 4.54 -14.59 -9.95
C VAL G 6 5.16 -14.35 -11.29
N GLU G 7 6.36 -13.77 -11.29
CA GLU G 7 7.11 -13.55 -12.52
C GLU G 7 8.33 -14.46 -12.53
N ALA G 8 8.48 -15.22 -13.61
CA ALA G 8 9.67 -16.06 -13.79
C ALA G 8 10.39 -15.66 -15.06
N ILE G 9 11.70 -15.46 -14.96
CA ILE G 9 12.56 -15.26 -16.13
C ILE G 9 13.36 -16.56 -16.34
N ILE G 10 13.05 -17.26 -17.43
CA ILE G 10 13.58 -18.59 -17.69
C ILE G 10 14.20 -18.71 -19.08
N ARG G 11 14.82 -19.85 -19.32
CA ARG G 11 15.41 -20.17 -20.61
C ARG G 11 14.32 -20.35 -21.65
N PRO G 12 14.49 -19.76 -22.84
CA PRO G 12 13.44 -19.86 -23.84
C PRO G 12 13.04 -21.30 -24.18
N GLU G 13 14.01 -22.22 -24.17
CA GLU G 13 13.76 -23.63 -24.46
C GLU G 13 13.00 -24.37 -23.38
N LYS G 14 12.77 -23.72 -22.24
CA LYS G 14 12.00 -24.33 -21.16
C LYS G 14 10.54 -23.85 -21.14
N LEU G 15 10.17 -22.92 -22.03
CA LEU G 15 8.82 -22.35 -22.01
C LEU G 15 7.74 -23.40 -22.15
N GLU G 16 7.90 -24.29 -23.14
CA GLU G 16 6.84 -25.25 -23.46
C GLU G 16 6.57 -26.20 -22.33
N ILE G 17 7.65 -26.72 -21.73
CA ILE G 17 7.55 -27.66 -20.62
C ILE G 17 6.95 -26.99 -19.37
N VAL G 18 7.43 -25.79 -19.03
CA VAL G 18 6.90 -25.05 -17.87
C VAL G 18 5.42 -24.72 -18.05
N LYS G 19 5.06 -24.22 -19.23
CA LYS G 19 3.67 -23.87 -19.50
C LYS G 19 2.74 -25.08 -19.46
N LYS G 20 3.22 -26.24 -19.91
CA LYS G 20 2.45 -27.48 -19.84
C LYS G 20 2.28 -27.95 -18.39
N ALA G 21 3.36 -27.97 -17.64
CA ALA G 21 3.30 -28.32 -16.22
C ALA G 21 2.35 -27.41 -15.45
N LEU G 22 2.43 -26.10 -15.72
CA LEU G 22 1.53 -25.14 -15.06
C LEU G 22 0.07 -25.40 -15.45
N SER G 23 -0.16 -25.67 -16.72
CA SER G 23 -1.49 -25.97 -17.22
C SER G 23 -2.07 -27.24 -16.59
N ASP G 24 -1.26 -28.28 -16.50
CA ASP G 24 -1.68 -29.56 -15.89
C ASP G 24 -2.07 -29.40 -14.42
N ALA G 25 -1.46 -28.43 -13.74
CA ALA G 25 -1.78 -28.15 -12.34
C ALA G 25 -2.93 -27.17 -12.19
N GLY G 26 -3.53 -26.77 -13.31
CA GLY G 26 -4.70 -25.88 -13.27
C GLY G 26 -4.41 -24.39 -13.46
N TYR G 27 -3.14 -24.02 -13.70
CA TYR G 27 -2.81 -22.60 -13.92
C TYR G 27 -2.68 -22.35 -15.41
N VAL G 28 -3.78 -21.92 -16.01
CA VAL G 28 -3.88 -21.75 -17.45
C VAL G 28 -3.73 -20.28 -17.88
N GLY G 29 -4.04 -19.34 -16.99
CA GLY G 29 -3.87 -17.93 -17.31
C GLY G 29 -2.44 -17.49 -17.08
N MET G 30 -1.71 -17.22 -18.15
CA MET G 30 -0.37 -16.68 -18.02
C MET G 30 -0.09 -15.76 -19.18
N THR G 31 0.81 -14.82 -18.95
CA THR G 31 1.27 -13.90 -19.98
C THR G 31 2.74 -14.16 -20.19
N VAL G 32 3.14 -14.21 -21.46
CA VAL G 32 4.51 -14.54 -21.81
C VAL G 32 5.11 -13.44 -22.69
N SER G 33 6.32 -13.00 -22.36
CA SER G 33 7.03 -12.02 -23.17
C SER G 33 8.49 -12.40 -23.42
N GLU G 34 9.02 -11.89 -24.51
CA GLU G 34 10.41 -12.08 -24.88
C GLU G 34 11.23 -10.95 -24.28
N VAL G 35 12.24 -11.31 -23.52
CA VAL G 35 13.13 -10.32 -22.90
C VAL G 35 14.57 -10.75 -23.12
N LYS G 36 15.49 -9.93 -22.60
CA LYS G 36 16.90 -10.29 -22.58
C LYS G 36 17.47 -10.22 -21.17
N GLY G 37 18.28 -11.21 -20.85
CA GLY G 37 18.95 -11.27 -19.57
C GLY G 37 20.43 -11.60 -19.72
N ARG G 38 21.16 -11.34 -18.65
CA ARG G 38 22.56 -11.73 -18.47
C ARG G 38 22.83 -13.20 -18.82
N GLY G 39 23.79 -13.40 -19.72
CA GLY G 39 24.26 -14.74 -20.07
C GLY G 39 25.21 -15.32 -19.05
N VAL G 40 25.88 -16.41 -19.43
CA VAL G 40 26.71 -17.18 -18.50
C VAL G 40 28.20 -17.11 -18.87
N GLN G 41 29.05 -17.46 -17.91
CA GLN G 41 30.50 -17.57 -18.11
C GLN G 41 30.90 -19.04 -18.23
N VAL G 55 30.20 -10.84 -19.89
CA VAL G 55 28.87 -11.30 -19.50
C VAL G 55 27.81 -10.32 -20.04
N ASP G 56 27.20 -10.67 -21.18
CA ASP G 56 26.26 -9.79 -21.89
C ASP G 56 24.84 -10.39 -22.09
N LEU G 57 23.92 -9.61 -22.62
CA LEU G 57 22.48 -9.95 -22.64
C LEU G 57 22.03 -10.88 -23.77
N ILE G 58 21.35 -11.95 -23.40
CA ILE G 58 20.87 -12.98 -24.30
C ILE G 58 19.35 -13.19 -24.11
N PRO G 59 18.71 -13.86 -25.08
CA PRO G 59 17.27 -14.11 -24.99
C PRO G 59 16.79 -14.92 -23.80
N LYS G 60 15.74 -14.42 -23.16
CA LYS G 60 15.06 -15.15 -22.11
C LYS G 60 13.55 -14.97 -22.31
N VAL G 61 12.78 -15.76 -21.58
CA VAL G 61 11.34 -15.61 -21.59
C VAL G 61 10.85 -15.22 -20.20
N LYS G 62 9.99 -14.20 -20.12
CA LYS G 62 9.33 -13.85 -18.89
C LYS G 62 7.92 -14.40 -18.91
N ILE G 63 7.59 -15.19 -17.89
CA ILE G 63 6.24 -15.68 -17.66
C ILE G 63 5.68 -14.95 -16.46
N GLU G 64 4.46 -14.44 -16.59
CA GLU G 64 3.76 -13.74 -15.50
C GLU G 64 2.43 -14.48 -15.26
N LEU G 65 2.18 -14.83 -13.99
CA LEU G 65 0.91 -15.44 -13.56
C LEU G 65 0.41 -14.70 -12.33
N VAL G 66 -0.84 -14.27 -12.35
CA VAL G 66 -1.47 -13.74 -11.16
C VAL G 66 -2.33 -14.83 -10.54
N VAL G 67 -2.05 -15.14 -9.28
CA VAL G 67 -2.73 -16.22 -8.56
C VAL G 67 -3.16 -15.79 -7.17
N LYS G 68 -4.00 -16.60 -6.55
CA LYS G 68 -4.28 -16.47 -5.12
C LYS G 68 -3.00 -16.71 -4.34
N GLU G 69 -2.82 -15.96 -3.27
CA GLU G 69 -1.62 -16.04 -2.43
C GLU G 69 -1.30 -17.50 -1.98
N GLU G 70 -2.36 -18.26 -1.71
CA GLU G 70 -2.21 -19.65 -1.28
C GLU G 70 -1.62 -20.57 -2.34
N ASP G 71 -1.68 -20.16 -3.60
CA ASP G 71 -1.13 -20.99 -4.70
C ASP G 71 0.31 -20.66 -5.06
N VAL G 72 0.87 -19.63 -4.46
CA VAL G 72 2.19 -19.14 -4.87
C VAL G 72 3.28 -20.20 -4.69
N ASP G 73 3.30 -20.85 -3.54
CA ASP G 73 4.32 -21.88 -3.25
C ASP G 73 4.27 -23.01 -4.28
N ASN G 74 3.06 -23.42 -4.64
CA ASN G 74 2.86 -24.46 -5.66
C ASN G 74 3.36 -24.04 -7.01
N VAL G 75 3.00 -22.82 -7.42
CA VAL G 75 3.44 -22.28 -8.72
C VAL G 75 4.93 -22.26 -8.78
N ILE G 76 5.56 -21.73 -7.74
CA ILE G 76 7.02 -21.63 -7.67
C ILE G 76 7.68 -22.99 -7.77
N ASP G 77 7.16 -23.98 -7.06
CA ASP G 77 7.67 -25.36 -7.12
C ASP G 77 7.63 -25.94 -8.52
N ILE G 78 6.48 -25.81 -9.17
CA ILE G 78 6.31 -26.27 -10.55
C ILE G 78 7.32 -25.61 -11.48
N ILE G 79 7.44 -24.29 -11.39
CA ILE G 79 8.36 -23.59 -12.30
C ILE G 79 9.79 -24.03 -12.07
N CYS G 80 10.20 -24.08 -10.81
CA CYS G 80 11.58 -24.48 -10.50
C CYS G 80 11.90 -25.88 -11.02
N GLU G 81 10.99 -26.81 -10.74
CA GLU G 81 11.14 -28.21 -11.13
C GLU G 81 11.35 -28.37 -12.63
N ASN G 82 10.52 -27.67 -13.40
CA ASN G 82 10.49 -27.82 -14.85
C ASN G 82 11.39 -26.87 -15.61
N ALA G 83 11.84 -25.78 -15.01
CA ALA G 83 12.71 -24.82 -15.70
C ALA G 83 14.19 -25.04 -15.42
N ARG G 84 14.50 -25.76 -14.34
CA ARG G 84 15.91 -25.92 -13.97
C ARG G 84 16.61 -26.92 -14.87
N THR G 85 17.92 -26.68 -15.05
CA THR G 85 18.84 -27.55 -15.78
C THR G 85 20.08 -27.93 -14.93
N GLY G 86 20.33 -27.19 -13.85
CA GLY G 86 21.53 -27.38 -13.05
C GLY G 86 22.70 -26.51 -13.47
N ASN G 87 22.55 -25.74 -14.54
CA ASN G 87 23.59 -24.81 -14.99
C ASN G 87 23.25 -23.38 -14.60
N PRO G 88 24.26 -22.53 -14.41
CA PRO G 88 24.02 -21.10 -14.24
C PRO G 88 23.18 -20.53 -15.40
N GLY G 89 22.23 -19.66 -15.08
CA GLY G 89 21.35 -19.05 -16.09
C GLY G 89 19.95 -19.66 -16.15
N ASP G 90 19.61 -20.48 -15.15
CA ASP G 90 18.28 -21.10 -15.06
C ASP G 90 17.18 -20.08 -14.80
N GLY G 91 17.55 -18.97 -14.16
CA GLY G 91 16.67 -17.83 -13.96
C GLY G 91 16.22 -17.61 -12.53
N LYS G 92 15.26 -16.70 -12.39
CA LYS G 92 14.78 -16.20 -11.12
C LYS G 92 13.28 -16.01 -11.16
N ILE G 93 12.67 -16.09 -9.99
CA ILE G 93 11.25 -15.88 -9.81
C ILE G 93 11.08 -14.75 -8.82
N PHE G 94 10.17 -13.83 -9.13
CA PHE G 94 9.81 -12.71 -8.25
C PHE G 94 8.34 -12.78 -7.94
N VAL G 95 8.00 -12.48 -6.69
CA VAL G 95 6.60 -12.41 -6.28
C VAL G 95 6.26 -10.97 -5.93
N ILE G 96 5.24 -10.44 -6.61
CA ILE G 96 4.85 -9.03 -6.50
C ILE G 96 3.38 -8.89 -6.06
N PRO G 97 3.10 -7.99 -5.09
CA PRO G 97 1.69 -7.86 -4.69
C PRO G 97 0.78 -7.26 -5.76
N VAL G 98 -0.42 -7.83 -5.87
CA VAL G 98 -1.44 -7.35 -6.76
C VAL G 98 -2.62 -6.95 -5.91
N GLU G 99 -2.96 -5.68 -5.94
CA GLU G 99 -4.00 -5.16 -5.07
C GLU G 99 -5.41 -5.30 -5.65
N ARG G 100 -5.50 -5.45 -6.96
CA ARG G 100 -6.78 -5.60 -7.60
C ARG G 100 -6.64 -6.30 -8.96
N VAL G 101 -7.61 -7.16 -9.24
CA VAL G 101 -7.74 -7.87 -10.52
C VAL G 101 -9.15 -7.63 -11.08
N VAL G 102 -9.24 -7.24 -12.35
CA VAL G 102 -10.54 -7.01 -13.00
C VAL G 102 -10.61 -7.71 -14.38
N ARG G 103 -11.72 -8.43 -14.63
CA ARG G 103 -11.98 -9.08 -15.91
C ARG G 103 -12.59 -8.06 -16.84
N VAL G 104 -11.96 -7.82 -17.98
CA VAL G 104 -12.38 -6.75 -18.93
C VAL G 104 -13.83 -6.90 -19.43
N ARG G 105 -14.23 -8.13 -19.73
CA ARG G 105 -15.55 -8.42 -20.30
C ARG G 105 -16.70 -8.13 -19.35
N THR G 106 -16.60 -8.63 -18.12
CA THR G 106 -17.69 -8.56 -17.16
C THR G 106 -17.55 -7.47 -16.09
N LYS G 107 -16.32 -6.96 -15.90
CA LYS G 107 -15.96 -6.14 -14.75
C LYS G 107 -16.07 -6.89 -13.43
N GLU G 108 -16.03 -8.21 -13.48
CA GLU G 108 -15.86 -9.01 -12.28
C GLU G 108 -14.50 -8.65 -11.67
N GLU G 109 -14.45 -8.68 -10.33
CA GLU G 109 -13.23 -8.42 -9.59
C GLU G 109 -12.87 -9.54 -8.63
N GLY G 110 -11.58 -9.61 -8.30
CA GLY G 110 -11.07 -10.59 -7.36
C GLY G 110 -11.10 -12.01 -7.86
N LYS G 111 -11.43 -12.92 -6.94
CA LYS G 111 -11.63 -14.34 -7.23
C LYS G 111 -12.42 -14.60 -8.50
N GLU G 112 -13.57 -13.94 -8.63
CA GLU G 112 -14.40 -14.07 -9.83
C GLU G 112 -13.66 -13.76 -11.12
N ALA G 113 -12.88 -12.67 -11.12
CA ALA G 113 -12.09 -12.28 -12.27
C ALA G 113 -10.99 -13.29 -12.65
N LEU G 114 -10.44 -13.99 -11.65
CA LEU G 114 -9.32 -14.92 -11.88
C LEU G 114 -9.74 -16.26 -12.49
N LEU G 115 -10.96 -16.69 -12.23
CA LEU G 115 -11.38 -18.06 -12.51
C LEU G 115 -11.59 -18.33 -14.00
N GLU G 116 -12.07 -19.54 -14.33
CA GLU G 116 -12.33 -19.92 -15.71
C GLU G 116 -13.24 -21.15 -15.76
N GLY H 1 -1.11 11.85 -2.69
CA GLY H 1 -1.62 10.45 -2.71
C GLY H 1 -0.62 9.45 -3.24
N SER H 2 -0.97 8.16 -3.12
CA SER H 2 -0.14 7.05 -3.56
C SER H 2 -0.28 6.82 -5.07
N MET H 3 0.72 6.16 -5.65
CA MET H 3 0.71 5.82 -7.09
C MET H 3 0.43 4.34 -7.26
N LYS H 4 -0.25 4.01 -8.34
CA LYS H 4 -0.56 2.64 -8.69
C LYS H 4 -0.27 2.41 -10.17
N LYS H 5 0.22 1.21 -10.49
CA LYS H 5 0.35 0.75 -11.85
C LYS H 5 -0.87 -0.07 -12.28
N VAL H 6 -1.53 0.41 -13.34
CA VAL H 6 -2.61 -0.33 -13.95
C VAL H 6 -2.02 -1.03 -15.15
N GLU H 7 -2.06 -2.36 -15.14
CA GLU H 7 -1.65 -3.20 -16.26
C GLU H 7 -2.86 -3.85 -16.87
N ALA H 8 -3.02 -3.73 -18.18
CA ALA H 8 -4.10 -4.34 -18.90
C ALA H 8 -3.53 -5.22 -19.99
N ILE H 9 -3.98 -6.46 -20.04
CA ILE H 9 -3.66 -7.37 -21.14
C ILE H 9 -4.89 -7.44 -22.03
N ILE H 10 -4.80 -6.91 -23.25
CA ILE H 10 -5.96 -6.78 -24.13
C ILE H 10 -5.69 -7.35 -25.53
N ARG H 11 -6.74 -7.42 -26.34
CA ARG H 11 -6.61 -7.84 -27.73
C ARG H 11 -5.80 -6.83 -28.53
N PRO H 12 -4.90 -7.28 -29.41
CA PRO H 12 -4.08 -6.28 -30.13
C PRO H 12 -4.91 -5.31 -30.98
N GLU H 13 -6.02 -5.78 -31.51
CA GLU H 13 -6.87 -4.95 -32.35
C GLU H 13 -7.65 -3.88 -31.53
N LYS H 14 -7.58 -3.95 -30.21
CA LYS H 14 -8.22 -2.94 -29.36
C LYS H 14 -7.26 -1.85 -28.87
N LEU H 15 -5.98 -1.97 -29.17
CA LEU H 15 -4.97 -1.02 -28.66
C LEU H 15 -5.28 0.42 -29.08
N GLU H 16 -5.53 0.64 -30.37
CA GLU H 16 -5.71 2.01 -30.86
C GLU H 16 -6.91 2.69 -30.21
N ILE H 17 -8.02 1.98 -30.11
CA ILE H 17 -9.24 2.46 -29.47
C ILE H 17 -9.03 2.77 -28.00
N VAL H 18 -8.43 1.82 -27.28
CA VAL H 18 -8.16 1.99 -25.85
C VAL H 18 -7.23 3.18 -25.62
N LYS H 19 -6.16 3.27 -26.40
CA LYS H 19 -5.17 4.35 -26.18
C LYS H 19 -5.76 5.73 -26.50
N LYS H 20 -6.62 5.83 -27.51
CA LYS H 20 -7.31 7.08 -27.78
C LYS H 20 -8.27 7.47 -26.67
N ALA H 21 -9.08 6.53 -26.21
CA ALA H 21 -10.00 6.80 -25.11
C ALA H 21 -9.24 7.24 -23.87
N LEU H 22 -8.12 6.59 -23.58
CA LEU H 22 -7.28 6.98 -22.44
C LEU H 22 -6.73 8.39 -22.64
N SER H 23 -6.23 8.66 -23.83
CA SER H 23 -5.70 9.97 -24.19
C SER H 23 -6.72 11.08 -24.04
N ASP H 24 -7.92 10.85 -24.56
CA ASP H 24 -8.99 11.82 -24.48
C ASP H 24 -9.39 12.14 -23.04
N ALA H 25 -9.21 11.19 -22.13
CA ALA H 25 -9.52 11.40 -20.71
C ALA H 25 -8.33 11.96 -19.93
N GLY H 26 -7.24 12.26 -20.63
CA GLY H 26 -6.08 12.89 -20.02
C GLY H 26 -4.94 11.99 -19.63
N TYR H 27 -5.06 10.69 -19.90
CA TYR H 27 -4.00 9.73 -19.54
C TYR H 27 -3.14 9.43 -20.75
N VAL H 28 -2.09 10.20 -20.90
CA VAL H 28 -1.25 10.17 -22.09
C VAL H 28 0.00 9.30 -21.88
N GLY H 29 0.49 9.24 -20.65
CA GLY H 29 1.68 8.45 -20.36
C GLY H 29 1.31 6.98 -20.22
N MET H 30 1.71 6.17 -21.18
CA MET H 30 1.50 4.73 -21.11
C MET H 30 2.63 4.01 -21.80
N THR H 31 2.90 2.80 -21.35
CA THR H 31 3.89 1.94 -21.96
C THR H 31 3.16 0.74 -22.53
N VAL H 32 3.52 0.37 -23.75
CA VAL H 32 2.87 -0.71 -24.48
C VAL H 32 3.89 -1.78 -24.89
N SER H 33 3.58 -3.04 -24.58
CA SER H 33 4.40 -4.18 -24.96
C SER H 33 3.59 -5.23 -25.71
N GLU H 34 4.29 -5.98 -26.54
CA GLU H 34 3.70 -7.12 -27.22
C GLU H 34 4.02 -8.40 -26.46
N VAL H 35 2.97 -9.11 -26.04
CA VAL H 35 3.09 -10.31 -25.24
C VAL H 35 2.25 -11.43 -25.87
N LYS H 36 2.29 -12.61 -25.26
CA LYS H 36 1.42 -13.71 -25.67
C LYS H 36 0.67 -14.21 -24.47
N GLY H 37 -0.58 -14.56 -24.69
CA GLY H 37 -1.45 -15.00 -23.62
C GLY H 37 -2.14 -16.29 -24.00
N ARG H 38 -2.75 -16.94 -23.02
CA ARG H 38 -3.29 -18.27 -23.20
C ARG H 38 -4.76 -18.39 -22.78
N GLY H 39 -5.51 -19.20 -23.52
CA GLY H 39 -6.91 -19.50 -23.18
C GLY H 39 -7.09 -20.15 -21.81
N VAL H 40 -7.10 -21.48 -21.70
CA VAL H 40 -6.92 -22.44 -22.82
C VAL H 40 -7.14 -23.88 -22.33
N ILE H 54 -2.92 -25.14 -33.67
CA ILE H 54 -3.65 -24.82 -32.45
C ILE H 54 -2.75 -24.83 -31.20
N VAL H 55 -1.58 -24.17 -31.30
CA VAL H 55 -0.77 -23.88 -30.11
C VAL H 55 -1.50 -22.79 -29.33
N ASP H 56 -1.34 -22.81 -28.02
CA ASP H 56 -2.29 -22.12 -27.13
C ASP H 56 -1.91 -20.71 -26.70
N LEU H 57 -0.73 -20.23 -27.05
CA LEU H 57 -0.35 -18.83 -26.79
C LEU H 57 -0.67 -17.97 -27.99
N ILE H 58 -1.50 -16.94 -27.79
CA ILE H 58 -1.75 -16.00 -28.88
C ILE H 58 -1.38 -14.57 -28.52
N PRO H 59 -1.10 -13.75 -29.55
CA PRO H 59 -0.63 -12.41 -29.37
C PRO H 59 -1.63 -11.54 -28.59
N LYS H 60 -1.12 -10.78 -27.65
CA LYS H 60 -1.91 -9.79 -26.91
C LYS H 60 -1.05 -8.55 -26.78
N VAL H 61 -1.65 -7.48 -26.27
CA VAL H 61 -0.90 -6.28 -25.95
C VAL H 61 -1.05 -5.99 -24.46
N LYS H 62 0.07 -5.68 -23.83
CA LYS H 62 0.10 -5.22 -22.45
C LYS H 62 0.22 -3.70 -22.43
N ILE H 63 -0.75 -3.04 -21.81
CA ILE H 63 -0.68 -1.61 -21.55
C ILE H 63 -0.41 -1.40 -20.05
N GLU H 64 0.60 -0.58 -19.75
CA GLU H 64 0.98 -0.21 -18.39
C GLU H 64 0.87 1.32 -18.20
N LEU H 65 0.09 1.73 -17.22
CA LEU H 65 -0.12 3.13 -16.90
C LEU H 65 0.09 3.32 -15.39
N VAL H 66 0.99 4.20 -15.00
CA VAL H 66 1.14 4.55 -13.58
C VAL H 66 0.37 5.86 -13.33
N VAL H 67 -0.59 5.80 -12.40
CA VAL H 67 -1.49 6.91 -12.12
C VAL H 67 -1.64 7.14 -10.62
N LYS H 68 -2.19 8.30 -10.26
CA LYS H 68 -2.61 8.55 -8.89
C LYS H 68 -3.68 7.55 -8.51
N GLU H 69 -3.65 7.08 -7.27
CA GLU H 69 -4.65 6.12 -6.78
C GLU H 69 -6.11 6.54 -7.07
N GLU H 70 -6.40 7.82 -6.93
CA GLU H 70 -7.73 8.34 -7.16
C GLU H 70 -8.22 8.16 -8.62
N ASP H 71 -7.29 8.01 -9.56
CA ASP H 71 -7.64 7.84 -10.96
C ASP H 71 -7.87 6.40 -11.42
N VAL H 72 -7.56 5.43 -10.56
CA VAL H 72 -7.55 4.01 -10.94
C VAL H 72 -8.93 3.51 -11.40
N ASP H 73 -9.98 3.84 -10.67
CA ASP H 73 -11.33 3.44 -11.06
C ASP H 73 -11.69 3.93 -12.46
N ASN H 74 -11.39 5.20 -12.73
CA ASN H 74 -11.65 5.81 -14.04
C ASN H 74 -10.84 5.14 -15.17
N VAL H 75 -9.56 4.90 -14.93
CA VAL H 75 -8.72 4.23 -15.92
C VAL H 75 -9.27 2.81 -16.23
N ILE H 76 -9.62 2.07 -15.18
CA ILE H 76 -10.23 0.74 -15.34
C ILE H 76 -11.55 0.79 -16.15
N ASP H 77 -12.41 1.74 -15.84
CA ASP H 77 -13.69 1.89 -16.57
C ASP H 77 -13.45 2.12 -18.05
N ILE H 78 -12.55 3.05 -18.36
CA ILE H 78 -12.22 3.38 -19.74
C ILE H 78 -11.68 2.19 -20.48
N ILE H 79 -10.74 1.46 -19.86
CA ILE H 79 -10.14 0.31 -20.53
C ILE H 79 -11.20 -0.77 -20.77
N CYS H 80 -11.98 -1.09 -19.76
CA CYS H 80 -13.04 -2.11 -19.88
C CYS H 80 -14.05 -1.77 -20.97
N GLU H 81 -14.54 -0.53 -20.96
CA GLU H 81 -15.52 -0.05 -21.94
C GLU H 81 -15.02 -0.19 -23.38
N ASN H 82 -13.77 0.18 -23.60
CA ASN H 82 -13.19 0.23 -24.94
C ASN H 82 -12.45 -1.05 -25.40
N ALA H 83 -12.10 -1.93 -24.46
CA ALA H 83 -11.40 -3.18 -24.81
C ALA H 83 -12.33 -4.38 -24.93
N ARG H 84 -13.52 -4.28 -24.35
CA ARG H 84 -14.46 -5.41 -24.34
C ARG H 84 -15.10 -5.67 -25.72
N THR H 85 -15.36 -6.94 -25.98
CA THR H 85 -16.06 -7.40 -27.17
C THR H 85 -17.28 -8.28 -26.81
N GLY H 86 -17.31 -8.79 -25.58
CA GLY H 86 -18.33 -9.73 -25.15
C GLY H 86 -17.95 -11.19 -25.38
N ASN H 87 -16.79 -11.44 -25.96
CA ASN H 87 -16.26 -12.78 -26.17
C ASN H 87 -15.15 -13.11 -25.17
N PRO H 88 -15.03 -14.40 -24.80
CA PRO H 88 -13.87 -14.84 -24.01
C PRO H 88 -12.53 -14.42 -24.64
N GLY H 89 -11.62 -13.94 -23.79
CA GLY H 89 -10.32 -13.45 -24.22
C GLY H 89 -10.17 -11.94 -24.29
N ASP H 90 -11.15 -11.21 -23.74
CA ASP H 90 -11.10 -9.75 -23.71
C ASP H 90 -9.95 -9.22 -22.85
N GLY H 91 -9.56 -10.02 -21.85
CA GLY H 91 -8.39 -9.74 -21.06
C GLY H 91 -8.66 -9.44 -19.61
N LYS H 92 -7.58 -9.02 -18.94
CA LYS H 92 -7.59 -8.75 -17.51
C LYS H 92 -6.82 -7.51 -17.19
N ILE H 93 -7.17 -6.91 -16.07
CA ILE H 93 -6.49 -5.73 -15.57
C ILE H 93 -5.96 -6.05 -14.17
N PHE H 94 -4.71 -5.68 -13.91
CA PHE H 94 -4.09 -5.81 -12.60
C PHE H 94 -3.70 -4.46 -12.10
N VAL H 95 -3.93 -4.22 -10.81
CA VAL H 95 -3.47 -3.02 -10.14
C VAL H 95 -2.35 -3.39 -9.15
N ILE H 96 -1.19 -2.75 -9.34
CA ILE H 96 0.02 -3.06 -8.62
C ILE H 96 0.54 -1.79 -7.94
N PRO H 97 0.95 -1.87 -6.65
CA PRO H 97 1.38 -0.65 -5.97
C PRO H 97 2.74 -0.17 -6.50
N VAL H 98 2.86 1.15 -6.66
CA VAL H 98 4.14 1.76 -7.01
C VAL H 98 4.54 2.64 -5.82
N GLU H 99 5.72 2.40 -5.27
CA GLU H 99 6.16 3.12 -4.08
C GLU H 99 6.88 4.43 -4.42
N ARG H 100 7.44 4.52 -5.63
CA ARG H 100 8.15 5.70 -6.07
C ARG H 100 8.08 5.86 -7.58
N VAL H 101 7.95 7.09 -8.03
CA VAL H 101 8.02 7.45 -9.44
C VAL H 101 9.01 8.63 -9.59
N VAL H 102 9.94 8.47 -10.53
CA VAL H 102 11.02 9.44 -10.76
C VAL H 102 11.10 9.79 -12.23
N ARG H 103 11.01 11.08 -12.56
CA ARG H 103 11.18 11.54 -13.93
C ARG H 103 12.69 11.62 -14.21
N VAL H 104 13.15 10.88 -15.22
CA VAL H 104 14.58 10.84 -15.55
C VAL H 104 15.15 12.22 -15.85
N ARG H 105 14.37 13.04 -16.54
CA ARG H 105 14.81 14.33 -17.04
C ARG H 105 15.18 15.31 -15.92
N THR H 106 14.34 15.37 -14.90
CA THR H 106 14.47 16.34 -13.81
C THR H 106 14.81 15.75 -12.44
N LYS H 107 14.75 14.41 -12.33
CA LYS H 107 14.78 13.72 -11.04
C LYS H 107 13.59 14.11 -10.11
N GLU H 108 12.59 14.84 -10.63
CA GLU H 108 11.36 15.12 -9.88
C GLU H 108 10.69 13.79 -9.55
N GLU H 109 10.09 13.71 -8.36
CA GLU H 109 9.40 12.50 -7.89
C GLU H 109 7.93 12.79 -7.61
N GLY H 110 7.12 11.74 -7.52
CA GLY H 110 5.71 11.88 -7.14
C GLY H 110 4.78 12.30 -8.28
N LYS H 111 3.77 13.11 -7.96
CA LYS H 111 2.77 13.49 -8.96
C LYS H 111 3.35 14.47 -9.96
N GLU H 112 4.36 15.23 -9.54
CA GLU H 112 5.09 16.12 -10.46
C GLU H 112 6.00 15.34 -11.42
N ALA H 113 6.28 14.07 -11.11
CA ALA H 113 6.98 13.21 -12.05
C ALA H 113 6.05 12.75 -13.19
N LEU H 114 4.74 12.84 -12.99
CA LEU H 114 3.74 12.37 -13.96
C LEU H 114 3.22 13.51 -14.83
N GLY I 1 15.20 -7.39 5.98
CA GLY I 1 15.23 -6.34 4.93
C GLY I 1 14.25 -6.69 3.84
N SER I 2 14.09 -5.77 2.89
CA SER I 2 13.17 -5.96 1.78
C SER I 2 13.89 -5.71 0.45
N MET I 3 13.24 -6.14 -0.62
CA MET I 3 13.77 -5.94 -1.96
C MET I 3 12.72 -5.28 -2.82
N LYS I 4 13.21 -4.59 -3.83
CA LYS I 4 12.39 -3.76 -4.68
C LYS I 4 12.76 -4.00 -6.13
N LYS I 5 11.76 -3.88 -6.99
CA LYS I 5 11.99 -3.81 -8.44
C LYS I 5 12.08 -2.37 -8.92
N VAL I 6 13.20 -2.04 -9.55
CA VAL I 6 13.36 -0.75 -10.21
C VAL I 6 13.06 -1.00 -11.68
N GLU I 7 12.06 -0.29 -12.21
CA GLU I 7 11.75 -0.32 -13.64
C GLU I 7 12.03 1.03 -14.26
N ALA I 8 12.87 1.06 -15.29
CA ALA I 8 13.15 2.29 -16.01
C ALA I 8 12.69 2.12 -17.46
N ILE I 9 11.94 3.09 -17.95
CA ILE I 9 11.60 3.18 -19.35
C ILE I 9 12.40 4.33 -19.96
N ILE I 10 13.38 4.01 -20.80
CA ILE I 10 14.36 5.00 -21.30
C ILE I 10 14.47 4.97 -22.83
N ARG I 11 15.23 5.90 -23.39
CA ARG I 11 15.48 5.95 -24.84
C ARG I 11 16.32 4.77 -25.25
N PRO I 12 15.97 4.12 -26.38
CA PRO I 12 16.75 2.94 -26.76
C PRO I 12 18.25 3.20 -26.92
N GLU I 13 18.59 4.38 -27.37
CA GLU I 13 20.00 4.76 -27.60
C GLU I 13 20.76 4.96 -26.29
N LYS I 14 20.05 4.93 -25.16
CA LYS I 14 20.72 5.05 -23.87
C LYS I 14 20.92 3.73 -23.15
N LEU I 15 20.48 2.63 -23.74
CA LEU I 15 20.58 1.32 -23.08
C LEU I 15 22.01 0.94 -22.76
N GLU I 16 22.89 1.08 -23.76
CA GLU I 16 24.26 0.57 -23.59
C GLU I 16 25.02 1.35 -22.50
N ILE I 17 24.86 2.67 -22.47
CA ILE I 17 25.53 3.50 -21.46
C ILE I 17 24.97 3.24 -20.06
N VAL I 18 23.64 3.13 -19.94
CA VAL I 18 23.02 2.81 -18.66
C VAL I 18 23.46 1.46 -18.16
N LYS I 19 23.41 0.46 -19.04
CA LYS I 19 23.75 -0.90 -18.66
C LYS I 19 25.19 -1.00 -18.18
N LYS I 20 26.08 -0.29 -18.86
CA LYS I 20 27.49 -0.25 -18.46
C LYS I 20 27.69 0.39 -17.09
N ALA I 21 27.10 1.57 -16.93
CA ALA I 21 27.17 2.30 -15.68
C ALA I 21 26.64 1.45 -14.53
N LEU I 22 25.52 0.77 -14.74
CA LEU I 22 24.95 -0.11 -13.73
C LEU I 22 25.92 -1.23 -13.42
N SER I 23 26.47 -1.84 -14.47
CA SER I 23 27.43 -2.95 -14.33
C SER I 23 28.67 -2.55 -13.54
N ASP I 24 29.21 -1.38 -13.87
CA ASP I 24 30.39 -0.85 -13.19
C ASP I 24 30.15 -0.63 -11.69
N ALA I 25 28.90 -0.33 -11.32
CA ALA I 25 28.56 -0.13 -9.88
C ALA I 25 28.14 -1.44 -9.20
N GLY I 26 28.23 -2.54 -9.93
CA GLY I 26 27.99 -3.87 -9.37
C GLY I 26 26.61 -4.43 -9.59
N TYR I 27 25.77 -3.74 -10.36
CA TYR I 27 24.41 -4.23 -10.65
C TYR I 27 24.39 -4.87 -12.02
N VAL I 28 24.58 -6.18 -12.03
CA VAL I 28 24.74 -6.91 -13.29
C VAL I 28 23.48 -7.71 -13.67
N GLY I 29 22.62 -7.99 -12.70
CA GLY I 29 21.38 -8.70 -12.97
C GLY I 29 20.26 -7.76 -13.40
N MET I 30 19.99 -7.69 -14.69
CA MET I 30 18.92 -6.85 -15.20
C MET I 30 18.21 -7.55 -16.33
N THR I 31 16.93 -7.23 -16.50
CA THR I 31 16.13 -7.76 -17.59
C THR I 31 15.74 -6.60 -18.48
N VAL I 32 15.85 -6.83 -19.78
CA VAL I 32 15.61 -5.75 -20.74
C VAL I 32 14.53 -6.18 -21.72
N SER I 33 13.55 -5.30 -21.97
CA SER I 33 12.52 -5.61 -22.97
C SER I 33 12.21 -4.41 -23.83
N GLU I 34 11.81 -4.68 -25.06
CA GLU I 34 11.45 -3.65 -26.00
C GLU I 34 9.99 -3.30 -25.81
N VAL I 35 9.71 -2.00 -25.64
CA VAL I 35 8.34 -1.54 -25.46
C VAL I 35 8.11 -0.32 -26.36
N LYS I 36 6.90 0.21 -26.32
CA LYS I 36 6.60 1.47 -26.96
C LYS I 36 6.03 2.40 -25.93
N GLY I 37 6.49 3.64 -25.99
CA GLY I 37 6.10 4.66 -25.06
C GLY I 37 5.36 5.84 -25.69
N ARG I 38 4.61 6.53 -24.84
CA ARG I 38 3.89 7.75 -25.22
C ARG I 38 4.02 8.76 -24.07
N GLY I 39 4.13 10.04 -24.43
CA GLY I 39 4.02 11.16 -23.48
C GLY I 39 3.47 12.40 -24.17
N VAL I 40 3.77 13.57 -23.62
CA VAL I 40 3.56 14.85 -24.33
C VAL I 40 4.79 15.09 -25.21
N GLN I 41 4.58 15.44 -26.49
CA GLN I 41 5.62 15.24 -27.51
C GLN I 41 5.72 16.38 -28.57
N GLY I 42 5.43 16.08 -29.84
CA GLY I 42 5.65 17.02 -30.95
C GLY I 42 4.37 17.42 -31.67
N GLY I 43 4.08 16.84 -32.84
CA GLY I 43 4.78 15.66 -33.36
C GLY I 43 5.99 15.93 -34.23
N ILE I 44 6.47 14.94 -34.97
CA ILE I 44 5.86 13.59 -35.18
C ILE I 44 4.40 13.63 -35.66
N VAL I 45 4.10 14.62 -36.50
CA VAL I 45 2.80 14.73 -37.16
C VAL I 45 3.05 15.17 -38.60
N GLU I 46 3.01 14.20 -39.52
CA GLU I 46 3.32 14.46 -40.94
C GLU I 46 2.04 14.68 -41.76
N ARG I 47 2.23 15.07 -43.02
CA ARG I 47 1.12 15.30 -43.94
C ARG I 47 0.89 14.06 -44.77
N TYR I 48 -0.36 13.61 -44.84
CA TYR I 48 -0.72 12.50 -45.71
C TYR I 48 -2.07 12.76 -46.35
N ARG I 49 -2.09 12.76 -47.68
CA ARG I 49 -3.32 12.87 -48.45
C ARG I 49 -4.14 14.10 -48.00
N GLY I 50 -3.45 15.22 -47.85
CA GLY I 50 -3.95 16.37 -47.14
C GLY I 50 -2.94 16.70 -46.06
N ARG I 51 -3.42 17.04 -44.87
CA ARG I 51 -2.54 17.43 -43.77
C ARG I 51 -3.10 16.97 -42.43
N GLU I 52 -2.86 15.69 -42.13
CA GLU I 52 -3.26 15.11 -40.85
C GLU I 52 -2.50 13.82 -40.59
N TYR I 53 -1.95 13.69 -39.38
CA TYR I 53 -1.26 12.47 -38.97
C TYR I 53 -1.06 12.48 -37.46
N ILE I 54 -0.71 11.32 -36.91
CA ILE I 54 -0.51 11.21 -35.47
C ILE I 54 0.00 9.83 -35.10
N VAL I 55 1.31 9.73 -34.87
CA VAL I 55 1.94 8.53 -34.34
C VAL I 55 2.50 8.87 -32.96
N ASP I 56 1.86 8.33 -31.93
CA ASP I 56 2.15 8.74 -30.56
C ASP I 56 2.99 7.73 -29.80
N LEU I 57 3.05 6.49 -30.27
CA LEU I 57 3.88 5.48 -29.62
C LEU I 57 5.20 5.45 -30.34
N ILE I 58 6.25 5.22 -29.58
CA ILE I 58 7.60 5.25 -30.07
C ILE I 58 8.45 4.27 -29.31
N PRO I 59 9.42 3.65 -30.00
CA PRO I 59 10.19 2.62 -29.33
C PRO I 59 10.93 3.13 -28.09
N LYS I 60 10.81 2.38 -27.00
CA LYS I 60 11.56 2.63 -25.79
C LYS I 60 12.08 1.31 -25.28
N VAL I 61 12.95 1.37 -24.29
CA VAL I 61 13.46 0.15 -23.67
C VAL I 61 13.10 0.16 -22.20
N LYS I 62 12.64 -0.99 -21.71
CA LYS I 62 12.33 -1.15 -20.29
C LYS I 62 13.45 -1.94 -19.66
N ILE I 63 14.07 -1.37 -18.63
CA ILE I 63 15.04 -2.09 -17.81
C ILE I 63 14.41 -2.40 -16.47
N GLU I 64 14.51 -3.65 -16.04
CA GLU I 64 13.99 -4.09 -14.77
C GLU I 64 15.14 -4.66 -13.95
N LEU I 65 15.32 -4.15 -12.74
CA LEU I 65 16.36 -4.62 -11.81
C LEU I 65 15.74 -4.84 -10.45
N VAL I 66 15.90 -6.03 -9.87
CA VAL I 66 15.44 -6.29 -8.49
C VAL I 66 16.65 -6.18 -7.59
N VAL I 67 16.60 -5.28 -6.63
CA VAL I 67 17.71 -4.99 -5.73
C VAL I 67 17.24 -4.91 -4.28
N LYS I 68 18.19 -4.96 -3.36
CA LYS I 68 17.92 -4.67 -1.96
C LYS I 68 17.43 -3.25 -1.84
N GLU I 69 16.49 -3.04 -0.93
CA GLU I 69 15.90 -1.73 -0.74
C GLU I 69 16.96 -0.62 -0.54
N GLU I 70 18.05 -0.95 0.16
CA GLU I 70 19.12 0.03 0.41
C GLU I 70 19.86 0.50 -0.85
N ASP I 71 19.80 -0.31 -1.91
CA ASP I 71 20.47 0.03 -3.17
C ASP I 71 19.60 0.86 -4.14
N VAL I 72 18.33 1.07 -3.82
CA VAL I 72 17.38 1.71 -4.75
C VAL I 72 17.80 3.13 -5.11
N ASP I 73 18.15 3.95 -4.12
CA ASP I 73 18.55 5.34 -4.42
C ASP I 73 19.73 5.39 -5.35
N ASN I 74 20.72 4.54 -5.12
CA ASN I 74 21.93 4.49 -5.97
C ASN I 74 21.61 4.04 -7.39
N VAL I 75 20.80 3.01 -7.54
CA VAL I 75 20.39 2.58 -8.88
C VAL I 75 19.64 3.69 -9.64
N ILE I 76 18.75 4.39 -8.94
CA ILE I 76 17.99 5.47 -9.55
C ILE I 76 18.93 6.60 -10.00
N ASP I 77 19.89 6.96 -9.14
CA ASP I 77 20.86 8.01 -9.47
C ASP I 77 21.64 7.67 -10.72
N ILE I 78 22.17 6.45 -10.77
CA ILE I 78 22.94 5.98 -11.93
C ILE I 78 22.09 6.03 -13.22
N ILE I 79 20.86 5.52 -13.16
CA ILE I 79 20.00 5.53 -14.35
C ILE I 79 19.70 6.95 -14.79
N CYS I 80 19.32 7.82 -13.88
CA CYS I 80 19.00 9.21 -14.25
C CYS I 80 20.22 9.92 -14.87
N GLU I 81 21.37 9.76 -14.24
CA GLU I 81 22.59 10.41 -14.70
C GLU I 81 22.94 10.03 -16.14
N ASN I 82 22.84 8.74 -16.44
CA ASN I 82 23.24 8.20 -17.71
C ASN I 82 22.14 8.16 -18.79
N ALA I 83 20.86 8.22 -18.40
CA ALA I 83 19.75 8.15 -19.37
C ALA I 83 19.27 9.51 -19.79
N ARG I 84 19.58 10.54 -19.01
CA ARG I 84 19.02 11.83 -19.35
C ARG I 84 19.77 12.52 -20.50
N THR I 85 19.03 13.36 -21.20
CA THR I 85 19.52 14.15 -22.32
C THR I 85 19.10 15.61 -22.16
N GLY I 86 18.12 15.88 -21.31
CA GLY I 86 17.59 17.22 -21.11
C GLY I 86 16.43 17.57 -22.01
N ASN I 87 16.00 16.61 -22.83
CA ASN I 87 14.84 16.79 -23.68
C ASN I 87 13.65 15.97 -23.19
N PRO I 88 12.43 16.40 -23.49
CA PRO I 88 11.26 15.61 -23.15
C PRO I 88 11.36 14.20 -23.76
N GLY I 89 10.96 13.20 -22.99
CA GLY I 89 11.02 11.83 -23.44
C GLY I 89 12.17 11.02 -22.90
N ASP I 90 12.86 11.54 -21.88
CA ASP I 90 13.97 10.83 -21.25
C ASP I 90 13.49 9.60 -20.49
N GLY I 91 12.27 9.65 -20.02
CA GLY I 91 11.65 8.49 -19.41
C GLY I 91 11.35 8.61 -17.93
N LYS I 92 10.92 7.48 -17.35
CA LYS I 92 10.47 7.40 -15.97
C LYS I 92 10.97 6.14 -15.30
N ILE I 93 11.08 6.20 -13.98
CA ILE I 93 11.50 5.08 -13.17
C ILE I 93 10.40 4.80 -12.14
N PHE I 94 10.03 3.54 -12.00
CA PHE I 94 9.03 3.13 -11.02
C PHE I 94 9.68 2.17 -10.08
N VAL I 95 9.32 2.26 -8.79
CA VAL I 95 9.82 1.32 -7.79
C VAL I 95 8.62 0.53 -7.30
N ILE I 96 8.75 -0.80 -7.38
CA ILE I 96 7.67 -1.70 -7.08
C ILE I 96 8.14 -2.71 -6.03
N PRO I 97 7.32 -2.97 -5.00
CA PRO I 97 7.72 -3.97 -4.02
C PRO I 97 7.82 -5.38 -4.53
N VAL I 98 8.84 -6.12 -4.11
CA VAL I 98 8.96 -7.54 -4.44
C VAL I 98 8.96 -8.25 -3.10
N GLU I 99 8.03 -9.18 -2.91
CA GLU I 99 7.86 -9.86 -1.65
C GLU I 99 8.72 -11.10 -1.53
N ARG I 100 9.16 -11.65 -2.66
CA ARG I 100 9.95 -12.87 -2.68
C ARG I 100 10.78 -12.96 -3.94
N VAL I 101 12.01 -13.45 -3.79
CA VAL I 101 12.90 -13.75 -4.92
C VAL I 101 13.40 -15.18 -4.71
N VAL I 102 13.34 -15.98 -5.78
CA VAL I 102 13.76 -17.36 -5.75
C VAL I 102 14.66 -17.66 -6.93
N ARG I 103 15.80 -18.28 -6.64
CA ARG I 103 16.67 -18.77 -7.68
C ARG I 103 16.12 -20.10 -8.15
N VAL I 104 15.80 -20.19 -9.44
CA VAL I 104 15.29 -21.43 -10.02
C VAL I 104 16.23 -22.61 -9.81
N ARG I 105 17.52 -22.37 -9.97
CA ARG I 105 18.52 -23.44 -10.02
C ARG I 105 18.74 -24.11 -8.68
N THR I 106 18.77 -23.32 -7.61
CA THR I 106 19.01 -23.85 -6.25
C THR I 106 17.83 -23.75 -5.28
N LYS I 107 16.80 -23.00 -5.67
CA LYS I 107 15.68 -22.62 -4.77
C LYS I 107 16.11 -21.73 -3.61
N GLU I 108 17.26 -21.08 -3.73
CA GLU I 108 17.66 -20.05 -2.78
C GLU I 108 16.63 -18.91 -2.78
N GLU I 109 16.40 -18.34 -1.60
CA GLU I 109 15.43 -17.27 -1.44
C GLU I 109 16.06 -16.05 -0.80
N GLY I 110 15.32 -14.95 -0.81
CA GLY I 110 15.78 -13.73 -0.19
C GLY I 110 16.91 -13.09 -0.93
N LYS I 111 17.56 -12.13 -0.27
CA LYS I 111 18.58 -11.28 -0.88
C LYS I 111 19.85 -12.02 -1.34
N GLU I 112 19.99 -13.29 -0.95
CA GLU I 112 21.10 -14.12 -1.40
C GLU I 112 20.84 -14.63 -2.81
N ALA I 113 19.58 -14.94 -3.13
CA ALA I 113 19.18 -15.39 -4.48
C ALA I 113 19.40 -14.31 -5.55
N LEU I 114 19.58 -13.07 -5.09
CA LEU I 114 19.93 -11.92 -5.92
C LEU I 114 21.41 -11.90 -6.38
N LEU I 115 22.32 -12.47 -5.58
CA LEU I 115 23.76 -12.43 -5.90
C LEU I 115 24.08 -13.06 -7.26
N GLU I 116 25.12 -12.58 -7.93
CA GLU I 116 25.54 -13.17 -9.20
C GLU I 116 27.05 -13.12 -9.35
N GLY J 1 31.99 -1.35 -58.92
CA GLY J 1 31.70 -2.82 -58.83
C GLY J 1 30.32 -3.10 -58.25
N SER J 2 30.17 -4.24 -57.62
CA SER J 2 28.88 -4.68 -57.12
C SER J 2 28.86 -4.72 -55.59
N MET J 3 27.66 -4.93 -55.08
CA MET J 3 27.40 -4.96 -53.66
C MET J 3 26.87 -6.34 -53.33
N LYS J 4 27.18 -6.82 -52.14
CA LYS J 4 26.72 -8.11 -51.70
C LYS J 4 26.18 -7.96 -50.29
N LYS J 5 25.13 -8.73 -49.99
CA LYS J 5 24.65 -8.88 -48.62
C LYS J 5 25.27 -10.09 -47.96
N VAL J 6 25.93 -9.85 -46.84
CA VAL J 6 26.46 -10.95 -46.05
C VAL J 6 25.54 -11.17 -44.89
N GLU J 7 24.96 -12.35 -44.82
CA GLU J 7 24.07 -12.72 -43.72
C GLU J 7 24.74 -13.75 -42.88
N ALA J 8 24.81 -13.52 -41.57
CA ALA J 8 25.35 -14.50 -40.65
C ALA J 8 24.31 -14.85 -39.61
N ILE J 9 24.09 -16.14 -39.41
CA ILE J 9 23.26 -16.62 -38.32
C ILE J 9 24.19 -17.20 -37.24
N ILE J 10 24.30 -16.51 -36.11
CA ILE J 10 25.26 -16.85 -35.05
C ILE J 10 24.60 -17.00 -33.68
N ARG J 11 25.37 -17.48 -32.71
CA ARG J 11 24.93 -17.60 -31.32
C ARG J 11 24.71 -16.22 -30.73
N PRO J 12 23.59 -16.03 -30.00
CA PRO J 12 23.31 -14.70 -29.46
C PRO J 12 24.42 -14.13 -28.58
N GLU J 13 25.09 -15.00 -27.83
CA GLU J 13 26.18 -14.55 -26.95
C GLU J 13 27.42 -14.09 -27.71
N LYS J 14 27.45 -14.28 -29.04
CA LYS J 14 28.59 -13.82 -29.84
C LYS J 14 28.33 -12.50 -30.55
N LEU J 15 27.13 -11.96 -30.40
CA LEU J 15 26.77 -10.74 -31.10
C LEU J 15 27.70 -9.58 -30.77
N GLU J 16 27.93 -9.35 -29.48
CA GLU J 16 28.69 -8.19 -29.06
C GLU J 16 30.14 -8.23 -29.58
N ILE J 17 30.78 -9.38 -29.47
CA ILE J 17 32.16 -9.51 -29.93
C ILE J 17 32.26 -9.39 -31.47
N VAL J 18 31.36 -10.04 -32.19
CA VAL J 18 31.35 -9.96 -33.66
C VAL J 18 31.09 -8.54 -34.13
N LYS J 19 30.13 -7.87 -33.52
CA LYS J 19 29.80 -6.49 -33.87
C LYS J 19 30.95 -5.51 -33.60
N LYS J 20 31.67 -5.73 -32.50
CA LYS J 20 32.84 -4.91 -32.17
C LYS J 20 33.94 -5.11 -33.18
N ALA J 21 34.29 -6.37 -33.41
CA ALA J 21 35.32 -6.73 -34.39
C ALA J 21 34.99 -6.18 -35.79
N LEU J 22 33.72 -6.25 -36.19
CA LEU J 22 33.32 -5.67 -37.48
C LEU J 22 33.50 -4.15 -37.47
N SER J 23 33.06 -3.51 -36.38
CA SER J 23 33.16 -2.06 -36.27
C SER J 23 34.61 -1.57 -36.26
N ASP J 24 35.49 -2.32 -35.60
CA ASP J 24 36.92 -1.99 -35.56
C ASP J 24 37.60 -2.12 -36.90
N ALA J 25 37.06 -2.98 -37.78
CA ALA J 25 37.57 -3.10 -39.15
C ALA J 25 36.90 -2.11 -40.13
N GLY J 26 36.02 -1.26 -39.61
CA GLY J 26 35.36 -0.24 -40.42
C GLY J 26 33.98 -0.57 -40.95
N TYR J 27 33.42 -1.72 -40.58
CA TYR J 27 32.06 -2.11 -41.01
C TYR J 27 31.05 -1.81 -39.90
N VAL J 28 30.47 -0.62 -39.98
CA VAL J 28 29.60 -0.10 -38.93
C VAL J 28 28.10 -0.25 -39.26
N GLY J 29 27.78 -0.32 -40.54
CA GLY J 29 26.40 -0.46 -40.95
C GLY J 29 26.00 -1.92 -40.95
N MET J 30 25.26 -2.35 -39.95
CA MET J 30 24.72 -3.71 -39.91
C MET J 30 23.31 -3.69 -39.37
N THR J 31 22.52 -4.66 -39.80
CA THR J 31 21.16 -4.85 -39.30
C THR J 31 21.16 -6.15 -38.53
N VAL J 32 20.52 -6.14 -37.37
CA VAL J 32 20.50 -7.30 -36.49
C VAL J 32 19.06 -7.70 -36.16
N SER J 33 18.75 -8.99 -36.26
CA SER J 33 17.40 -9.46 -35.97
C SER J 33 17.42 -10.75 -35.17
N GLU J 34 16.43 -10.92 -34.31
CA GLU J 34 16.33 -12.10 -33.47
C GLU J 34 15.59 -13.13 -34.29
N VAL J 35 16.17 -14.33 -34.40
CA VAL J 35 15.55 -15.44 -35.13
C VAL J 35 15.63 -16.69 -34.28
N LYS J 36 15.12 -17.79 -34.80
CA LYS J 36 15.31 -19.09 -34.19
C LYS J 36 15.83 -20.02 -35.24
N GLY J 37 16.71 -20.92 -34.82
CA GLY J 37 17.37 -21.81 -35.74
C GLY J 37 17.22 -23.24 -35.35
N ARG J 38 17.01 -24.08 -36.37
CA ARG J 38 17.24 -25.50 -36.26
C ARG J 38 18.52 -25.85 -37.03
N GLY J 39 19.35 -26.66 -36.38
CA GLY J 39 20.57 -27.19 -36.98
C GLY J 39 20.51 -28.70 -37.17
N VAL J 40 21.46 -29.22 -37.95
CA VAL J 40 21.56 -30.68 -38.27
C VAL J 40 21.43 -31.60 -37.05
N GLN J 41 21.94 -31.17 -35.90
CA GLN J 41 21.77 -31.88 -34.62
C GLN J 41 20.39 -32.54 -34.44
N GLY J 42 19.35 -31.73 -34.22
CA GLY J 42 17.99 -32.25 -33.98
C GLY J 42 17.22 -31.52 -32.89
N GLY J 43 17.95 -31.12 -31.83
CA GLY J 43 17.40 -30.29 -30.74
C GLY J 43 17.38 -30.98 -29.39
N ILE J 44 16.87 -30.29 -28.38
CA ILE J 44 16.53 -30.90 -27.09
C ILE J 44 15.19 -31.66 -27.28
N VAL J 45 14.87 -32.72 -26.51
CA VAL J 45 15.61 -33.28 -25.35
C VAL J 45 14.74 -33.28 -24.07
N GLU J 46 13.47 -32.88 -24.18
CA GLU J 46 12.62 -32.66 -23.00
C GLU J 46 11.59 -33.78 -22.78
N ARG J 47 11.42 -34.14 -21.50
CA ARG J 47 10.41 -35.12 -21.08
C ARG J 47 9.61 -34.60 -19.90
N TYR J 48 8.29 -34.67 -20.02
CA TYR J 48 7.39 -34.33 -18.94
C TYR J 48 6.14 -35.22 -19.02
N ARG J 49 5.75 -35.80 -17.88
CA ARG J 49 4.51 -36.57 -17.80
C ARG J 49 4.52 -37.71 -18.83
N GLY J 50 5.67 -38.37 -18.97
CA GLY J 50 5.85 -39.45 -19.95
C GLY J 50 5.85 -39.05 -21.42
N ARG J 51 5.63 -37.76 -21.72
CA ARG J 51 5.59 -37.27 -23.11
C ARG J 51 6.93 -36.72 -23.53
N GLU J 52 7.19 -36.73 -24.83
CA GLU J 52 8.41 -36.15 -25.41
C GLU J 52 8.07 -34.82 -26.05
N TYR J 53 8.81 -33.79 -25.65
CA TYR J 53 8.70 -32.46 -26.24
C TYR J 53 10.06 -32.07 -26.83
N ILE J 54 10.17 -32.11 -28.14
CA ILE J 54 11.40 -31.72 -28.83
C ILE J 54 11.41 -30.19 -28.95
N VAL J 55 12.49 -29.57 -28.47
CA VAL J 55 12.74 -28.16 -28.71
C VAL J 55 13.79 -28.08 -29.81
N ASP J 56 13.36 -27.91 -31.05
CA ASP J 56 14.29 -27.94 -32.19
C ASP J 56 14.60 -26.53 -32.70
N LEU J 57 13.88 -25.53 -32.21
CA LEU J 57 14.14 -24.15 -32.57
C LEU J 57 14.66 -23.42 -31.35
N ILE J 58 15.88 -22.90 -31.44
CA ILE J 58 16.47 -22.17 -30.35
C ILE J 58 16.94 -20.79 -30.85
N PRO J 59 17.07 -19.83 -29.94
CA PRO J 59 17.39 -18.47 -30.29
C PRO J 59 18.74 -18.31 -30.98
N LYS J 60 18.74 -17.55 -32.06
CA LYS J 60 19.94 -17.15 -32.77
C LYS J 60 19.82 -15.70 -33.14
N VAL J 61 20.92 -15.13 -33.61
CA VAL J 61 20.94 -13.78 -34.06
C VAL J 61 21.35 -13.76 -35.51
N LYS J 62 20.60 -13.02 -36.33
CA LYS J 62 20.92 -12.82 -37.74
C LYS J 62 21.53 -11.43 -37.93
N ILE J 63 22.77 -11.39 -38.41
CA ILE J 63 23.42 -10.13 -38.77
C ILE J 63 23.43 -10.03 -40.29
N GLU J 64 23.03 -8.85 -40.79
CA GLU J 64 23.02 -8.56 -42.21
C GLU J 64 23.87 -7.34 -42.47
N LEU J 65 24.84 -7.47 -43.35
CA LEU J 65 25.71 -6.37 -43.73
C LEU J 65 25.80 -6.29 -45.25
N VAL J 66 25.48 -5.14 -45.83
CA VAL J 66 25.65 -4.96 -47.27
C VAL J 66 26.96 -4.20 -47.51
N VAL J 67 27.87 -4.84 -48.23
CA VAL J 67 29.22 -4.33 -48.46
C VAL J 67 29.58 -4.44 -49.95
N LYS J 68 30.64 -3.70 -50.33
CA LYS J 68 31.29 -3.85 -51.63
C LYS J 68 31.77 -5.28 -51.80
N GLU J 69 31.64 -5.84 -52.99
CA GLU J 69 32.04 -7.23 -53.24
C GLU J 69 33.49 -7.53 -52.80
N GLU J 70 34.38 -6.55 -52.95
CA GLU J 70 35.77 -6.72 -52.57
C GLU J 70 35.99 -6.91 -51.07
N ASP J 71 35.03 -6.49 -50.25
CA ASP J 71 35.15 -6.61 -48.78
C ASP J 71 34.54 -7.87 -48.21
N VAL J 72 33.91 -8.71 -49.04
CA VAL J 72 33.18 -9.89 -48.56
C VAL J 72 34.07 -10.88 -47.84
N ASP J 73 35.22 -11.19 -48.44
CA ASP J 73 36.13 -12.16 -47.85
C ASP J 73 36.60 -11.73 -46.47
N ASN J 74 36.90 -10.46 -46.32
CA ASN J 74 37.32 -9.92 -45.04
C ASN J 74 36.20 -9.94 -44.00
N VAL J 75 34.98 -9.56 -44.39
CA VAL J 75 33.84 -9.64 -43.45
C VAL J 75 33.63 -11.05 -42.98
N ILE J 76 33.66 -12.00 -43.91
CA ILE J 76 33.47 -13.42 -43.61
C ILE J 76 34.56 -13.92 -42.63
N ASP J 77 35.80 -13.53 -42.87
CA ASP J 77 36.91 -13.88 -41.98
C ASP J 77 36.68 -13.41 -40.55
N ILE J 78 36.37 -12.12 -40.43
CA ILE J 78 36.12 -11.51 -39.14
C ILE J 78 34.96 -12.19 -38.41
N ILE J 79 33.86 -12.44 -39.13
CA ILE J 79 32.72 -13.12 -38.52
C ILE J 79 33.07 -14.50 -38.01
N CYS J 80 33.71 -15.30 -38.85
CA CYS J 80 34.08 -16.67 -38.49
C CYS J 80 35.05 -16.70 -37.28
N GLU J 81 36.05 -15.83 -37.30
CA GLU J 81 37.04 -15.72 -36.21
C GLU J 81 36.37 -15.49 -34.87
N ASN J 82 35.49 -14.50 -34.86
CA ASN J 82 34.89 -14.00 -33.64
C ASN J 82 33.59 -14.71 -33.19
N ALA J 83 32.93 -15.44 -34.11
CA ALA J 83 31.69 -16.15 -33.79
C ALA J 83 31.90 -17.63 -33.46
N ARG J 84 33.04 -18.19 -33.88
CA ARG J 84 33.27 -19.61 -33.69
C ARG J 84 33.57 -19.93 -32.21
N THR J 85 33.18 -21.14 -31.80
CA THR J 85 33.49 -21.71 -30.50
C THR J 85 34.11 -23.10 -30.63
N GLY J 86 33.99 -23.71 -31.81
CA GLY J 86 34.43 -25.07 -32.01
C GLY J 86 33.40 -26.14 -31.73
N ASN J 87 32.21 -25.74 -31.30
CA ASN J 87 31.10 -26.68 -31.08
C ASN J 87 30.04 -26.56 -32.18
N PRO J 88 29.28 -27.64 -32.42
CA PRO J 88 28.16 -27.57 -33.37
C PRO J 88 27.18 -26.46 -32.98
N GLY J 89 26.67 -25.75 -33.98
CA GLY J 89 25.76 -24.65 -33.76
C GLY J 89 26.40 -23.28 -33.82
N ASP J 90 27.64 -23.19 -34.31
CA ASP J 90 28.31 -21.90 -34.44
C ASP J 90 27.67 -21.01 -35.52
N GLY J 91 27.00 -21.63 -36.48
CA GLY J 91 26.24 -20.88 -37.45
C GLY J 91 26.72 -20.96 -38.88
N LYS J 92 26.07 -20.17 -39.74
CA LYS J 92 26.32 -20.19 -41.18
C LYS J 92 26.28 -18.77 -41.69
N ILE J 93 27.02 -18.54 -42.78
CA ILE J 93 27.06 -17.26 -43.45
C ILE J 93 26.57 -17.50 -44.88
N PHE J 94 25.73 -16.60 -45.38
CA PHE J 94 25.21 -16.65 -46.73
C PHE J 94 25.51 -15.35 -47.42
N VAL J 95 25.92 -15.42 -48.68
CA VAL J 95 26.21 -14.23 -49.47
C VAL J 95 25.19 -14.12 -50.56
N ILE J 96 24.50 -12.97 -50.58
CA ILE J 96 23.39 -12.75 -51.48
C ILE J 96 23.66 -11.50 -52.34
N PRO J 97 23.40 -11.59 -53.65
CA PRO J 97 23.60 -10.40 -54.48
C PRO J 97 22.64 -9.26 -54.16
N VAL J 98 23.18 -8.04 -54.12
CA VAL J 98 22.36 -6.82 -54.02
C VAL J 98 22.56 -6.02 -55.29
N GLU J 99 21.47 -5.75 -56.02
CA GLU J 99 21.55 -5.09 -57.31
C GLU J 99 21.53 -3.58 -57.18
N ARG J 100 21.01 -3.06 -56.08
CA ARG J 100 20.94 -1.60 -55.88
C ARG J 100 20.86 -1.26 -54.40
N VAL J 101 21.50 -0.16 -54.02
CA VAL J 101 21.45 0.38 -52.64
C VAL J 101 21.05 1.85 -52.80
N VAL J 102 20.06 2.28 -52.03
CA VAL J 102 19.60 3.67 -52.05
C VAL J 102 19.50 4.20 -50.62
N ARG J 103 19.93 5.45 -50.45
CA ARG J 103 19.83 6.17 -49.19
C ARG J 103 18.52 6.94 -49.13
N VAL J 104 17.72 6.64 -48.13
CA VAL J 104 16.39 7.21 -48.04
C VAL J 104 16.45 8.75 -48.02
N ARG J 105 17.36 9.27 -47.21
CA ARG J 105 17.42 10.71 -47.00
C ARG J 105 17.63 11.53 -48.28
N THR J 106 18.61 11.14 -49.09
CA THR J 106 19.01 11.92 -50.25
C THR J 106 18.51 11.34 -51.56
N LYS J 107 17.88 10.16 -51.50
CA LYS J 107 17.46 9.43 -52.70
C LYS J 107 18.64 9.03 -53.58
N GLU J 108 19.86 9.14 -53.05
CA GLU J 108 21.07 8.84 -53.81
C GLU J 108 21.32 7.32 -53.82
N GLU J 109 22.08 6.86 -54.82
CA GLU J 109 22.17 5.44 -55.12
C GLU J 109 23.60 5.03 -55.35
N GLY J 110 23.90 3.76 -55.09
CA GLY J 110 25.24 3.22 -55.32
C GLY J 110 26.15 3.22 -54.09
N LYS J 111 27.44 3.08 -54.33
CA LYS J 111 28.42 3.00 -53.23
C LYS J 111 28.44 4.25 -52.34
N GLU J 112 28.23 5.43 -52.94
CA GLU J 112 27.97 6.66 -52.17
C GLU J 112 26.83 6.47 -51.13
N ALA J 113 25.76 5.79 -51.54
CA ALA J 113 24.63 5.47 -50.66
C ALA J 113 25.09 4.62 -49.46
N LEU J 114 26.06 3.76 -49.71
CA LEU J 114 26.66 2.93 -48.68
C LEU J 114 27.54 3.84 -47.82
N LEU J 115 26.91 4.50 -46.85
CA LEU J 115 27.57 5.53 -46.04
C LEU J 115 28.75 4.96 -45.25
N GLY K 1 9.23 -13.35 -66.55
CA GLY K 1 9.21 -11.93 -66.06
C GLY K 1 10.15 -11.74 -64.88
N SER K 2 10.89 -10.64 -64.87
CA SER K 2 11.89 -10.36 -63.83
C SER K 2 11.24 -9.80 -62.54
N MET K 3 11.59 -10.39 -61.39
CA MET K 3 11.04 -10.00 -60.10
C MET K 3 12.15 -9.58 -59.13
N LYS K 4 11.86 -8.58 -58.31
CA LYS K 4 12.84 -8.03 -57.38
C LYS K 4 12.24 -7.89 -56.00
N LYS K 5 13.05 -8.12 -54.98
CA LYS K 5 12.71 -7.76 -53.61
C LYS K 5 13.31 -6.41 -53.25
N VAL K 6 12.43 -5.50 -52.87
CA VAL K 6 12.82 -4.21 -52.34
C VAL K 6 12.78 -4.34 -50.81
N GLU K 7 13.93 -4.15 -50.18
CA GLU K 7 14.01 -4.16 -48.74
C GLU K 7 14.36 -2.76 -48.27
N ALA K 8 13.54 -2.17 -47.40
CA ALA K 8 13.81 -0.87 -46.81
C ALA K 8 13.93 -1.01 -45.30
N ILE K 9 14.99 -0.46 -44.75
CA ILE K 9 15.16 -0.38 -43.30
C ILE K 9 14.93 1.07 -42.92
N ILE K 10 13.87 1.35 -42.16
CA ILE K 10 13.42 2.70 -41.89
C ILE K 10 13.14 2.88 -40.39
N ARG K 11 12.81 4.12 -40.03
CA ARG K 11 12.47 4.47 -38.67
C ARG K 11 11.15 3.85 -38.31
N PRO K 12 11.04 3.28 -37.11
CA PRO K 12 9.73 2.65 -36.76
C PRO K 12 8.51 3.58 -36.84
N GLU K 13 8.69 4.85 -36.53
CA GLU K 13 7.58 5.84 -36.55
C GLU K 13 7.15 6.19 -37.96
N LYS K 14 7.90 5.74 -38.96
CA LYS K 14 7.56 5.98 -40.36
C LYS K 14 6.81 4.83 -41.03
N LEU K 15 6.65 3.73 -40.32
CA LEU K 15 6.01 2.54 -40.88
C LEU K 15 4.60 2.82 -41.36
N GLU K 16 3.78 3.46 -40.54
CA GLU K 16 2.38 3.69 -40.87
C GLU K 16 2.21 4.52 -42.13
N ILE K 17 2.93 5.63 -42.23
CA ILE K 17 2.86 6.50 -43.40
C ILE K 17 3.38 5.80 -44.66
N VAL K 18 4.53 5.14 -44.56
CA VAL K 18 5.10 4.44 -45.71
C VAL K 18 4.16 3.36 -46.21
N LYS K 19 3.60 2.59 -45.29
CA LYS K 19 2.65 1.52 -45.63
C LYS K 19 1.44 2.03 -46.36
N LYS K 20 0.93 3.16 -45.87
CA LYS K 20 -0.26 3.78 -46.42
C LYS K 20 -0.01 4.29 -47.84
N ALA K 21 1.08 5.03 -48.01
CA ALA K 21 1.52 5.52 -49.31
C ALA K 21 1.72 4.37 -50.30
N LEU K 22 2.37 3.29 -49.85
CA LEU K 22 2.57 2.12 -50.72
C LEU K 22 1.22 1.53 -51.14
N SER K 23 0.33 1.37 -50.17
CA SER K 23 -1.00 0.85 -50.43
C SER K 23 -1.80 1.71 -51.43
N ASP K 24 -1.74 3.02 -51.22
CA ASP K 24 -2.44 3.98 -52.08
C ASP K 24 -1.92 3.94 -53.53
N ALA K 25 -0.68 3.50 -53.70
CA ALA K 25 -0.11 3.33 -55.03
C ALA K 25 -0.28 1.92 -55.60
N GLY K 26 -0.99 1.04 -54.89
CA GLY K 26 -1.30 -0.30 -55.39
C GLY K 26 -0.41 -1.42 -54.90
N TYR K 27 0.54 -1.10 -54.00
CA TYR K 27 1.46 -2.09 -53.46
C TYR K 27 1.00 -2.50 -52.06
N VAL K 28 0.19 -3.54 -52.01
CA VAL K 28 -0.45 -3.98 -50.77
C VAL K 28 0.29 -5.15 -50.11
N GLY K 29 0.93 -6.00 -50.89
CA GLY K 29 1.65 -7.12 -50.33
C GLY K 29 2.99 -6.65 -49.82
N MET K 30 3.19 -6.74 -48.52
CA MET K 30 4.47 -6.47 -47.91
C MET K 30 4.64 -7.32 -46.66
N THR K 31 5.90 -7.52 -46.29
CA THR K 31 6.24 -8.23 -45.06
C THR K 31 7.07 -7.27 -44.21
N VAL K 32 6.74 -7.19 -42.93
CA VAL K 32 7.36 -6.26 -42.01
C VAL K 32 7.97 -7.01 -40.82
N SER K 33 9.20 -6.65 -40.48
CA SER K 33 9.88 -7.25 -39.35
C SER K 33 10.62 -6.20 -38.54
N GLU K 34 10.70 -6.47 -37.23
CA GLU K 34 11.40 -5.61 -36.30
C GLU K 34 12.86 -6.02 -36.28
N VAL K 35 13.73 -5.04 -36.49
CA VAL K 35 15.16 -5.27 -36.47
C VAL K 35 15.83 -4.18 -35.62
N LYS K 36 17.16 -4.26 -35.50
CA LYS K 36 17.99 -3.18 -34.94
C LYS K 36 19.09 -2.83 -35.99
N GLY K 37 19.56 -1.62 -36.21
CA GLY K 37 19.91 -0.63 -35.23
C GLY K 37 21.01 0.15 -35.92
N ARG K 38 21.24 1.38 -35.51
CA ARG K 38 21.90 2.36 -36.39
C ARG K 38 23.38 2.10 -36.63
N GLY K 39 23.92 2.86 -37.58
CA GLY K 39 25.28 2.69 -38.11
C GLY K 39 25.25 2.75 -39.63
N VAL K 40 26.28 3.32 -40.24
CA VAL K 40 26.37 3.41 -41.70
C VAL K 40 27.83 3.54 -42.17
N VAL K 55 27.71 4.48 -30.97
CA VAL K 55 26.38 4.58 -31.57
C VAL K 55 25.44 3.49 -31.04
N ASP K 56 25.79 2.25 -31.33
CA ASP K 56 25.02 1.04 -30.98
C ASP K 56 23.60 0.98 -31.57
N LEU K 57 22.98 -0.19 -31.40
CA LEU K 57 21.82 -0.59 -32.17
C LEU K 57 20.53 -0.10 -31.53
N ILE K 58 19.70 0.54 -32.34
CA ILE K 58 18.40 1.03 -31.94
C ILE K 58 17.36 0.36 -32.84
N PRO K 59 16.10 0.35 -32.40
CA PRO K 59 15.05 -0.29 -33.18
C PRO K 59 14.80 0.35 -34.54
N LYS K 60 14.60 -0.52 -35.53
CA LYS K 60 14.24 -0.13 -36.88
C LYS K 60 13.19 -1.10 -37.38
N VAL K 61 12.58 -0.76 -38.50
CA VAL K 61 11.64 -1.63 -39.15
C VAL K 61 12.16 -1.99 -40.53
N LYS K 62 12.08 -3.26 -40.87
CA LYS K 62 12.42 -3.75 -42.21
C LYS K 62 11.15 -4.06 -42.99
N ILE K 63 10.96 -3.36 -44.10
CA ILE K 63 9.85 -3.63 -45.00
C ILE K 63 10.41 -4.37 -46.19
N GLU K 64 9.76 -5.46 -46.57
CA GLU K 64 10.12 -6.26 -47.73
C GLU K 64 8.93 -6.32 -48.70
N LEU K 65 9.15 -5.92 -49.94
CA LEU K 65 8.15 -6.07 -51.00
C LEU K 65 8.74 -6.70 -52.23
N VAL K 66 8.10 -7.75 -52.71
CA VAL K 66 8.50 -8.36 -53.97
C VAL K 66 7.61 -7.83 -55.06
N VAL K 67 8.20 -7.23 -56.07
CA VAL K 67 7.47 -6.57 -57.16
C VAL K 67 8.10 -6.90 -58.51
N LYS K 68 7.35 -6.65 -59.58
CA LYS K 68 7.89 -6.68 -60.94
C LYS K 68 9.02 -5.69 -61.02
N GLU K 69 10.06 -6.01 -61.78
CA GLU K 69 11.21 -5.11 -61.94
C GLU K 69 10.80 -3.71 -62.39
N GLU K 70 9.77 -3.62 -63.24
CA GLU K 70 9.30 -2.31 -63.77
C GLU K 70 8.74 -1.40 -62.68
N ASP K 71 8.35 -1.97 -61.54
CA ASP K 71 7.78 -1.17 -60.45
C ASP K 71 8.79 -0.69 -59.41
N VAL K 72 10.04 -1.14 -59.52
CA VAL K 72 11.05 -0.92 -58.49
C VAL K 72 11.35 0.58 -58.27
N ASP K 73 11.53 1.33 -59.36
CA ASP K 73 11.80 2.76 -59.24
C ASP K 73 10.67 3.47 -58.49
N ASN K 74 9.43 3.15 -58.83
CA ASN K 74 8.25 3.78 -58.21
C ASN K 74 8.16 3.45 -56.72
N VAL K 75 8.38 2.17 -56.38
CA VAL K 75 8.37 1.74 -54.97
C VAL K 75 9.43 2.51 -54.17
N ILE K 76 10.66 2.56 -54.71
CA ILE K 76 11.76 3.27 -54.09
C ILE K 76 11.43 4.75 -53.87
N ASP K 77 10.85 5.42 -54.89
CA ASP K 77 10.48 6.84 -54.77
C ASP K 77 9.44 7.06 -53.66
N ILE K 78 8.39 6.25 -53.65
CA ILE K 78 7.38 6.31 -52.61
C ILE K 78 7.97 6.12 -51.20
N ILE K 79 8.85 5.13 -51.04
CA ILE K 79 9.45 4.90 -49.74
C ILE K 79 10.29 6.08 -49.32
N CYS K 80 11.17 6.54 -50.19
CA CYS K 80 12.07 7.65 -49.84
C CYS K 80 11.28 8.91 -49.48
N GLU K 81 10.27 9.24 -50.27
CA GLU K 81 9.45 10.44 -50.04
C GLU K 81 8.77 10.41 -48.68
N ASN K 82 8.25 9.25 -48.31
CA ASN K 82 7.48 9.09 -47.08
C ASN K 82 8.28 8.70 -45.83
N ALA K 83 9.47 8.12 -46.00
CA ALA K 83 10.33 7.68 -44.89
C ALA K 83 11.35 8.74 -44.46
N ARG K 84 11.65 9.68 -45.35
CA ARG K 84 12.68 10.65 -45.08
C ARG K 84 12.23 11.71 -44.04
N THR K 85 13.19 12.18 -43.24
CA THR K 85 13.01 13.27 -42.28
C THR K 85 14.06 14.38 -42.48
N GLY K 86 15.15 14.09 -43.17
CA GLY K 86 16.24 15.05 -43.33
C GLY K 86 17.33 14.90 -42.29
N ASN K 87 17.18 13.97 -41.35
CA ASN K 87 18.21 13.71 -40.34
C ASN K 87 18.90 12.38 -40.60
N PRO K 88 20.16 12.22 -40.10
CA PRO K 88 20.86 10.94 -40.21
C PRO K 88 20.02 9.85 -39.55
N GLY K 89 20.01 8.67 -40.14
CA GLY K 89 19.24 7.55 -39.61
C GLY K 89 17.93 7.29 -40.33
N ASP K 90 17.71 7.94 -41.47
CA ASP K 90 16.47 7.74 -42.26
C ASP K 90 16.40 6.34 -42.88
N GLY K 91 17.54 5.74 -43.12
CA GLY K 91 17.62 4.34 -43.52
C GLY K 91 18.08 4.16 -44.93
N LYS K 92 17.96 2.91 -45.41
CA LYS K 92 18.52 2.46 -46.65
C LYS K 92 17.56 1.47 -47.33
N ILE K 93 17.63 1.41 -48.66
CA ILE K 93 16.86 0.48 -49.46
C ILE K 93 17.84 -0.38 -50.25
N PHE K 94 17.57 -1.69 -50.28
CA PHE K 94 18.32 -2.66 -51.06
C PHE K 94 17.39 -3.33 -52.06
N VAL K 95 17.89 -3.59 -53.25
CA VAL K 95 17.15 -4.35 -54.25
C VAL K 95 17.88 -5.67 -54.46
N ILE K 96 17.14 -6.76 -54.29
CA ILE K 96 17.67 -8.11 -54.35
C ILE K 96 16.91 -8.93 -55.41
N PRO K 97 17.62 -9.65 -56.28
CA PRO K 97 16.92 -10.47 -57.26
C PRO K 97 16.09 -11.58 -56.64
N VAL K 98 14.90 -11.79 -57.19
CA VAL K 98 14.08 -12.95 -56.86
C VAL K 98 13.88 -13.78 -58.11
N GLU K 99 14.33 -15.01 -58.07
CA GLU K 99 14.33 -15.88 -59.25
C GLU K 99 12.98 -16.59 -59.43
N ARG K 100 12.23 -16.74 -58.35
CA ARG K 100 10.93 -17.42 -58.42
C ARG K 100 10.00 -16.95 -57.33
N VAL K 101 8.71 -16.83 -57.67
CA VAL K 101 7.67 -16.52 -56.70
C VAL K 101 6.58 -17.54 -56.84
N VAL K 102 6.13 -18.12 -55.72
CA VAL K 102 5.06 -19.12 -55.71
C VAL K 102 4.00 -18.76 -54.68
N ARG K 103 2.74 -18.82 -55.08
CA ARG K 103 1.60 -18.66 -54.16
C ARG K 103 1.28 -20.00 -53.54
N VAL K 104 1.34 -20.05 -52.22
CA VAL K 104 1.21 -21.30 -51.48
C VAL K 104 -0.11 -22.02 -51.80
N ARG K 105 -1.22 -21.30 -51.80
CA ARG K 105 -2.51 -21.99 -51.91
C ARG K 105 -2.85 -22.52 -53.31
N THR K 106 -2.29 -21.89 -54.35
CA THR K 106 -2.58 -22.32 -55.70
C THR K 106 -1.39 -22.92 -56.43
N LYS K 107 -0.18 -22.67 -55.90
CA LYS K 107 1.06 -22.99 -56.62
C LYS K 107 1.20 -22.26 -57.97
N GLU K 108 0.41 -21.22 -58.21
CA GLU K 108 0.72 -20.34 -59.31
C GLU K 108 2.11 -19.76 -59.07
N GLU K 109 2.81 -19.45 -60.17
CA GLU K 109 4.15 -18.85 -60.14
C GLU K 109 4.15 -17.46 -60.77
N GLY K 110 5.28 -16.77 -60.67
CA GLY K 110 5.45 -15.49 -61.37
C GLY K 110 4.46 -14.42 -60.96
N LYS K 111 4.13 -13.53 -61.89
CA LYS K 111 3.23 -12.40 -61.61
C LYS K 111 1.85 -12.84 -61.17
N GLU K 112 1.41 -13.99 -61.67
CA GLU K 112 0.10 -14.52 -61.29
C GLU K 112 0.04 -14.83 -59.79
N ALA K 113 1.18 -15.24 -59.24
CA ALA K 113 1.31 -15.49 -57.80
C ALA K 113 1.23 -14.20 -56.96
N LEU K 114 1.60 -13.08 -57.56
CA LEU K 114 1.51 -11.77 -56.91
C LEU K 114 0.25 -11.01 -57.30
N LEU K 115 -0.45 -11.43 -58.34
CA LEU K 115 -1.77 -10.88 -58.65
C LEU K 115 -2.70 -11.23 -57.48
N GLU K 116 -2.56 -10.44 -56.42
CA GLU K 116 -3.17 -10.71 -55.12
C GLU K 116 -4.27 -9.70 -54.87
N GLY L 1 26.71 -27.74 -57.51
CA GLY L 1 25.79 -26.77 -58.15
C GLY L 1 25.52 -25.57 -57.25
N SER L 2 24.58 -24.73 -57.71
CA SER L 2 24.22 -23.50 -57.04
C SER L 2 23.37 -23.78 -55.82
N MET L 3 23.42 -22.84 -54.90
CA MET L 3 22.63 -22.83 -53.69
C MET L 3 21.52 -21.76 -53.85
N LYS L 4 20.36 -22.05 -53.32
CA LYS L 4 19.24 -21.15 -53.37
C LYS L 4 18.64 -21.01 -51.98
N LYS L 5 18.18 -19.79 -51.66
CA LYS L 5 17.40 -19.57 -50.46
C LYS L 5 15.91 -19.65 -50.79
N VAL L 6 15.23 -20.56 -50.11
CA VAL L 6 13.78 -20.66 -50.17
C VAL L 6 13.22 -19.93 -48.94
N GLU L 7 12.50 -18.83 -49.19
CA GLU L 7 11.83 -18.09 -48.14
C GLU L 7 10.33 -18.27 -48.25
N ALA L 8 9.70 -18.70 -47.18
CA ALA L 8 8.27 -18.91 -47.18
C ALA L 8 7.68 -18.05 -46.08
N ILE L 9 6.65 -17.26 -46.41
CA ILE L 9 5.87 -16.50 -45.42
C ILE L 9 4.55 -17.26 -45.25
N ILE L 10 4.35 -17.85 -44.08
CA ILE L 10 3.20 -18.72 -43.84
C ILE L 10 2.44 -18.30 -42.58
N ARG L 11 1.28 -18.94 -42.38
CA ARG L 11 0.47 -18.73 -41.17
C ARG L 11 1.23 -19.28 -39.95
N PRO L 12 1.21 -18.56 -38.83
CA PRO L 12 1.93 -19.04 -37.66
C PRO L 12 1.53 -20.42 -37.17
N GLU L 13 0.25 -20.75 -37.32
CA GLU L 13 -0.27 -22.05 -36.88
C GLU L 13 0.14 -23.21 -37.80
N LYS L 14 0.76 -22.89 -38.94
CA LYS L 14 1.25 -23.91 -39.85
C LYS L 14 2.75 -24.23 -39.67
N LEU L 15 3.43 -23.50 -38.79
CA LEU L 15 4.88 -23.67 -38.62
C LEU L 15 5.27 -25.08 -38.20
N GLU L 16 4.58 -25.62 -37.20
CA GLU L 16 4.93 -26.93 -36.67
C GLU L 16 4.81 -28.03 -37.72
N ILE L 17 3.71 -28.05 -38.46
CA ILE L 17 3.48 -29.07 -39.46
C ILE L 17 4.43 -28.95 -40.67
N VAL L 18 4.66 -27.72 -41.13
CA VAL L 18 5.62 -27.48 -42.20
C VAL L 18 7.04 -27.90 -41.81
N LYS L 19 7.46 -27.50 -40.62
CA LYS L 19 8.77 -27.83 -40.06
C LYS L 19 9.01 -29.34 -39.94
N LYS L 20 7.98 -30.04 -39.48
CA LYS L 20 8.04 -31.50 -39.37
C LYS L 20 8.12 -32.17 -40.75
N ALA L 21 7.25 -31.78 -41.66
CA ALA L 21 7.28 -32.31 -43.01
C ALA L 21 8.64 -32.06 -43.68
N LEU L 22 9.20 -30.87 -43.49
CA LEU L 22 10.52 -30.55 -44.03
C LEU L 22 11.57 -31.46 -43.45
N SER L 23 11.54 -31.60 -42.12
CA SER L 23 12.49 -32.45 -41.39
C SER L 23 12.41 -33.90 -41.81
N ASP L 24 11.20 -34.41 -41.97
CA ASP L 24 11.00 -35.78 -42.41
C ASP L 24 11.55 -36.03 -43.82
N ALA L 25 11.59 -35.00 -44.66
CA ALA L 25 12.17 -35.12 -46.00
C ALA L 25 13.68 -34.87 -46.03
N GLY L 26 14.27 -34.61 -44.86
CA GLY L 26 15.71 -34.40 -44.73
C GLY L 26 16.19 -32.97 -44.69
N TYR L 27 15.26 -32.00 -44.70
CA TYR L 27 15.64 -30.58 -44.61
C TYR L 27 15.51 -30.07 -43.19
N VAL L 28 16.60 -30.20 -42.44
CA VAL L 28 16.61 -29.90 -41.01
C VAL L 28 17.13 -28.48 -40.71
N GLY L 29 18.00 -27.94 -41.55
CA GLY L 29 18.54 -26.61 -41.35
C GLY L 29 17.56 -25.57 -41.87
N MET L 30 16.94 -24.84 -40.95
CA MET L 30 16.06 -23.73 -41.31
C MET L 30 16.18 -22.64 -40.27
N THR L 31 15.90 -21.42 -40.70
CA THR L 31 15.85 -20.26 -39.83
C THR L 31 14.42 -19.70 -39.84
N VAL L 32 13.90 -19.42 -38.66
CA VAL L 32 12.52 -19.01 -38.49
C VAL L 32 12.44 -17.66 -37.82
N SER L 33 11.67 -16.74 -38.39
CA SER L 33 11.49 -15.42 -37.83
C SER L 33 9.99 -15.07 -37.75
N GLU L 34 9.64 -14.26 -36.75
CA GLU L 34 8.29 -13.75 -36.58
C GLU L 34 8.17 -12.40 -37.24
N VAL L 35 7.29 -12.30 -38.25
CA VAL L 35 7.09 -11.11 -39.07
C VAL L 35 5.60 -10.73 -39.07
N LYS L 36 5.28 -9.63 -39.73
CA LYS L 36 3.89 -9.27 -39.95
C LYS L 36 3.71 -9.04 -41.42
N GLY L 37 2.56 -9.39 -41.92
CA GLY L 37 2.30 -9.25 -43.33
C GLY L 37 0.95 -8.64 -43.57
N ARG L 38 0.86 -7.99 -44.72
CA ARG L 38 -0.38 -7.56 -45.32
C ARG L 38 -0.46 -8.29 -46.64
N GLY L 39 -1.64 -8.77 -46.95
CA GLY L 39 -1.89 -9.32 -48.27
C GLY L 39 -3.15 -8.69 -48.81
N VAL L 40 -3.85 -9.45 -49.64
CA VAL L 40 -5.23 -9.15 -49.98
C VAL L 40 -6.18 -10.00 -49.10
N GLN L 41 -5.61 -10.88 -48.28
CA GLN L 41 -6.30 -11.49 -47.13
C GLN L 41 -7.11 -10.44 -46.33
N GLY L 42 -6.56 -9.24 -46.16
CA GLY L 42 -7.26 -8.17 -45.45
C GLY L 42 -7.09 -8.31 -43.94
N GLY L 43 -7.59 -7.34 -43.16
CA GLY L 43 -8.53 -6.30 -43.61
C GLY L 43 -9.75 -6.40 -42.72
N ILE L 44 -10.26 -5.25 -42.27
CA ILE L 44 -11.27 -5.13 -41.20
C ILE L 44 -10.68 -5.53 -39.84
N VAL L 45 -10.55 -4.61 -38.87
CA VAL L 45 -10.99 -3.19 -38.95
C VAL L 45 -12.47 -3.02 -38.57
N GLU L 46 -12.76 -3.27 -37.29
CA GLU L 46 -14.13 -3.24 -36.75
C GLU L 46 -14.39 -1.97 -35.93
N ARG L 47 -14.48 -0.84 -36.63
CA ARG L 47 -14.75 0.49 -36.05
C ARG L 47 -15.77 0.52 -34.89
N TYR L 48 -15.42 1.22 -33.81
CA TYR L 48 -16.13 1.08 -32.53
C TYR L 48 -17.32 2.05 -32.34
N ARG L 49 -17.05 3.35 -32.46
CA ARG L 49 -18.07 4.40 -32.27
C ARG L 49 -17.95 5.48 -33.37
N GLY L 50 -17.96 5.06 -34.63
CA GLY L 50 -17.86 5.98 -35.75
C GLY L 50 -16.50 6.66 -35.94
N ARG L 51 -15.41 5.96 -35.64
CA ARG L 51 -14.06 6.53 -35.79
C ARG L 51 -13.16 5.85 -36.84
N GLU L 52 -13.48 4.59 -37.18
CA GLU L 52 -12.72 3.80 -38.16
C GLU L 52 -11.31 3.41 -37.68
N TYR L 53 -11.14 2.11 -37.46
CA TYR L 53 -9.85 1.52 -37.09
C TYR L 53 -9.57 0.35 -38.00
N ILE L 54 -8.30 0.02 -38.10
CA ILE L 54 -7.75 -0.56 -39.30
C ILE L 54 -6.42 -1.22 -39.03
N VAL L 55 -6.46 -2.49 -38.67
CA VAL L 55 -5.24 -3.29 -38.54
C VAL L 55 -5.03 -4.01 -39.87
N ASP L 56 -3.96 -3.66 -40.56
CA ASP L 56 -3.68 -4.32 -41.83
C ASP L 56 -2.45 -5.21 -41.81
N LEU L 57 -1.71 -5.23 -40.69
CA LEU L 57 -0.55 -6.12 -40.54
C LEU L 57 -0.90 -7.30 -39.63
N ILE L 58 -0.84 -8.50 -40.20
CA ILE L 58 -1.19 -9.77 -39.55
C ILE L 58 0.09 -10.59 -39.20
N PRO L 59 0.20 -11.10 -37.94
CA PRO L 59 1.33 -11.98 -37.58
C PRO L 59 1.50 -13.12 -38.60
N LYS L 60 2.73 -13.30 -39.08
CA LYS L 60 3.08 -14.44 -39.95
C LYS L 60 4.45 -14.97 -39.48
N VAL L 61 4.83 -16.10 -40.03
CA VAL L 61 6.15 -16.67 -39.77
C VAL L 61 6.91 -16.74 -41.11
N LYS L 62 8.15 -16.30 -41.08
CA LYS L 62 9.05 -16.43 -42.20
C LYS L 62 9.97 -17.63 -41.96
N ILE L 63 9.95 -18.59 -42.89
CA ILE L 63 10.91 -19.70 -42.88
C ILE L 63 11.92 -19.44 -43.99
N GLU L 64 13.21 -19.61 -43.67
CA GLU L 64 14.33 -19.48 -44.64
C GLU L 64 15.13 -20.77 -44.63
N LEU L 65 15.28 -21.38 -45.80
CA LEU L 65 16.00 -22.61 -45.95
C LEU L 65 16.94 -22.49 -47.16
N VAL L 66 18.25 -22.62 -46.94
CA VAL L 66 19.21 -22.60 -48.05
C VAL L 66 19.50 -24.04 -48.44
N VAL L 67 19.25 -24.35 -49.70
CA VAL L 67 19.37 -25.71 -50.23
C VAL L 67 20.09 -25.71 -51.58
N LYS L 68 20.50 -26.91 -52.01
CA LYS L 68 20.99 -27.12 -53.37
C LYS L 68 19.88 -26.77 -54.35
N GLU L 69 20.23 -26.21 -55.49
CA GLU L 69 19.23 -25.86 -56.50
C GLU L 69 18.33 -27.06 -56.84
N GLU L 70 18.90 -28.25 -56.94
CA GLU L 70 18.13 -29.46 -57.29
C GLU L 70 16.98 -29.79 -56.33
N ASP L 71 17.09 -29.32 -55.10
CA ASP L 71 16.10 -29.60 -54.07
C ASP L 71 14.97 -28.58 -53.96
N VAL L 72 15.08 -27.46 -54.69
CA VAL L 72 14.13 -26.35 -54.56
C VAL L 72 12.69 -26.81 -54.85
N ASP L 73 12.47 -27.51 -55.96
CA ASP L 73 11.10 -27.92 -56.32
C ASP L 73 10.47 -28.78 -55.24
N ASN L 74 11.23 -29.71 -54.69
CA ASN L 74 10.75 -30.57 -53.59
C ASN L 74 10.42 -29.76 -52.31
N VAL L 75 11.29 -28.82 -51.94
CA VAL L 75 11.03 -27.97 -50.77
C VAL L 75 9.75 -27.16 -50.96
N ILE L 76 9.60 -26.58 -52.15
CA ILE L 76 8.40 -25.81 -52.47
C ILE L 76 7.14 -26.67 -52.36
N ASP L 77 7.20 -27.88 -52.91
CA ASP L 77 6.05 -28.80 -52.89
C ASP L 77 5.63 -29.13 -51.45
N ILE L 78 6.60 -29.48 -50.62
CA ILE L 78 6.40 -29.78 -49.22
C ILE L 78 5.76 -28.59 -48.48
N ILE L 79 6.32 -27.40 -48.68
CA ILE L 79 5.80 -26.22 -47.97
C ILE L 79 4.37 -25.95 -48.41
N CYS L 80 4.11 -25.97 -49.71
CA CYS L 80 2.77 -25.71 -50.23
C CYS L 80 1.74 -26.69 -49.71
N GLU L 81 2.08 -27.97 -49.78
CA GLU L 81 1.17 -29.04 -49.35
C GLU L 81 0.76 -28.89 -47.88
N ASN L 82 1.75 -28.61 -47.02
CA ASN L 82 1.55 -28.53 -45.59
C ASN L 82 1.14 -27.16 -45.04
N ALA L 83 1.37 -26.08 -45.78
CA ALA L 83 1.03 -24.71 -45.33
C ALA L 83 -0.36 -24.23 -45.82
N ARG L 84 -0.85 -24.84 -46.88
CA ARG L 84 -2.09 -24.40 -47.49
C ARG L 84 -3.33 -24.75 -46.64
N THR L 85 -4.33 -23.89 -46.73
CA THR L 85 -5.64 -24.08 -46.11
C THR L 85 -6.79 -23.91 -47.13
N GLY L 86 -6.47 -23.32 -48.28
CA GLY L 86 -7.46 -22.97 -49.29
C GLY L 86 -8.10 -21.60 -49.12
N ASN L 87 -7.71 -20.88 -48.07
CA ASN L 87 -8.19 -19.51 -47.85
C ASN L 87 -7.14 -18.48 -48.23
N PRO L 88 -7.58 -17.27 -48.63
CA PRO L 88 -6.61 -16.19 -48.82
C PRO L 88 -5.76 -15.93 -47.57
N GLY L 89 -4.48 -15.69 -47.80
CA GLY L 89 -3.50 -15.47 -46.73
C GLY L 89 -2.63 -16.67 -46.40
N ASP L 90 -2.64 -17.69 -47.24
CA ASP L 90 -1.82 -18.88 -47.04
C ASP L 90 -0.32 -18.58 -47.17
N GLY L 91 0.00 -17.58 -47.97
CA GLY L 91 1.38 -17.12 -48.07
C GLY L 91 2.04 -17.22 -49.43
N LYS L 92 3.31 -16.86 -49.41
CA LYS L 92 4.12 -16.84 -50.62
C LYS L 92 5.49 -17.43 -50.37
N ILE L 93 6.09 -17.95 -51.41
CA ILE L 93 7.43 -18.49 -51.39
C ILE L 93 8.28 -17.74 -52.40
N PHE L 94 9.44 -17.26 -51.95
CA PHE L 94 10.42 -16.58 -52.81
C PHE L 94 11.68 -17.40 -52.86
N VAL L 95 12.24 -17.55 -54.07
CA VAL L 95 13.54 -18.20 -54.25
C VAL L 95 14.57 -17.13 -54.61
N ILE L 96 15.61 -17.04 -53.78
CA ILE L 96 16.63 -16.02 -53.88
C ILE L 96 18.01 -16.69 -54.09
N PRO L 97 18.79 -16.22 -55.04
CA PRO L 97 20.12 -16.80 -55.26
C PRO L 97 21.08 -16.57 -54.07
N VAL L 98 21.81 -17.61 -53.71
CA VAL L 98 22.89 -17.56 -52.72
C VAL L 98 24.21 -17.88 -53.44
N GLU L 99 25.14 -16.94 -53.42
CA GLU L 99 26.39 -17.08 -54.15
C GLU L 99 27.43 -17.84 -53.33
N ARG L 100 27.28 -17.88 -52.01
CA ARG L 100 28.24 -18.52 -51.11
C ARG L 100 27.58 -18.92 -49.80
N VAL L 101 28.01 -20.07 -49.29
CA VAL L 101 27.61 -20.59 -47.98
C VAL L 101 28.88 -20.97 -47.24
N VAL L 102 29.02 -20.50 -46.00
CA VAL L 102 30.18 -20.82 -45.17
C VAL L 102 29.72 -21.28 -43.79
N ARG L 103 30.24 -22.44 -43.38
CA ARG L 103 30.11 -22.93 -42.02
C ARG L 103 31.07 -22.14 -41.14
N VAL L 104 30.55 -21.36 -40.20
CA VAL L 104 31.36 -20.54 -39.29
C VAL L 104 32.44 -21.35 -38.55
N ARG L 105 32.11 -22.55 -38.11
CA ARG L 105 33.02 -23.39 -37.33
C ARG L 105 34.32 -23.71 -38.11
N THR L 106 34.17 -24.12 -39.37
CA THR L 106 35.29 -24.66 -40.14
C THR L 106 35.71 -23.84 -41.36
N LYS L 107 34.89 -22.87 -41.75
CA LYS L 107 35.06 -22.07 -42.98
C LYS L 107 34.97 -22.89 -44.28
N GLU L 108 34.43 -24.09 -44.23
CA GLU L 108 34.17 -24.80 -45.46
C GLU L 108 32.97 -24.19 -46.19
N GLU L 109 32.95 -24.34 -47.52
CA GLU L 109 31.97 -23.65 -48.34
C GLU L 109 31.11 -24.62 -49.13
N GLY L 110 30.09 -24.09 -49.80
CA GLY L 110 29.29 -24.88 -50.70
C GLY L 110 28.46 -25.92 -49.98
N LYS L 111 28.17 -27.03 -50.67
CA LYS L 111 27.28 -28.05 -50.13
C LYS L 111 27.85 -28.72 -48.89
N GLU L 112 29.18 -28.78 -48.79
CA GLU L 112 29.85 -29.26 -47.58
C GLU L 112 29.43 -28.44 -46.34
N ALA L 113 29.22 -27.14 -46.52
CA ALA L 113 28.80 -26.25 -45.44
C ALA L 113 27.43 -26.58 -44.87
N LEU L 114 26.59 -27.23 -45.65
CA LEU L 114 25.20 -27.48 -45.24
C LEU L 114 24.91 -28.93 -44.85
N LEU L 115 25.95 -29.76 -44.81
CA LEU L 115 25.81 -31.14 -44.36
C LEU L 115 25.78 -31.16 -42.83
#